data_5WHS
#
_entry.id   5WHS
#
_cell.length_a   71.810
_cell.length_b   142.350
_cell.length_c   183.110
_cell.angle_alpha   90.00
_cell.angle_beta   90.00
_cell.angle_gamma   90.00
#
_symmetry.space_group_name_H-M   'P 21 21 21'
#
loop_
_entity.id
_entity.type
_entity.pdbx_description
1 polymer Catalase-peroxidase
2 non-polymer 'PROTOPORPHYRIN IX CONTAINING FE'
3 water water
#
_entity_poly.entity_id   1
_entity_poly.type   'polypeptide(L)'
_entity_poly.pdbx_seq_one_letter_code
;MRGSHHHHHHGSACELSECPVRKSNVGGGGTRNHDWWPAQLRLNILRQHTPVSNPLDKDFDYAAAFKSLDYEGLKKDLTK
LMTDSQDWWPADFGHYGGLFIRMA(TOX)HSAGTYRVTDGRGGGGEGQQRFAPLNSWPDNVSLDKARRLLWPIKQKYGNK
ISWSDLLLLTGNVALESMGFKTFGFAGGRPDTWEADESVYWGAETTWLGNEDRYSEGQEGHEGHGVVQGDESKKQHTDIH
NRDLQSPLASSHMGLIYVNPEGPDGIPDPVASAKDIRVTFGRMAMNDEETVALIAGGHSFGKTHGAGPTHHVGKEPEAAP
IEHQGLGWANSFGQGKGPDTITSGLEVTWTPTPTKWGMGYLEYLYKFDWEPTKSPAGANQWVAKNAEPTIPDAYDPNKKK
LPTMLTTDIALRMDPAYDKICRDYLANPDKFADAFARAWFKLLHRDMGPRTRWIGPEVPSEILPWEDYIPPVDYQIIDDN
DIAALKKEILATGVAPKKLIFVAWSSASSFRGSDKRGGANGARIRLAPQNEWKVNDPSTLREVLAALESVQQKFNDSSSG
KKVSLADLIVLGGVAALEQASGLVVPFTPGRNDATQEHTDVHSFTHLEPHADGFRSYGKGTKRVRTEQFLIDRASLLTLS
APELTALIGGLRVLEANYDGSSYGVLTKTPGKLTNDYFVNLLDTNTAWKAADNEGEVFIGYDRKTHDKKWTATRADLIFG
AHAELRALAEVYAAVDGEEKFKRDFVAAWHKVMNLDRFDLKQEGRGQNAPKL
;
_entity_poly.pdbx_strand_id   A,B
#
loop_
_chem_comp.id
_chem_comp.type
_chem_comp.name
_chem_comp.formula
HEM non-polymer 'PROTOPORPHYRIN IX CONTAINING FE' 'C34 H32 Fe N4 O4'
#
# COMPACT_ATOMS: atom_id res chain seq x y z
N ARG A 22 -3.73 -11.08 10.12
CA ARG A 22 -3.36 -11.30 11.51
C ARG A 22 -1.99 -11.96 11.63
N LYS A 23 -1.26 -11.62 12.70
CA LYS A 23 0.06 -12.18 12.92
C LYS A 23 0.04 -13.71 12.79
N SER A 24 -0.18 -14.15 11.53
CA SER A 24 -0.21 -15.55 11.11
C SER A 24 1.13 -15.90 10.47
N ASN A 25 1.65 -17.10 10.61
CA ASN A 25 2.95 -17.42 10.02
C ASN A 25 3.03 -17.60 8.52
N VAL A 26 2.52 -16.63 7.81
CA VAL A 26 2.49 -16.70 6.38
C VAL A 26 2.78 -15.33 5.84
N GLY A 27 2.83 -15.22 4.54
CA GLY A 27 3.04 -13.95 3.91
C GLY A 27 1.83 -13.14 4.25
N GLY A 28 2.04 -11.94 4.75
CA GLY A 28 0.94 -11.09 5.10
C GLY A 28 0.68 -11.08 6.58
N GLY A 29 1.31 -11.97 7.33
CA GLY A 29 1.11 -12.04 8.76
C GLY A 29 2.27 -11.55 9.57
N GLY A 30 2.06 -11.46 10.86
CA GLY A 30 3.08 -11.03 11.77
C GLY A 30 3.09 -9.58 12.13
N THR A 31 3.99 -9.22 13.05
CA THR A 31 4.19 -7.86 13.52
C THR A 31 4.69 -6.98 12.41
N ARG A 32 4.10 -5.80 12.29
CA ARG A 32 4.43 -4.87 11.26
C ARG A 32 5.19 -3.67 11.72
N ASN A 33 5.62 -2.84 10.80
CA ASN A 33 6.30 -1.62 11.15
C ASN A 33 5.38 -0.69 11.96
N HIS A 34 4.10 -0.68 11.63
CA HIS A 34 3.15 0.13 12.34
C HIS A 34 3.03 -0.28 13.79
N ASP A 35 3.29 -1.54 14.12
CA ASP A 35 3.30 -2.02 15.50
C ASP A 35 4.56 -1.55 16.24
N TRP A 36 5.70 -1.64 15.61
CA TRP A 36 6.94 -1.26 16.30
C TRP A 36 7.08 0.26 16.43
N TRP A 37 6.59 1.00 15.47
CA TRP A 37 6.79 2.45 15.42
C TRP A 37 5.48 3.16 15.10
N PRO A 38 4.57 3.25 16.08
CA PRO A 38 3.28 3.93 15.84
C PRO A 38 3.42 5.41 15.51
N ALA A 39 4.48 6.07 16.01
CA ALA A 39 4.65 7.48 15.75
C ALA A 39 5.25 7.74 14.37
N GLN A 40 5.82 6.72 13.74
CA GLN A 40 6.50 6.86 12.45
C GLN A 40 5.68 7.35 11.27
N LEU A 41 6.18 8.39 10.60
CA LEU A 41 5.53 8.90 9.42
C LEU A 41 5.45 7.84 8.33
N ARG A 42 4.31 7.69 7.69
CA ARG A 42 4.11 6.70 6.64
C ARG A 42 3.69 7.31 5.32
N LEU A 43 4.19 6.77 4.21
CA LEU A 43 3.95 7.30 2.88
C LEU A 43 2.93 6.50 2.09
N ASN A 44 2.09 5.74 2.72
CA ASN A 44 1.10 4.95 2.06
C ASN A 44 0.07 5.67 1.26
N ILE A 45 -0.35 6.80 1.73
CA ILE A 45 -1.36 7.54 1.00
C ILE A 45 -0.87 8.13 -0.33
N LEU A 46 0.40 8.04 -0.59
CA LEU A 46 0.90 8.51 -1.83
C LEU A 46 1.11 7.32 -2.78
N ARG A 47 0.68 6.12 -2.39
CA ARG A 47 0.82 4.92 -3.16
C ARG A 47 -0.51 4.26 -3.35
N GLN A 48 -1.57 5.00 -3.39
CA GLN A 48 -2.84 4.38 -3.52
C GLN A 48 -3.47 4.47 -4.88
N HIS A 49 -4.43 3.60 -5.12
CA HIS A 49 -5.18 3.59 -6.34
C HIS A 49 -4.36 3.50 -7.61
N THR A 50 -3.41 2.59 -7.59
CA THR A 50 -2.50 2.32 -8.69
C THR A 50 -3.20 1.44 -9.73
N PRO A 51 -2.69 1.45 -10.97
CA PRO A 51 -3.30 0.59 -11.98
C PRO A 51 -3.27 -0.88 -11.65
N VAL A 52 -2.28 -1.31 -10.92
CA VAL A 52 -2.12 -2.72 -10.62
C VAL A 52 -3.30 -3.34 -9.93
N SER A 53 -3.93 -2.58 -9.09
CA SER A 53 -5.06 -3.06 -8.41
C SER A 53 -6.36 -2.89 -9.21
N ASN A 54 -6.32 -2.20 -10.34
CA ASN A 54 -7.46 -1.91 -11.21
C ASN A 54 -7.58 -3.02 -12.27
N PRO A 55 -8.77 -3.61 -12.45
CA PRO A 55 -8.88 -4.69 -13.44
C PRO A 55 -9.10 -4.19 -14.86
N LEU A 56 -9.70 -3.00 -15.00
CA LEU A 56 -10.15 -2.52 -16.29
C LEU A 56 -9.00 -2.38 -17.28
N ASP A 57 -9.29 -2.51 -18.58
CA ASP A 57 -8.18 -2.43 -19.53
C ASP A 57 -7.58 -1.05 -19.49
N LYS A 58 -6.29 -0.98 -19.80
CA LYS A 58 -5.54 0.24 -19.55
C LYS A 58 -6.09 1.41 -20.36
N ASP A 59 -6.73 1.13 -21.49
CA ASP A 59 -7.31 2.18 -22.32
C ASP A 59 -8.59 2.75 -21.72
N PHE A 60 -9.28 2.00 -20.87
CA PHE A 60 -10.58 2.37 -20.36
C PHE A 60 -10.84 3.79 -19.97
N ASP A 61 -11.86 4.34 -20.57
CA ASP A 61 -12.26 5.68 -20.21
C ASP A 61 -13.72 5.63 -19.77
N TYR A 62 -14.02 5.98 -18.53
CA TYR A 62 -15.38 5.89 -18.03
C TYR A 62 -16.27 6.93 -18.62
N ALA A 63 -15.82 8.16 -18.61
CA ALA A 63 -16.63 9.22 -19.17
C ALA A 63 -17.18 8.83 -20.54
N ALA A 64 -16.34 8.26 -21.38
CA ALA A 64 -16.81 7.81 -22.68
C ALA A 64 -17.77 6.63 -22.53
N ALA A 65 -17.49 5.73 -21.60
CA ALA A 65 -18.35 4.56 -21.43
C ALA A 65 -19.71 4.96 -20.84
N PHE A 66 -19.74 5.92 -19.95
CA PHE A 66 -20.98 6.43 -19.39
C PHE A 66 -21.82 7.13 -20.43
N LYS A 67 -21.21 7.94 -21.25
CA LYS A 67 -21.97 8.61 -22.30
C LYS A 67 -22.65 7.60 -23.25
N SER A 68 -22.12 6.41 -23.40
CA SER A 68 -22.76 5.40 -24.24
C SER A 68 -23.79 4.57 -23.51
N LEU A 69 -24.07 4.91 -22.28
CA LEU A 69 -25.06 4.16 -21.53
C LEU A 69 -26.45 4.40 -22.08
N ASP A 70 -27.29 3.39 -22.00
CA ASP A 70 -28.72 3.55 -22.22
C ASP A 70 -29.29 4.11 -20.91
N TYR A 71 -29.09 5.42 -20.74
CA TYR A 71 -29.42 6.08 -19.48
C TYR A 71 -30.89 5.86 -19.08
N GLU A 72 -31.79 5.95 -20.05
CA GLU A 72 -33.20 5.83 -19.78
C GLU A 72 -33.62 4.40 -19.47
N GLY A 73 -33.03 3.45 -20.14
CA GLY A 73 -33.27 2.04 -19.81
C GLY A 73 -32.88 1.73 -18.38
N LEU A 74 -31.76 2.30 -17.93
CA LEU A 74 -31.30 2.08 -16.57
C LEU A 74 -32.26 2.67 -15.55
N LYS A 75 -32.79 3.86 -15.82
CA LYS A 75 -33.71 4.47 -14.90
C LYS A 75 -35.01 3.69 -14.80
N LYS A 76 -35.45 3.11 -15.89
CA LYS A 76 -36.63 2.31 -15.96
C LYS A 76 -36.46 1.09 -15.09
N ASP A 77 -35.31 0.49 -15.21
CA ASP A 77 -34.96 -0.70 -14.48
C ASP A 77 -34.89 -0.44 -13.00
N LEU A 78 -34.37 0.69 -12.65
CA LEU A 78 -34.28 1.08 -11.31
C LEU A 78 -35.64 1.35 -10.80
N THR A 79 -36.53 1.74 -11.67
CA THR A 79 -37.88 2.03 -11.29
C THR A 79 -38.64 0.73 -11.04
N LYS A 80 -38.32 -0.31 -11.78
CA LYS A 80 -38.96 -1.57 -11.61
C LYS A 80 -38.46 -2.22 -10.38
N LEU A 81 -37.18 -2.06 -10.11
CA LEU A 81 -36.57 -2.63 -8.92
C LEU A 81 -37.24 -2.11 -7.65
N MET A 82 -37.79 -0.93 -7.72
CA MET A 82 -38.37 -0.31 -6.54
C MET A 82 -39.50 -1.13 -5.97
N THR A 83 -40.29 -1.78 -6.81
CA THR A 83 -41.43 -2.57 -6.35
C THR A 83 -41.21 -4.06 -6.53
N ASP A 84 -40.00 -4.43 -6.76
CA ASP A 84 -39.63 -5.81 -6.95
C ASP A 84 -39.10 -6.53 -5.71
N SER A 85 -39.98 -6.74 -4.74
CA SER A 85 -39.63 -7.39 -3.48
C SER A 85 -38.98 -8.77 -3.59
N GLN A 86 -37.78 -8.87 -3.04
CA GLN A 86 -37.00 -10.06 -2.97
C GLN A 86 -37.30 -10.71 -1.65
N ASP A 87 -37.38 -12.00 -1.65
CA ASP A 87 -37.74 -12.67 -0.40
C ASP A 87 -36.66 -12.64 0.63
N TRP A 88 -35.44 -12.52 0.15
CA TRP A 88 -34.27 -12.53 0.99
C TRP A 88 -34.10 -11.25 1.78
N TRP A 89 -34.76 -10.21 1.33
CA TRP A 89 -34.76 -8.94 2.06
C TRP A 89 -35.97 -8.14 1.59
N PRO A 90 -37.15 -8.42 2.10
CA PRO A 90 -38.37 -7.73 1.63
C PRO A 90 -38.49 -6.22 1.76
N ALA A 91 -39.24 -5.68 0.82
CA ALA A 91 -39.47 -4.26 0.74
C ALA A 91 -40.54 -3.87 1.70
N ASP A 92 -40.36 -2.75 2.38
CA ASP A 92 -41.35 -2.29 3.29
C ASP A 92 -42.35 -1.62 2.45
N PHE A 93 -43.60 -1.79 2.75
CA PHE A 93 -44.65 -1.17 2.02
C PHE A 93 -44.62 -1.59 0.55
N GLY A 94 -43.71 -2.49 0.24
CA GLY A 94 -43.53 -2.99 -1.09
C GLY A 94 -42.79 -2.06 -1.96
N HIS A 95 -42.00 -1.18 -1.37
CA HIS A 95 -41.24 -0.24 -2.12
C HIS A 95 -39.93 -0.03 -1.44
N TYR A 96 -38.84 -0.31 -2.12
CA TYR A 96 -37.50 -0.21 -1.57
C TYR A 96 -36.97 1.23 -1.53
N GLY A 97 -37.80 2.22 -1.85
CA GLY A 97 -37.35 3.59 -2.00
C GLY A 97 -36.79 4.19 -0.72
N GLY A 98 -37.43 4.00 0.39
CA GLY A 98 -36.86 4.55 1.59
C GLY A 98 -35.47 4.04 1.80
N LEU A 99 -35.26 2.76 1.58
CA LEU A 99 -33.98 2.16 1.76
C LEU A 99 -32.98 2.72 0.81
N PHE A 100 -33.38 2.91 -0.41
CA PHE A 100 -32.50 3.43 -1.42
C PHE A 100 -32.14 4.87 -1.20
N ILE A 101 -33.00 5.58 -0.55
CA ILE A 101 -32.71 6.97 -0.23
C ILE A 101 -31.73 7.07 0.94
N ARG A 102 -31.90 6.21 1.93
CA ARG A 102 -30.98 6.16 3.05
C ARG A 102 -29.61 5.76 2.51
N MET A 103 -29.60 4.78 1.60
CA MET A 103 -28.36 4.33 0.98
C MET A 103 -27.59 5.51 0.36
N ALA A 104 -28.22 6.21 -0.57
CA ALA A 104 -27.54 7.33 -1.22
C ALA A 104 -27.20 8.44 -0.24
N TOX A 105 -28.05 8.89 0.65
CA TOX A 105 -27.74 9.86 1.68
CB TOX A 105 -28.99 10.23 2.51
CG TOX A 105 -28.72 10.40 4.01
CD1 TOX A 105 -29.17 9.59 5.04
NE1 TOX A 105 -28.68 10.11 6.17
CE2 TOX A 105 -27.92 11.19 5.99
CD2 TOX A 105 -27.92 11.41 4.61
CE3 TOX A 105 -27.23 12.45 4.04
CZ3 TOX A 105 -26.52 13.31 4.91
CH2 TOX A 105 -26.48 13.12 6.30
CZ2 TOX A 105 -27.23 12.05 6.82
C TOX A 105 -26.64 9.25 2.52
O TOX A 105 -25.59 10.13 2.77
O2 TOX A 105 -29.71 8.51 7.62
O1 TOX A 105 -28.90 9.63 7.40
N HIS A 106 -26.29 8.00 2.85
CA HIS A 106 -25.09 7.59 3.60
C HIS A 106 -23.86 7.60 2.69
N SER A 107 -24.00 7.29 1.41
CA SER A 107 -22.88 7.39 0.48
C SER A 107 -22.35 8.82 0.41
N ALA A 108 -23.24 9.78 0.17
CA ALA A 108 -22.88 11.20 0.11
C ALA A 108 -22.68 11.85 1.47
N GLY A 109 -23.31 11.33 2.51
CA GLY A 109 -23.29 12.03 3.77
C GLY A 109 -22.07 11.98 4.63
N THR A 110 -21.01 11.31 4.18
CA THR A 110 -19.78 11.28 5.00
C THR A 110 -18.86 12.47 4.68
N TYR A 111 -19.22 13.16 3.59
CA TYR A 111 -18.54 14.33 3.15
C TYR A 111 -18.41 15.27 4.33
N ARG A 112 -17.36 16.07 4.22
CA ARG A 112 -16.88 17.10 5.12
C ARG A 112 -15.98 18.11 4.38
N VAL A 113 -16.22 19.38 4.57
CA VAL A 113 -15.61 20.53 3.93
C VAL A 113 -14.27 20.90 4.49
N THR A 114 -13.98 20.44 5.68
CA THR A 114 -12.74 20.73 6.30
C THR A 114 -11.55 20.31 5.51
N ASP A 115 -11.60 19.11 4.93
CA ASP A 115 -10.53 18.61 4.14
C ASP A 115 -11.02 18.15 2.83
N GLY A 116 -12.33 18.14 2.68
CA GLY A 116 -12.91 17.75 1.41
C GLY A 116 -13.03 16.27 1.20
N ARG A 117 -12.63 15.49 2.19
CA ARG A 117 -12.67 14.07 2.09
C ARG A 117 -14.04 13.51 2.39
N GLY A 118 -14.21 12.25 2.06
CA GLY A 118 -15.51 11.66 2.23
C GLY A 118 -16.41 11.90 1.04
N GLY A 119 -17.69 11.59 1.24
CA GLY A 119 -18.68 11.71 0.18
C GLY A 119 -18.79 10.47 -0.66
N GLY A 120 -19.69 10.54 -1.64
CA GLY A 120 -19.93 9.46 -2.56
C GLY A 120 -19.19 9.49 -3.88
N GLY A 121 -18.19 10.31 -4.01
CA GLY A 121 -17.51 10.47 -5.30
C GLY A 121 -16.76 9.24 -5.77
N GLU A 122 -16.46 8.30 -4.86
CA GLU A 122 -15.67 7.14 -5.22
C GLU A 122 -16.30 5.82 -4.82
N GLY A 123 -17.54 5.83 -4.35
CA GLY A 123 -18.22 4.58 -3.98
C GLY A 123 -17.57 3.84 -2.84
N GLN A 124 -16.91 4.58 -1.94
CA GLN A 124 -16.18 3.94 -0.84
C GLN A 124 -17.09 3.20 0.13
N GLN A 125 -18.39 3.33 -0.01
CA GLN A 125 -19.28 2.63 0.87
C GLN A 125 -19.21 1.13 0.70
N ARG A 126 -18.76 0.61 -0.43
CA ARG A 126 -18.58 -0.83 -0.63
C ARG A 126 -17.44 -1.39 0.22
N PHE A 127 -16.44 -0.56 0.51
CA PHE A 127 -15.22 -1.00 1.18
C PHE A 127 -15.23 -0.64 2.68
N ALA A 128 -14.36 -1.31 3.44
CA ALA A 128 -14.15 -1.01 4.84
C ALA A 128 -13.50 0.37 4.96
N PRO A 129 -13.77 1.09 6.05
CA PRO A 129 -14.69 0.71 7.14
C PRO A 129 -16.14 1.10 6.87
N LEU A 130 -16.42 1.92 5.89
CA LEU A 130 -17.76 2.38 5.64
C LEU A 130 -18.78 1.30 5.42
N ASN A 131 -18.39 0.20 4.82
CA ASN A 131 -19.35 -0.87 4.61
C ASN A 131 -19.79 -1.52 5.93
N SER A 132 -19.04 -1.32 7.01
CA SER A 132 -19.27 -1.98 8.28
C SER A 132 -19.52 -0.97 9.41
N TRP A 133 -19.82 0.26 9.07
CA TRP A 133 -20.11 1.29 10.06
C TRP A 133 -21.42 1.00 10.78
N PRO A 134 -21.54 1.43 12.04
CA PRO A 134 -22.79 1.22 12.76
C PRO A 134 -23.98 1.95 12.15
N ASP A 135 -23.73 2.97 11.33
CA ASP A 135 -24.82 3.65 10.63
C ASP A 135 -25.21 2.97 9.33
N ASN A 136 -24.43 2.02 8.82
CA ASN A 136 -24.71 1.45 7.51
C ASN A 136 -25.23 0.02 7.60
N VAL A 137 -25.82 -0.34 8.74
CA VAL A 137 -26.48 -1.63 8.87
C VAL A 137 -27.51 -1.75 7.76
N SER A 138 -27.60 -2.95 7.17
CA SER A 138 -28.64 -3.25 6.21
C SER A 138 -28.41 -2.60 4.85
N LEU A 139 -27.42 -1.73 4.73
CA LEU A 139 -27.12 -1.20 3.40
C LEU A 139 -26.27 -2.15 2.57
N ASP A 140 -25.70 -3.14 3.21
CA ASP A 140 -25.04 -4.18 2.51
C ASP A 140 -26.11 -4.89 1.69
N LYS A 141 -27.28 -5.13 2.25
CA LYS A 141 -28.39 -5.73 1.52
C LYS A 141 -28.94 -4.77 0.42
N ALA A 142 -29.01 -3.48 0.73
CA ALA A 142 -29.43 -2.47 -0.25
C ALA A 142 -28.62 -2.58 -1.54
N ARG A 143 -27.29 -2.56 -1.41
CA ARG A 143 -26.39 -2.68 -2.57
C ARG A 143 -26.45 -4.02 -3.24
N ARG A 144 -26.64 -5.09 -2.47
CA ARG A 144 -26.79 -6.39 -3.09
C ARG A 144 -28.04 -6.44 -3.97
N LEU A 145 -29.10 -5.75 -3.56
CA LEU A 145 -30.29 -5.64 -4.41
C LEU A 145 -29.95 -5.07 -5.78
N LEU A 146 -28.95 -4.22 -5.85
CA LEU A 146 -28.58 -3.56 -7.11
C LEU A 146 -27.60 -4.36 -7.97
N TRP A 147 -27.05 -5.47 -7.50
CA TRP A 147 -26.09 -6.18 -8.31
C TRP A 147 -26.66 -6.64 -9.65
N PRO A 148 -27.91 -7.21 -9.67
CA PRO A 148 -28.36 -7.60 -11.02
C PRO A 148 -28.33 -6.50 -12.07
N ILE A 149 -28.75 -5.30 -11.72
CA ILE A 149 -28.73 -4.18 -12.59
C ILE A 149 -27.30 -3.78 -12.88
N LYS A 150 -26.37 -3.87 -11.94
CA LYS A 150 -25.00 -3.55 -12.18
C LYS A 150 -24.43 -4.57 -13.13
N GLN A 151 -24.77 -5.81 -12.95
CA GLN A 151 -24.36 -6.86 -13.82
C GLN A 151 -24.86 -6.61 -15.24
N LYS A 152 -26.07 -6.11 -15.41
CA LYS A 152 -26.64 -5.87 -16.73
C LYS A 152 -25.84 -4.81 -17.48
N TYR A 153 -25.69 -3.64 -16.88
CA TYR A 153 -25.14 -2.51 -17.60
C TYR A 153 -23.61 -2.46 -17.60
N GLY A 154 -22.97 -3.38 -16.89
CA GLY A 154 -21.54 -3.57 -17.07
C GLY A 154 -20.69 -2.40 -16.62
N ASN A 155 -19.64 -2.12 -17.33
CA ASN A 155 -18.76 -1.03 -16.97
C ASN A 155 -19.26 0.33 -17.35
N LYS A 156 -20.40 0.41 -18.02
CA LYS A 156 -20.96 1.67 -18.44
C LYS A 156 -21.64 2.43 -17.31
N ILE A 157 -21.86 1.78 -16.17
CA ILE A 157 -22.33 2.47 -14.96
C ILE A 157 -21.40 2.05 -13.83
N SER A 158 -21.01 3.01 -13.01
CA SER A 158 -20.16 2.76 -11.87
C SER A 158 -20.99 2.69 -10.59
N TRP A 159 -20.57 1.82 -9.67
CA TRP A 159 -21.18 1.80 -8.36
C TRP A 159 -21.26 3.23 -7.79
N SER A 160 -20.23 4.03 -8.02
CA SER A 160 -20.19 5.39 -7.49
C SER A 160 -21.38 6.22 -7.97
N ASP A 161 -21.69 6.13 -9.27
CA ASP A 161 -22.86 6.80 -9.84
C ASP A 161 -24.15 6.07 -9.52
N LEU A 162 -24.15 4.77 -9.68
CA LEU A 162 -25.34 4.01 -9.44
C LEU A 162 -25.93 4.17 -8.06
N LEU A 163 -25.10 4.21 -7.07
CA LEU A 163 -25.57 4.36 -5.70
C LEU A 163 -26.37 5.64 -5.52
N LEU A 164 -25.96 6.70 -6.21
CA LEU A 164 -26.60 8.01 -6.05
C LEU A 164 -27.77 8.20 -7.03
N LEU A 165 -27.64 7.67 -8.25
CA LEU A 165 -28.75 7.67 -9.19
C LEU A 165 -29.95 6.92 -8.64
N THR A 166 -29.74 5.76 -8.06
CA THR A 166 -30.83 4.99 -7.46
C THR A 166 -31.58 5.82 -6.44
N GLY A 167 -30.87 6.63 -5.66
CA GLY A 167 -31.53 7.51 -4.71
C GLY A 167 -32.42 8.53 -5.41
N ASN A 168 -32.04 8.96 -6.58
CA ASN A 168 -32.79 9.90 -7.36
C ASN A 168 -33.99 9.26 -8.02
N VAL A 169 -33.83 8.09 -8.56
CA VAL A 169 -34.94 7.35 -9.14
C VAL A 169 -35.95 6.95 -8.06
N ALA A 170 -35.48 6.70 -6.84
CA ALA A 170 -36.39 6.39 -5.75
C ALA A 170 -37.32 7.56 -5.46
N LEU A 171 -36.76 8.78 -5.43
CA LEU A 171 -37.60 9.97 -5.21
C LEU A 171 -38.56 10.19 -6.36
N GLU A 172 -38.05 10.20 -7.60
CA GLU A 172 -38.91 10.34 -8.78
C GLU A 172 -40.02 9.31 -8.78
N SER A 173 -39.71 8.06 -8.44
CA SER A 173 -40.71 7.00 -8.46
C SER A 173 -41.80 7.22 -7.43
N MET A 174 -41.54 8.04 -6.41
CA MET A 174 -42.49 8.30 -5.35
C MET A 174 -43.12 9.69 -5.46
N GLY A 175 -43.04 10.30 -6.64
CA GLY A 175 -43.75 11.53 -6.91
C GLY A 175 -43.02 12.80 -6.57
N PHE A 176 -41.71 12.75 -6.40
CA PHE A 176 -40.90 13.91 -6.12
C PHE A 176 -40.04 14.29 -7.30
N LYS A 177 -39.94 15.59 -7.56
CA LYS A 177 -39.19 16.07 -8.72
C LYS A 177 -37.79 16.54 -8.42
N THR A 178 -36.83 15.81 -8.95
CA THR A 178 -35.44 16.11 -8.71
C THR A 178 -34.95 17.24 -9.58
N PHE A 179 -33.88 17.87 -9.13
CA PHE A 179 -33.32 19.02 -9.76
C PHE A 179 -32.41 18.65 -10.87
N GLY A 180 -31.76 17.53 -10.73
CA GLY A 180 -30.86 17.11 -11.77
C GLY A 180 -30.04 15.93 -11.30
N PHE A 181 -29.23 15.40 -12.21
CA PHE A 181 -28.23 14.41 -11.80
C PHE A 181 -27.07 14.45 -12.79
N ALA A 182 -25.85 14.52 -12.26
CA ALA A 182 -24.65 14.44 -13.06
C ALA A 182 -23.89 13.19 -12.69
N GLY A 183 -23.44 12.47 -13.70
CA GLY A 183 -22.62 11.32 -13.49
C GLY A 183 -21.19 11.59 -13.91
N GLY A 184 -20.37 10.56 -13.76
CA GLY A 184 -18.96 10.66 -14.09
C GLY A 184 -18.05 10.18 -13.01
N ARG A 185 -18.62 9.67 -11.92
CA ARG A 185 -17.81 9.22 -10.80
C ARG A 185 -17.21 7.86 -11.13
N PRO A 186 -15.88 7.75 -11.23
CA PRO A 186 -15.28 6.43 -11.48
C PRO A 186 -15.28 5.60 -10.21
N ASP A 187 -15.29 4.29 -10.40
CA ASP A 187 -15.19 3.37 -9.28
C ASP A 187 -13.77 3.32 -8.73
N THR A 188 -13.67 2.87 -7.48
CA THR A 188 -12.39 2.56 -6.89
C THR A 188 -12.30 1.10 -6.54
N TRP A 189 -11.12 0.67 -6.13
CA TRP A 189 -10.86 -0.75 -5.93
C TRP A 189 -10.22 -1.09 -4.60
N GLU A 190 -9.82 -0.08 -3.86
CA GLU A 190 -9.15 -0.23 -2.58
C GLU A 190 -9.93 0.64 -1.59
N ALA A 191 -9.74 0.41 -0.31
CA ALA A 191 -10.27 1.28 0.67
C ALA A 191 -9.36 2.48 0.71
N ASP A 192 -9.86 3.68 0.94
CA ASP A 192 -9.05 4.88 0.99
C ASP A 192 -8.46 5.09 2.36
N GLU A 193 -7.14 5.16 2.42
CA GLU A 193 -6.46 5.31 3.68
C GLU A 193 -6.11 6.71 4.13
N SER A 194 -6.46 7.71 3.35
CA SER A 194 -6.16 9.07 3.72
C SER A 194 -7.22 9.77 4.48
N VAL A 195 -8.24 9.07 4.94
CA VAL A 195 -9.28 9.74 5.71
C VAL A 195 -9.15 9.44 7.17
N TYR A 196 -9.14 10.48 7.96
CA TYR A 196 -9.08 10.40 9.41
C TYR A 196 -10.50 10.47 9.94
N TRP A 197 -11.05 9.32 10.30
CA TRP A 197 -12.39 9.26 10.86
C TRP A 197 -12.42 9.49 12.36
N GLY A 198 -11.25 9.72 12.94
CA GLY A 198 -11.12 9.90 14.35
C GLY A 198 -10.13 8.92 14.89
N ALA A 199 -9.85 9.02 16.19
CA ALA A 199 -8.95 8.12 16.86
C ALA A 199 -9.59 7.19 17.92
N GLU A 200 -10.90 7.22 18.10
CA GLU A 200 -11.54 6.38 19.08
C GLU A 200 -11.38 4.96 18.68
N THR A 201 -11.21 4.06 19.62
CA THR A 201 -10.98 2.66 19.28
C THR A 201 -12.15 1.77 19.50
N THR A 202 -13.28 2.37 19.75
CA THR A 202 -14.48 1.64 20.01
C THR A 202 -15.57 2.26 19.18
N TRP A 203 -16.38 1.45 18.53
CA TRP A 203 -17.46 1.97 17.73
C TRP A 203 -18.40 2.81 18.53
N LEU A 204 -18.91 3.82 17.87
CA LEU A 204 -19.83 4.80 18.43
C LEU A 204 -19.16 5.70 19.46
N GLY A 205 -17.90 5.39 19.81
CA GLY A 205 -17.19 6.19 20.77
C GLY A 205 -16.93 7.61 20.31
N ASN A 206 -16.71 8.48 21.26
CA ASN A 206 -16.44 9.84 20.96
C ASN A 206 -15.65 10.61 22.00
N GLU A 207 -15.09 9.92 22.97
CA GLU A 207 -14.31 10.54 24.01
C GLU A 207 -13.17 11.32 23.47
N ASP A 208 -12.68 11.00 22.28
CA ASP A 208 -11.55 11.70 21.75
C ASP A 208 -11.84 12.97 20.98
N ARG A 209 -12.95 13.03 20.26
CA ARG A 209 -13.31 14.18 19.46
C ARG A 209 -13.89 15.33 20.20
N TYR A 210 -14.02 15.19 21.50
CA TYR A 210 -14.47 16.27 22.33
C TYR A 210 -13.29 16.55 23.23
N SER A 211 -12.95 17.81 23.34
CA SER A 211 -11.74 18.24 24.00
C SER A 211 -11.44 19.66 23.54
N ASP A 234 -16.89 17.05 26.86
CA ASP A 234 -17.97 16.94 27.84
C ASP A 234 -18.68 18.31 28.10
N ILE A 235 -20.00 18.27 28.33
CA ILE A 235 -20.81 19.48 28.56
C ILE A 235 -21.96 19.68 27.55
N HIS A 236 -22.91 20.57 27.85
CA HIS A 236 -24.04 20.85 26.96
C HIS A 236 -23.41 21.23 25.71
N ASN A 237 -22.40 22.08 25.81
CA ASN A 237 -21.64 22.48 24.63
C ASN A 237 -20.11 22.27 24.70
N ARG A 238 -19.66 21.42 23.77
CA ARG A 238 -18.29 20.98 23.61
C ARG A 238 -17.88 21.33 22.22
N ASP A 239 -16.60 21.22 21.92
CA ASP A 239 -16.13 21.50 20.59
C ASP A 239 -15.82 20.23 19.83
N LEU A 240 -16.33 20.12 18.62
CA LEU A 240 -16.05 18.97 17.77
C LEU A 240 -14.70 19.21 17.12
N GLN A 241 -13.81 18.25 17.21
CA GLN A 241 -12.46 18.36 16.66
C GLN A 241 -12.34 18.34 15.16
N SER A 242 -11.51 19.20 14.59
CA SER A 242 -11.24 19.25 13.17
C SER A 242 -10.28 18.12 12.79
N PRO A 243 -10.50 17.49 11.64
CA PRO A 243 -11.61 17.89 10.75
C PRO A 243 -12.86 17.02 10.80
N LEU A 244 -13.15 16.38 11.92
CA LEU A 244 -14.33 15.58 12.02
C LEU A 244 -15.62 16.33 11.83
N ALA A 245 -16.60 15.64 11.27
CA ALA A 245 -17.90 16.21 11.06
C ALA A 245 -18.98 15.28 11.53
N SER A 246 -18.68 14.53 12.56
CA SER A 246 -19.60 13.55 13.12
C SER A 246 -19.32 13.45 14.61
N SER A 247 -20.37 13.32 15.38
CA SER A 247 -20.22 13.23 16.82
C SER A 247 -19.89 11.90 17.41
N HIS A 248 -19.91 10.87 16.61
CA HIS A 248 -19.56 9.55 17.03
C HIS A 248 -18.79 8.82 15.95
N MET A 249 -17.86 7.95 16.31
CA MET A 249 -17.15 7.10 15.36
C MET A 249 -18.13 6.06 14.80
N GLY A 250 -18.20 5.96 13.48
CA GLY A 250 -19.13 5.09 12.84
C GLY A 250 -20.49 5.68 12.52
N LEU A 251 -20.66 6.97 12.73
CA LEU A 251 -21.88 7.66 12.47
C LEU A 251 -21.73 8.71 11.36
N ILE A 252 -22.79 8.96 10.62
CA ILE A 252 -22.79 9.89 9.53
C ILE A 252 -22.75 11.28 10.06
N TYR A 253 -23.71 11.68 10.87
CA TYR A 253 -23.66 13.02 11.46
C TYR A 253 -23.83 13.02 12.99
N VAL A 254 -25.03 12.68 13.56
CA VAL A 254 -25.43 12.88 14.96
C VAL A 254 -26.03 11.60 15.52
N ASN A 255 -26.19 11.54 16.81
CA ASN A 255 -26.81 10.44 17.46
C ASN A 255 -28.30 10.58 17.31
N PRO A 256 -29.00 9.54 16.91
CA PRO A 256 -30.47 9.71 16.82
C PRO A 256 -31.14 9.75 18.18
N GLU A 257 -30.63 9.09 19.19
CA GLU A 257 -31.29 9.23 20.44
C GLU A 257 -30.97 10.51 21.12
N GLY A 258 -29.91 11.18 20.71
CA GLY A 258 -29.47 12.38 21.37
C GLY A 258 -28.01 12.28 21.81
N PRO A 259 -27.44 13.38 22.21
CA PRO A 259 -26.02 13.42 22.59
C PRO A 259 -25.70 12.38 23.65
N ASP A 260 -24.73 11.51 23.37
CA ASP A 260 -24.41 10.39 24.23
C ASP A 260 -25.63 9.56 24.61
N GLY A 261 -26.69 9.66 23.82
CA GLY A 261 -27.87 8.86 24.05
C GLY A 261 -28.93 9.49 24.91
N ILE A 262 -28.71 10.74 25.31
CA ILE A 262 -29.68 11.46 26.12
C ILE A 262 -30.67 12.11 25.16
N PRO A 263 -31.96 12.07 25.48
CA PRO A 263 -32.95 12.66 24.56
C PRO A 263 -33.23 14.13 24.86
N ASP A 264 -32.23 14.99 24.70
CA ASP A 264 -32.38 16.44 24.88
C ASP A 264 -32.37 17.07 23.48
N PRO A 265 -33.56 17.41 22.93
CA PRO A 265 -33.58 17.90 21.55
C PRO A 265 -32.85 19.23 21.33
N VAL A 266 -32.93 20.17 22.26
CA VAL A 266 -32.20 21.39 21.99
C VAL A 266 -30.73 21.03 21.93
N ALA A 267 -30.18 20.34 22.95
CA ALA A 267 -28.78 19.95 22.91
C ALA A 267 -28.45 19.21 21.60
N SER A 268 -29.37 18.39 21.11
CA SER A 268 -29.16 17.69 19.87
C SER A 268 -29.16 18.64 18.67
N ALA A 269 -29.90 19.73 18.75
CA ALA A 269 -29.91 20.71 17.67
C ALA A 269 -28.54 21.38 17.51
N LYS A 270 -27.80 21.57 18.60
CA LYS A 270 -26.46 22.14 18.48
C LYS A 270 -25.52 21.18 17.75
N ASP A 271 -25.70 19.86 17.93
CA ASP A 271 -24.90 18.88 17.20
C ASP A 271 -25.21 18.91 15.72
N ILE A 272 -26.50 19.01 15.38
CA ILE A 272 -26.89 18.98 13.98
C ILE A 272 -26.32 20.19 13.24
N ARG A 273 -26.35 21.34 13.88
CA ARG A 273 -25.92 22.56 13.22
C ARG A 273 -24.43 22.53 12.90
N VAL A 274 -23.69 21.99 13.83
CA VAL A 274 -22.30 21.84 13.71
C VAL A 274 -21.93 20.82 12.65
N THR A 275 -22.47 19.61 12.74
CA THR A 275 -22.17 18.54 11.82
C THR A 275 -22.61 18.80 10.40
N PHE A 276 -23.79 19.35 10.26
CA PHE A 276 -24.23 19.77 8.93
C PHE A 276 -23.47 21.00 8.44
N GLY A 277 -22.98 21.83 9.36
CA GLY A 277 -22.10 22.93 8.95
C GLY A 277 -20.80 22.41 8.37
N ARG A 278 -20.20 21.43 8.98
CA ARG A 278 -18.99 20.84 8.51
C ARG A 278 -19.16 19.99 7.26
N MET A 279 -20.38 19.83 6.83
CA MET A 279 -20.74 19.09 5.60
C MET A 279 -21.32 20.03 4.58
N ALA A 280 -21.16 21.33 4.84
CA ALA A 280 -21.53 22.40 3.96
C ALA A 280 -22.97 22.82 3.88
N MET A 281 -23.77 22.49 4.86
CA MET A 281 -25.16 22.85 4.82
C MET A 281 -25.56 23.86 5.85
N ASN A 282 -26.38 24.82 5.44
CA ASN A 282 -26.87 25.88 6.31
C ASN A 282 -28.15 25.44 6.98
N ASP A 283 -28.75 26.29 7.79
CA ASP A 283 -29.95 25.93 8.52
C ASP A 283 -31.12 25.61 7.58
N GLU A 284 -31.33 26.43 6.54
CA GLU A 284 -32.41 26.14 5.59
C GLU A 284 -32.19 24.80 4.91
N GLU A 285 -31.00 24.55 4.42
CA GLU A 285 -30.70 23.29 3.76
C GLU A 285 -30.77 22.10 4.68
N THR A 286 -30.41 22.27 5.97
CA THR A 286 -30.45 21.18 6.92
C THR A 286 -31.89 20.74 7.20
N VAL A 287 -32.77 21.72 7.39
CA VAL A 287 -34.17 21.42 7.65
C VAL A 287 -34.79 20.72 6.44
N ALA A 288 -34.49 21.21 5.21
CA ALA A 288 -35.05 20.60 4.01
C ALA A 288 -34.55 19.17 3.83
N LEU A 289 -33.31 18.89 4.20
CA LEU A 289 -32.76 17.54 4.02
C LEU A 289 -33.40 16.51 4.99
N ILE A 290 -33.40 16.80 6.29
CA ILE A 290 -33.97 15.89 7.28
C ILE A 290 -35.48 15.71 7.06
N ALA A 291 -36.18 16.81 6.77
CA ALA A 291 -37.62 16.73 6.61
C ALA A 291 -37.98 15.97 5.33
N GLY A 292 -37.38 16.34 4.20
CA GLY A 292 -37.64 15.74 2.93
C GLY A 292 -37.19 14.32 2.87
N GLY A 293 -36.20 13.99 3.68
CA GLY A 293 -35.68 12.66 3.80
C GLY A 293 -36.52 11.75 4.70
N HIS A 294 -36.77 12.15 5.95
CA HIS A 294 -37.59 11.34 6.86
C HIS A 294 -39.07 11.48 6.47
N SER A 295 -39.26 11.98 5.25
CA SER A 295 -40.59 12.11 4.68
C SER A 295 -40.95 10.76 4.04
N PHE A 296 -39.95 9.88 3.93
CA PHE A 296 -40.13 8.57 3.37
C PHE A 296 -39.57 7.47 4.27
N GLY A 297 -40.11 6.28 4.16
CA GLY A 297 -39.64 5.11 4.87
C GLY A 297 -39.89 4.89 6.35
N LYS A 298 -38.95 4.20 6.98
CA LYS A 298 -39.05 3.88 8.38
C LYS A 298 -37.72 3.43 8.98
N THR A 299 -37.69 3.19 10.27
CA THR A 299 -36.46 2.77 10.92
C THR A 299 -36.77 1.35 11.22
N HIS A 300 -35.82 0.63 11.76
CA HIS A 300 -36.01 -0.74 12.03
C HIS A 300 -35.36 -1.12 13.33
N GLY A 301 -36.19 -1.43 14.31
CA GLY A 301 -35.73 -1.83 15.63
C GLY A 301 -36.81 -2.69 16.26
N ALA A 302 -37.01 -3.86 15.70
CA ALA A 302 -38.04 -4.77 16.16
C ALA A 302 -37.79 -5.59 17.43
N GLY A 303 -36.56 -5.90 17.74
CA GLY A 303 -36.26 -6.66 18.90
C GLY A 303 -35.01 -6.13 19.50
N PRO A 304 -34.52 -6.79 20.61
CA PRO A 304 -33.25 -6.29 21.13
C PRO A 304 -32.10 -6.44 20.17
N THR A 305 -31.12 -5.56 20.27
CA THR A 305 -30.03 -5.56 19.32
C THR A 305 -29.00 -6.67 19.57
N HIS A 306 -29.06 -7.32 20.72
CA HIS A 306 -28.16 -8.45 20.97
C HIS A 306 -28.44 -9.62 20.03
N HIS A 307 -29.52 -9.55 19.27
CA HIS A 307 -29.88 -10.54 18.29
C HIS A 307 -29.17 -10.38 16.99
N VAL A 308 -28.52 -9.25 16.83
CA VAL A 308 -27.84 -8.94 15.57
C VAL A 308 -26.36 -9.29 15.67
N GLY A 309 -25.85 -9.96 14.61
CA GLY A 309 -24.51 -10.53 14.61
C GLY A 309 -23.40 -9.61 14.07
N LYS A 310 -22.32 -10.17 13.58
CA LYS A 310 -21.21 -9.36 13.11
C LYS A 310 -21.42 -8.51 11.86
N GLU A 311 -20.62 -7.48 11.71
CA GLU A 311 -20.69 -6.61 10.57
C GLU A 311 -19.97 -7.28 9.39
N PRO A 312 -20.24 -6.76 8.13
CA PRO A 312 -19.61 -7.48 7.02
C PRO A 312 -18.15 -7.87 7.08
N GLU A 313 -17.29 -7.01 7.57
CA GLU A 313 -15.88 -7.26 7.69
C GLU A 313 -15.49 -8.30 8.70
N ALA A 314 -16.41 -8.71 9.56
CA ALA A 314 -16.14 -9.76 10.54
C ALA A 314 -17.09 -10.93 10.41
N ALA A 315 -18.02 -10.87 9.43
CA ALA A 315 -19.05 -11.87 9.27
C ALA A 315 -18.48 -13.14 8.63
N PRO A 316 -19.14 -14.28 8.83
CA PRO A 316 -18.59 -15.54 8.27
C PRO A 316 -18.56 -15.50 6.77
N ILE A 317 -17.65 -16.23 6.19
CA ILE A 317 -17.43 -16.33 4.76
C ILE A 317 -18.62 -16.74 3.86
N GLU A 318 -19.48 -17.60 4.35
CA GLU A 318 -20.62 -18.07 3.61
C GLU A 318 -21.74 -17.05 3.56
N HIS A 319 -21.53 -15.93 4.23
CA HIS A 319 -22.50 -14.88 4.24
C HIS A 319 -22.28 -14.04 3.02
N GLN A 320 -21.17 -14.23 2.38
CA GLN A 320 -20.87 -13.55 1.16
C GLN A 320 -20.95 -12.06 1.14
N GLY A 321 -20.35 -11.47 2.14
CA GLY A 321 -20.25 -10.03 2.20
C GLY A 321 -21.40 -9.31 2.89
N LEU A 322 -22.46 -10.04 3.26
CA LEU A 322 -23.53 -9.46 4.08
C LEU A 322 -23.26 -9.71 5.55
N GLY A 323 -23.51 -8.70 6.38
CA GLY A 323 -23.34 -8.87 7.82
C GLY A 323 -24.62 -8.58 8.58
N TRP A 324 -24.50 -8.47 9.86
CA TRP A 324 -25.63 -8.15 10.65
C TRP A 324 -26.74 -9.18 10.60
N ALA A 325 -26.37 -10.46 10.56
CA ALA A 325 -27.32 -11.56 10.62
C ALA A 325 -28.13 -11.42 11.91
N ASN A 326 -29.47 -11.44 11.76
CA ASN A 326 -30.37 -11.16 12.84
C ASN A 326 -31.13 -12.42 13.25
N SER A 327 -31.04 -12.77 14.53
CA SER A 327 -31.68 -13.98 15.02
C SER A 327 -33.07 -13.74 15.60
N PHE A 328 -33.51 -12.50 15.58
CA PHE A 328 -34.83 -12.19 16.04
C PHE A 328 -35.83 -12.38 14.93
N GLY A 329 -36.76 -13.29 15.13
CA GLY A 329 -37.83 -13.55 14.21
C GLY A 329 -37.41 -14.04 12.87
N GLN A 330 -37.92 -13.38 11.84
CA GLN A 330 -37.55 -13.68 10.48
C GLN A 330 -36.25 -13.03 10.18
N GLY A 331 -35.90 -11.99 10.91
CA GLY A 331 -34.65 -11.30 10.73
C GLY A 331 -34.65 -10.42 9.54
N LYS A 332 -35.81 -10.15 8.98
CA LYS A 332 -35.93 -9.33 7.83
C LYS A 332 -37.37 -9.06 7.75
N GLY A 333 -37.76 -8.19 6.85
CA GLY A 333 -39.14 -7.87 6.70
C GLY A 333 -39.70 -7.16 7.89
N PRO A 334 -40.77 -7.73 8.52
CA PRO A 334 -41.21 -6.99 9.71
C PRO A 334 -40.34 -7.16 10.96
N ASP A 335 -39.43 -8.10 10.96
CA ASP A 335 -38.54 -8.35 12.07
C ASP A 335 -37.17 -7.75 11.96
N THR A 336 -37.03 -6.88 11.00
CA THR A 336 -35.81 -6.18 10.79
C THR A 336 -35.34 -5.32 11.94
N ILE A 337 -34.04 -5.37 12.11
CA ILE A 337 -33.34 -4.62 13.10
C ILE A 337 -32.11 -4.04 12.47
N THR A 338 -32.17 -2.75 12.29
CA THR A 338 -31.12 -1.96 11.71
C THR A 338 -30.49 -1.04 12.74
N SER A 339 -31.19 -0.02 13.18
CA SER A 339 -30.66 0.93 14.12
C SER A 339 -31.14 0.67 15.53
N GLY A 340 -32.27 -0.01 15.64
CA GLY A 340 -32.88 -0.30 16.91
C GLY A 340 -33.94 0.70 17.27
N LEU A 341 -34.37 1.54 16.35
CA LEU A 341 -35.39 2.50 16.61
C LEU A 341 -36.64 2.18 15.81
N GLU A 342 -37.79 2.10 16.46
CA GLU A 342 -38.97 1.77 15.67
C GLU A 342 -39.79 3.06 15.50
N VAL A 343 -39.48 3.76 14.43
CA VAL A 343 -40.13 5.00 14.01
C VAL A 343 -40.54 4.93 12.55
N THR A 344 -41.72 5.45 12.24
CA THR A 344 -42.24 5.60 10.89
C THR A 344 -42.88 6.99 10.97
N TRP A 345 -42.44 7.90 10.13
CA TRP A 345 -42.86 9.30 10.15
C TRP A 345 -44.16 9.77 9.47
N THR A 346 -44.51 9.25 8.32
CA THR A 346 -45.60 9.84 7.60
C THR A 346 -46.72 8.81 7.35
N PRO A 347 -47.96 9.29 7.18
CA PRO A 347 -49.04 8.37 6.82
C PRO A 347 -48.90 7.75 5.46
N THR A 348 -47.97 8.25 4.64
CA THR A 348 -47.68 7.70 3.30
C THR A 348 -46.18 7.57 3.12
N PRO A 349 -45.58 6.50 3.65
CA PRO A 349 -44.13 6.37 3.54
C PRO A 349 -43.63 6.15 2.09
N THR A 350 -44.47 5.81 1.12
CA THR A 350 -44.01 5.65 -0.28
C THR A 350 -44.54 6.72 -1.24
N LYS A 351 -44.87 7.86 -0.70
CA LYS A 351 -45.48 8.98 -1.42
C LYS A 351 -45.06 10.34 -0.93
N TRP A 352 -44.76 11.24 -1.84
CA TRP A 352 -44.35 12.57 -1.49
C TRP A 352 -45.46 13.49 -1.02
N GLY A 353 -45.14 14.33 -0.07
CA GLY A 353 -46.08 15.27 0.47
C GLY A 353 -45.58 15.98 1.68
N MET A 354 -46.50 16.52 2.47
CA MET A 354 -46.14 17.26 3.67
C MET A 354 -46.38 16.63 5.05
N GLY A 355 -46.49 15.32 5.11
CA GLY A 355 -46.73 14.62 6.34
C GLY A 355 -45.76 14.82 7.47
N TYR A 356 -44.48 14.97 7.16
CA TYR A 356 -43.49 15.09 8.20
C TYR A 356 -43.62 16.38 8.96
N LEU A 357 -43.60 17.47 8.22
CA LEU A 357 -43.71 18.80 8.80
C LEU A 357 -45.07 18.98 9.47
N GLU A 358 -46.09 18.34 8.90
CA GLU A 358 -47.41 18.44 9.44
C GLU A 358 -47.58 17.70 10.76
N TYR A 359 -47.14 16.46 10.83
CA TYR A 359 -47.31 15.67 12.06
C TYR A 359 -46.43 16.20 13.18
N LEU A 360 -45.25 16.66 12.82
CA LEU A 360 -44.31 17.19 13.78
C LEU A 360 -44.93 18.38 14.41
N TYR A 361 -45.75 19.08 13.65
CA TYR A 361 -46.37 20.29 14.16
C TYR A 361 -47.78 20.17 14.60
N LYS A 362 -48.35 18.99 14.52
CA LYS A 362 -49.68 18.78 14.96
C LYS A 362 -49.83 18.18 16.33
N PHE A 363 -48.97 17.23 16.68
CA PHE A 363 -49.06 16.56 17.97
C PHE A 363 -48.00 17.05 18.94
N ASP A 364 -48.18 16.69 20.19
CA ASP A 364 -47.25 17.04 21.27
C ASP A 364 -46.53 15.74 21.47
N TRP A 365 -45.26 15.79 21.83
CA TRP A 365 -44.52 14.54 21.98
C TRP A 365 -44.03 14.15 23.35
N GLU A 366 -43.99 12.86 23.60
CA GLU A 366 -43.52 12.37 24.85
C GLU A 366 -42.44 11.36 24.54
N PRO A 367 -41.42 11.32 25.36
CA PRO A 367 -40.39 10.32 25.12
C PRO A 367 -40.83 8.94 25.60
N THR A 368 -40.37 7.98 24.82
CA THR A 368 -40.62 6.60 25.00
C THR A 368 -39.42 5.70 24.67
N LYS A 369 -39.65 4.42 24.48
CA LYS A 369 -38.58 3.49 24.15
C LYS A 369 -38.92 2.56 23.02
N SER A 370 -37.90 2.11 22.31
CA SER A 370 -38.08 1.15 21.22
C SER A 370 -37.97 -0.28 21.70
N PRO A 371 -38.42 -1.22 20.91
CA PRO A 371 -38.35 -2.60 21.36
C PRO A 371 -36.95 -3.02 21.62
N ALA A 372 -36.02 -2.10 21.46
CA ALA A 372 -34.63 -2.35 21.65
C ALA A 372 -34.03 -1.45 22.67
N GLY A 373 -34.84 -0.60 23.21
CA GLY A 373 -34.39 0.30 24.25
C GLY A 373 -33.88 1.65 23.87
N ALA A 374 -34.02 2.00 22.61
CA ALA A 374 -33.55 3.25 22.13
C ALA A 374 -34.54 4.31 22.48
N ASN A 375 -34.03 5.50 22.70
CA ASN A 375 -34.82 6.65 23.05
C ASN A 375 -35.49 7.29 21.89
N GLN A 376 -36.79 7.31 21.95
CA GLN A 376 -37.55 7.91 20.89
C GLN A 376 -38.75 8.71 21.40
N TRP A 377 -39.50 9.24 20.48
CA TRP A 377 -40.65 10.05 20.85
C TRP A 377 -41.90 9.47 20.24
N VAL A 378 -43.02 9.71 20.91
CA VAL A 378 -44.34 9.29 20.46
C VAL A 378 -45.32 10.41 20.79
N ALA A 379 -46.35 10.46 19.98
CA ALA A 379 -47.34 11.48 20.03
C ALA A 379 -48.29 11.20 21.13
N LYS A 380 -48.69 12.27 21.76
CA LYS A 380 -49.60 12.23 22.85
C LYS A 380 -50.92 12.51 22.24
N ASN A 381 -51.92 11.78 22.66
CA ASN A 381 -53.27 11.96 22.18
C ASN A 381 -53.53 11.81 20.66
N ALA A 382 -53.34 10.62 20.12
CA ALA A 382 -53.60 10.40 18.70
C ALA A 382 -54.06 8.99 18.34
N GLU A 383 -54.64 8.86 17.17
CA GLU A 383 -55.14 7.58 16.72
C GLU A 383 -54.12 6.93 15.80
N PRO A 384 -54.24 5.66 15.45
CA PRO A 384 -53.21 5.10 14.59
C PRO A 384 -53.46 5.49 13.17
N THR A 385 -52.70 6.40 12.60
CA THR A 385 -52.93 6.84 11.21
C THR A 385 -51.90 6.39 10.21
N ILE A 386 -50.74 6.00 10.69
CA ILE A 386 -49.71 5.56 9.77
C ILE A 386 -49.72 4.06 9.53
N PRO A 387 -49.55 3.65 8.26
CA PRO A 387 -49.55 2.21 8.03
C PRO A 387 -48.32 1.39 8.32
N ASP A 388 -48.62 0.15 8.59
CA ASP A 388 -47.67 -0.90 8.89
C ASP A 388 -47.02 -1.28 7.59
N ALA A 389 -45.78 -1.72 7.63
CA ALA A 389 -45.09 -2.09 6.40
C ALA A 389 -45.43 -3.44 5.82
N TYR A 390 -46.17 -4.26 6.55
CA TYR A 390 -46.47 -5.57 6.04
C TYR A 390 -47.90 -5.89 6.18
N ASP A 391 -48.56 -5.15 7.05
CA ASP A 391 -49.94 -5.37 7.28
C ASP A 391 -50.82 -4.27 6.76
N PRO A 392 -51.69 -4.67 5.79
CA PRO A 392 -52.55 -3.59 5.33
C PRO A 392 -53.74 -3.27 6.23
N ASN A 393 -53.93 -4.03 7.27
CA ASN A 393 -55.00 -3.82 8.17
C ASN A 393 -54.55 -3.26 9.48
N LYS A 394 -53.31 -2.81 9.58
CA LYS A 394 -52.78 -2.28 10.82
C LYS A 394 -52.29 -0.87 10.64
N LYS A 395 -52.31 -0.08 11.69
CA LYS A 395 -51.86 1.28 11.64
C LYS A 395 -51.22 1.61 12.95
N LYS A 396 -50.21 2.46 12.96
CA LYS A 396 -49.52 2.81 14.20
C LYS A 396 -49.61 4.26 14.60
N LEU A 397 -49.19 4.58 15.80
CA LEU A 397 -49.23 5.97 16.21
C LEU A 397 -48.11 6.81 15.67
N PRO A 398 -48.35 8.15 15.52
CA PRO A 398 -47.21 8.95 15.12
C PRO A 398 -45.98 8.83 15.99
N THR A 399 -44.83 8.68 15.38
CA THR A 399 -43.58 8.54 16.13
C THR A 399 -42.55 9.48 15.54
N MET A 400 -41.50 9.78 16.28
CA MET A 400 -40.45 10.64 15.82
C MET A 400 -39.10 10.36 16.50
N LEU A 401 -38.05 10.95 15.97
CA LEU A 401 -36.73 10.83 16.57
C LEU A 401 -36.38 12.09 17.31
N THR A 402 -35.49 12.01 18.27
CA THR A 402 -34.98 13.15 19.02
C THR A 402 -34.44 14.21 18.06
N THR A 403 -33.75 13.76 17.01
CA THR A 403 -33.14 14.67 16.05
C THR A 403 -34.19 15.40 15.21
N ASP A 404 -35.32 14.78 15.07
CA ASP A 404 -36.44 15.31 14.36
C ASP A 404 -37.13 16.38 15.23
N ILE A 405 -37.45 16.01 16.42
CA ILE A 405 -38.05 16.90 17.34
C ILE A 405 -37.17 18.13 17.54
N ALA A 406 -35.87 17.95 17.38
CA ALA A 406 -34.95 19.05 17.55
C ALA A 406 -35.17 20.13 16.55
N LEU A 407 -35.79 19.80 15.43
CA LEU A 407 -36.00 20.76 14.39
C LEU A 407 -37.12 21.70 14.69
N ARG A 408 -37.97 21.33 15.64
CA ARG A 408 -39.11 22.15 16.00
C ARG A 408 -38.87 22.85 17.33
N MET A 409 -37.79 22.47 18.01
CA MET A 409 -37.47 23.07 19.27
C MET A 409 -36.41 24.09 19.28
N ASP A 410 -35.52 24.05 18.32
CA ASP A 410 -34.44 24.95 18.29
C ASP A 410 -35.11 26.16 17.72
N PRO A 411 -34.80 27.34 18.25
CA PRO A 411 -35.54 28.47 17.67
C PRO A 411 -35.20 28.79 16.26
N ALA A 412 -34.02 28.50 15.78
CA ALA A 412 -33.79 28.81 14.36
C ALA A 412 -34.49 27.76 13.48
N TYR A 413 -34.38 26.49 13.85
CA TYR A 413 -35.01 25.44 13.03
C TYR A 413 -36.53 25.55 13.05
N ASP A 414 -37.11 25.98 14.18
CA ASP A 414 -38.55 26.12 14.26
C ASP A 414 -39.05 27.09 13.20
N LYS A 415 -38.44 28.25 13.10
CA LYS A 415 -38.78 29.26 12.13
C LYS A 415 -38.74 28.77 10.69
N ILE A 416 -37.75 27.98 10.33
CA ILE A 416 -37.64 27.43 8.99
C ILE A 416 -38.67 26.31 8.78
N CYS A 417 -38.90 25.51 9.82
CA CYS A 417 -39.94 24.49 9.75
C CYS A 417 -41.29 25.11 9.42
N ARG A 418 -41.55 26.25 10.02
CA ARG A 418 -42.80 26.94 9.84
C ARG A 418 -43.00 27.56 8.48
N ASP A 419 -41.94 28.11 7.92
CA ASP A 419 -41.99 28.68 6.58
C ASP A 419 -42.23 27.60 5.50
N TYR A 420 -41.68 26.40 5.71
CA TYR A 420 -41.95 25.32 4.78
C TYR A 420 -43.39 24.85 4.88
N LEU A 421 -43.93 24.78 6.11
CA LEU A 421 -45.36 24.50 6.25
C LEU A 421 -46.18 25.60 5.53
N ALA A 422 -45.74 26.85 5.64
CA ALA A 422 -46.45 27.94 5.05
C ALA A 422 -46.37 27.97 3.52
N ASN A 423 -45.32 27.41 2.97
CA ASN A 423 -45.10 27.37 1.56
C ASN A 423 -44.72 25.96 1.12
N PRO A 424 -45.64 25.08 0.74
CA PRO A 424 -45.18 23.75 0.37
C PRO A 424 -44.36 23.67 -0.91
N ASP A 425 -44.29 24.76 -1.65
CA ASP A 425 -43.59 24.74 -2.90
C ASP A 425 -42.16 25.10 -2.76
N LYS A 426 -41.91 25.96 -1.80
CA LYS A 426 -40.58 26.40 -1.55
C LYS A 426 -39.81 25.25 -0.91
N PHE A 427 -40.50 24.43 -0.12
CA PHE A 427 -39.97 23.24 0.54
C PHE A 427 -39.58 22.17 -0.49
N ALA A 428 -40.49 21.84 -1.40
CA ALA A 428 -40.16 20.86 -2.43
C ALA A 428 -38.93 21.32 -3.23
N ASP A 429 -38.81 22.62 -3.45
CA ASP A 429 -37.70 23.13 -4.25
C ASP A 429 -36.41 23.18 -3.44
N ALA A 430 -36.48 23.58 -2.18
CA ALA A 430 -35.27 23.61 -1.34
C ALA A 430 -34.71 22.20 -1.20
N PHE A 431 -35.58 21.24 -0.89
CA PHE A 431 -35.15 19.85 -0.75
C PHE A 431 -34.48 19.35 -2.02
N ALA A 432 -35.08 19.59 -3.18
CA ALA A 432 -34.49 19.11 -4.42
C ALA A 432 -33.08 19.62 -4.62
N ARG A 433 -32.88 20.89 -4.28
CA ARG A 433 -31.64 21.60 -4.40
C ARG A 433 -30.60 21.21 -3.39
N ALA A 434 -30.96 20.98 -2.15
CA ALA A 434 -30.07 20.44 -1.13
C ALA A 434 -29.71 18.97 -1.46
N TRP A 435 -30.67 18.22 -1.99
CA TRP A 435 -30.37 16.86 -2.40
C TRP A 435 -29.33 16.87 -3.52
N PHE A 436 -29.57 17.68 -4.54
CA PHE A 436 -28.65 17.81 -5.64
C PHE A 436 -27.29 18.26 -5.12
N LYS A 437 -27.27 19.19 -4.19
CA LYS A 437 -26.01 19.62 -3.59
C LYS A 437 -25.37 18.46 -2.83
N LEU A 438 -26.16 17.69 -2.10
CA LEU A 438 -25.61 16.59 -1.31
C LEU A 438 -24.89 15.59 -2.23
N LEU A 439 -25.49 15.23 -3.35
CA LEU A 439 -24.94 14.18 -4.18
C LEU A 439 -23.81 14.64 -5.08
N HIS A 440 -23.60 15.96 -5.23
CA HIS A 440 -22.61 16.48 -6.16
C HIS A 440 -21.61 17.46 -5.56
N ARG A 441 -21.55 17.57 -4.24
CA ARG A 441 -20.66 18.52 -3.58
C ARG A 441 -19.19 18.20 -3.60
N ASP A 442 -18.84 16.98 -3.91
CA ASP A 442 -17.46 16.61 -3.97
C ASP A 442 -17.05 16.29 -5.38
N MET A 443 -17.87 16.65 -6.34
CA MET A 443 -17.61 16.30 -7.73
C MET A 443 -16.74 17.32 -8.46
N GLY A 444 -16.68 18.56 -7.95
CA GLY A 444 -15.79 19.54 -8.51
C GLY A 444 -16.45 20.45 -9.50
N PRO A 445 -15.70 20.92 -10.47
CA PRO A 445 -16.21 21.83 -11.48
C PRO A 445 -17.16 21.20 -12.43
N ARG A 446 -18.11 21.98 -12.93
CA ARG A 446 -19.11 21.49 -13.87
C ARG A 446 -18.47 20.77 -15.05
N THR A 447 -17.19 21.08 -15.31
CA THR A 447 -16.51 20.44 -16.42
C THR A 447 -16.40 18.95 -16.24
N ARG A 448 -16.43 18.48 -15.01
CA ARG A 448 -16.45 17.06 -14.71
C ARG A 448 -17.87 16.46 -14.67
N TRP A 449 -18.92 17.28 -14.78
CA TRP A 449 -20.26 16.77 -14.71
C TRP A 449 -20.73 16.27 -16.06
N ILE A 450 -21.38 15.13 -16.09
CA ILE A 450 -21.84 14.53 -17.32
C ILE A 450 -23.22 13.96 -17.24
N GLY A 451 -23.77 13.62 -18.38
CA GLY A 451 -25.09 13.05 -18.46
C GLY A 451 -26.13 14.00 -18.94
N PRO A 452 -27.34 13.41 -19.27
CA PRO A 452 -28.38 14.33 -19.74
C PRO A 452 -29.25 15.04 -18.72
N GLU A 453 -29.12 14.77 -17.44
CA GLU A 453 -29.89 15.44 -16.44
C GLU A 453 -29.10 16.47 -15.70
N VAL A 454 -28.09 17.00 -16.36
CA VAL A 454 -27.30 18.03 -15.76
C VAL A 454 -28.00 19.36 -15.81
N PRO A 455 -28.10 20.07 -14.70
CA PRO A 455 -28.77 21.35 -14.72
C PRO A 455 -27.99 22.46 -15.38
N SER A 456 -28.70 23.27 -16.14
CA SER A 456 -28.10 24.40 -16.84
C SER A 456 -27.96 25.58 -15.90
N GLU A 457 -28.75 25.58 -14.83
CA GLU A 457 -28.68 26.65 -13.88
C GLU A 457 -27.42 26.52 -13.10
N ILE A 458 -26.72 27.61 -12.85
CA ILE A 458 -25.48 27.61 -12.09
C ILE A 458 -25.82 27.77 -10.65
N LEU A 459 -25.26 26.93 -9.82
CA LEU A 459 -25.58 26.96 -8.44
C LEU A 459 -24.67 27.81 -7.66
N PRO A 460 -25.17 28.21 -6.45
CA PRO A 460 -24.31 29.09 -5.68
C PRO A 460 -23.20 28.45 -4.93
N TRP A 461 -23.15 27.16 -4.79
CA TRP A 461 -22.09 26.51 -4.04
C TRP A 461 -21.11 25.90 -4.98
N GLU A 462 -21.25 26.19 -6.23
CA GLU A 462 -20.45 25.63 -7.26
C GLU A 462 -19.00 26.02 -7.49
N ASP A 463 -18.62 27.29 -7.34
CA ASP A 463 -17.26 27.73 -7.62
C ASP A 463 -17.14 27.76 -9.13
N TYR A 464 -18.07 28.42 -9.77
CA TYR A 464 -18.22 28.43 -11.22
C TYR A 464 -17.13 29.28 -11.87
N ILE A 465 -16.71 28.90 -13.05
CA ILE A 465 -15.74 29.68 -13.74
C ILE A 465 -16.30 29.82 -15.12
N PRO A 466 -16.44 31.10 -15.59
CA PRO A 466 -17.00 31.20 -16.91
C PRO A 466 -16.20 30.57 -18.00
N PRO A 467 -16.81 29.96 -18.97
CA PRO A 467 -16.06 29.39 -20.06
C PRO A 467 -15.52 30.48 -20.94
N VAL A 468 -14.50 30.13 -21.68
CA VAL A 468 -13.84 31.06 -22.57
C VAL A 468 -14.67 31.48 -23.76
N ASP A 469 -14.84 32.77 -23.93
CA ASP A 469 -15.58 33.26 -25.05
C ASP A 469 -14.72 34.20 -25.90
N TYR A 470 -13.47 33.86 -26.11
CA TYR A 470 -12.60 34.68 -26.91
C TYR A 470 -11.51 33.86 -27.40
N GLN A 471 -10.69 34.39 -28.27
CA GLN A 471 -9.58 33.62 -28.78
C GLN A 471 -8.48 33.51 -27.75
N ILE A 472 -7.94 32.33 -27.67
CA ILE A 472 -6.91 31.99 -26.71
C ILE A 472 -5.55 32.41 -27.24
N ILE A 473 -4.63 32.72 -26.36
CA ILE A 473 -3.32 33.15 -26.80
C ILE A 473 -2.57 32.03 -27.50
N ASP A 474 -1.82 32.37 -28.52
CA ASP A 474 -1.08 31.38 -29.29
C ASP A 474 0.39 31.49 -29.07
N ASP A 475 1.07 30.36 -29.23
CA ASP A 475 2.52 30.25 -29.03
C ASP A 475 3.29 31.57 -29.14
N ASN A 476 2.81 32.45 -29.99
CA ASN A 476 3.44 33.75 -30.21
C ASN A 476 3.12 34.73 -29.15
N ASP A 477 1.90 34.70 -28.62
CA ASP A 477 1.55 35.63 -27.55
C ASP A 477 2.11 35.15 -26.21
N ILE A 478 2.53 33.90 -26.16
CA ILE A 478 3.09 33.33 -24.97
C ILE A 478 4.52 33.76 -24.90
N ALA A 479 5.23 33.60 -25.98
CA ALA A 479 6.60 34.04 -26.01
C ALA A 479 6.72 35.52 -25.71
N ALA A 480 5.85 36.33 -26.27
CA ALA A 480 5.89 37.75 -26.08
C ALA A 480 5.53 38.19 -24.70
N LEU A 481 4.61 37.48 -24.07
CA LEU A 481 4.20 37.82 -22.74
C LEU A 481 5.14 37.38 -21.70
N LYS A 482 5.82 36.30 -21.99
CA LYS A 482 6.78 35.78 -21.08
C LYS A 482 7.83 36.82 -20.95
N LYS A 483 8.27 37.36 -22.08
CA LYS A 483 9.31 38.39 -22.08
C LYS A 483 8.83 39.69 -21.42
N GLU A 484 7.54 39.97 -21.55
CA GLU A 484 6.97 41.19 -20.99
C GLU A 484 6.82 41.13 -19.48
N ILE A 485 6.48 39.96 -18.95
CA ILE A 485 6.32 39.80 -17.54
C ILE A 485 7.64 39.83 -16.83
N LEU A 486 8.69 39.23 -17.38
CA LEU A 486 9.95 39.28 -16.70
C LEU A 486 10.58 40.66 -16.81
N ALA A 487 10.14 41.39 -17.81
CA ALA A 487 10.66 42.73 -18.04
C ALA A 487 10.10 43.66 -17.04
N THR A 488 9.02 43.31 -16.42
CA THR A 488 8.36 44.11 -15.44
C THR A 488 9.31 44.41 -14.33
N GLY A 489 10.27 43.54 -14.11
CA GLY A 489 11.20 43.72 -13.07
C GLY A 489 10.79 43.10 -11.76
N VAL A 490 9.69 42.37 -11.75
CA VAL A 490 9.27 41.66 -10.57
C VAL A 490 10.21 40.49 -10.37
N ALA A 491 10.66 40.33 -9.14
CA ALA A 491 11.59 39.31 -8.78
C ALA A 491 11.13 37.90 -9.16
N PRO A 492 12.00 37.16 -9.81
CA PRO A 492 11.67 35.79 -10.15
C PRO A 492 11.09 34.99 -9.00
N LYS A 493 11.58 35.15 -7.78
CA LYS A 493 11.07 34.38 -6.67
C LYS A 493 9.67 34.73 -6.31
N LYS A 494 9.13 35.81 -6.84
CA LYS A 494 7.81 36.23 -6.56
C LYS A 494 6.87 35.76 -7.61
N LEU A 495 7.37 35.56 -8.80
CA LEU A 495 6.58 35.10 -9.88
C LEU A 495 6.28 33.65 -9.75
N ILE A 496 7.21 32.95 -9.12
CA ILE A 496 7.17 31.55 -8.92
C ILE A 496 6.37 31.31 -7.70
N PHE A 497 6.62 32.08 -6.68
CA PHE A 497 5.90 31.88 -5.44
C PHE A 497 4.42 32.09 -5.54
N VAL A 498 4.02 33.00 -6.40
CA VAL A 498 2.63 33.31 -6.55
C VAL A 498 1.95 32.32 -7.49
N ALA A 499 2.67 31.81 -8.47
CA ALA A 499 2.12 30.83 -9.33
C ALA A 499 2.00 29.60 -8.49
N TRP A 500 2.98 29.26 -7.68
CA TRP A 500 2.76 28.10 -6.84
C TRP A 500 1.65 28.34 -5.84
N SER A 501 1.56 29.53 -5.26
CA SER A 501 0.45 29.81 -4.34
C SER A 501 -0.89 29.66 -5.04
N SER A 502 -1.01 30.02 -6.30
CA SER A 502 -2.28 29.89 -6.99
C SER A 502 -2.67 28.44 -7.27
N ALA A 503 -1.76 27.68 -7.81
CA ALA A 503 -1.95 26.30 -8.16
C ALA A 503 -2.08 25.34 -6.99
N SER A 504 -1.26 25.59 -5.99
CA SER A 504 -1.12 24.88 -4.76
C SER A 504 -2.38 24.79 -3.90
N SER A 505 -3.39 25.54 -4.25
CA SER A 505 -4.58 25.56 -3.47
C SER A 505 -5.58 24.48 -3.79
N PHE A 506 -5.30 23.67 -4.77
CA PHE A 506 -6.15 22.57 -5.12
C PHE A 506 -6.09 21.41 -4.14
N ARG A 507 -7.21 20.73 -3.93
CA ARG A 507 -7.29 19.56 -3.10
C ARG A 507 -8.05 18.61 -3.96
N GLY A 508 -7.52 17.43 -4.11
CA GLY A 508 -8.06 16.45 -5.00
C GLY A 508 -9.12 15.54 -4.50
N SER A 509 -9.54 15.78 -3.29
CA SER A 509 -10.57 15.03 -2.67
C SER A 509 -11.85 15.66 -3.13
N ASP A 510 -11.85 16.96 -3.08
CA ASP A 510 -12.96 17.77 -3.43
C ASP A 510 -12.91 18.27 -4.84
N LYS A 511 -11.73 18.44 -5.35
CA LYS A 511 -11.60 18.96 -6.66
C LYS A 511 -11.83 20.46 -6.73
N ARG A 512 -11.77 21.11 -5.58
CA ARG A 512 -11.82 22.55 -5.47
C ARG A 512 -10.43 23.13 -5.28
N GLY A 513 -10.22 24.31 -5.84
CA GLY A 513 -8.99 25.05 -5.73
C GLY A 513 -8.25 25.11 -7.04
N GLY A 514 -7.05 25.66 -6.96
CA GLY A 514 -6.14 25.63 -8.09
C GLY A 514 -6.10 26.93 -8.85
N ALA A 515 -5.26 26.93 -9.87
CA ALA A 515 -4.93 28.17 -10.55
C ALA A 515 -6.10 28.70 -11.37
N ASN A 516 -6.91 27.80 -11.95
CA ASN A 516 -8.00 28.24 -12.78
C ASN A 516 -8.96 29.08 -11.98
N GLY A 517 -9.46 30.14 -12.60
CA GLY A 517 -10.29 31.10 -11.92
C GLY A 517 -9.54 32.25 -11.27
N ALA A 518 -8.27 32.06 -10.97
CA ALA A 518 -7.41 33.09 -10.37
C ALA A 518 -8.09 33.73 -9.16
N ARG A 519 -8.56 32.86 -8.29
CA ARG A 519 -9.20 33.24 -7.06
C ARG A 519 -8.20 33.65 -6.02
N ILE A 520 -6.91 33.45 -6.22
CA ILE A 520 -5.92 33.99 -5.30
C ILE A 520 -6.08 35.50 -5.20
N ARG A 521 -6.57 36.12 -6.27
CA ARG A 521 -6.82 37.53 -6.34
C ARG A 521 -7.96 37.92 -5.47
N LEU A 522 -8.92 37.06 -5.34
CA LEU A 522 -10.14 37.35 -4.64
C LEU A 522 -9.97 37.07 -3.16
N ALA A 523 -11.04 37.32 -2.40
CA ALA A 523 -11.14 36.94 -1.00
C ALA A 523 -11.58 35.49 -0.88
N PRO A 524 -11.12 34.78 0.15
CA PRO A 524 -10.18 35.23 1.20
C PRO A 524 -8.71 35.01 0.89
N GLN A 525 -8.40 34.32 -0.16
CA GLN A 525 -7.02 34.03 -0.42
C GLN A 525 -6.15 35.27 -0.47
N ASN A 526 -6.69 36.40 -0.92
CA ASN A 526 -5.93 37.64 -0.99
C ASN A 526 -5.37 38.18 0.34
N GLU A 527 -5.79 37.61 1.47
CA GLU A 527 -5.31 38.08 2.75
C GLU A 527 -4.84 36.95 3.63
N TRP A 528 -4.53 35.82 3.01
CA TRP A 528 -4.05 34.63 3.68
C TRP A 528 -2.58 34.89 3.91
N LYS A 529 -2.19 34.65 5.12
CA LYS A 529 -0.88 34.88 5.53
C LYS A 529 0.18 34.08 4.76
N VAL A 530 -0.17 32.89 4.29
CA VAL A 530 0.77 32.07 3.59
C VAL A 530 0.99 32.55 2.17
N ASN A 531 0.08 33.37 1.72
CA ASN A 531 0.14 33.88 0.41
C ASN A 531 0.95 35.14 0.31
N ASP A 532 1.39 35.63 1.45
CA ASP A 532 2.16 36.85 1.55
C ASP A 532 1.45 37.96 0.82
N PRO A 533 0.37 38.45 1.38
CA PRO A 533 -0.45 39.49 0.79
C PRO A 533 0.25 40.73 0.22
N SER A 534 1.35 41.19 0.77
CA SER A 534 2.07 42.31 0.22
C SER A 534 2.67 42.01 -1.15
N THR A 535 3.37 40.91 -1.25
CA THR A 535 3.99 40.44 -2.46
C THR A 535 3.00 40.03 -3.52
N LEU A 536 1.91 39.47 -3.04
CA LEU A 536 0.94 38.97 -3.90
C LEU A 536 0.32 40.07 -4.72
N ARG A 537 0.19 41.24 -4.08
CA ARG A 537 -0.44 42.41 -4.64
C ARG A 537 0.42 43.08 -5.65
N GLU A 538 1.69 43.07 -5.38
CA GLU A 538 2.66 43.58 -6.25
C GLU A 538 2.61 42.83 -7.55
N VAL A 539 2.68 41.51 -7.44
CA VAL A 539 2.69 40.63 -8.57
C VAL A 539 1.36 40.79 -9.30
N LEU A 540 0.34 41.09 -8.56
CA LEU A 540 -0.94 41.23 -9.16
C LEU A 540 -1.01 42.48 -10.03
N ALA A 541 -0.57 43.60 -9.50
CA ALA A 541 -0.55 44.84 -10.22
C ALA A 541 0.19 44.76 -11.53
N ALA A 542 1.36 44.15 -11.48
CA ALA A 542 2.19 43.97 -12.61
C ALA A 542 1.53 43.13 -13.69
N LEU A 543 0.81 42.13 -13.26
CA LEU A 543 0.15 41.24 -14.15
C LEU A 543 -1.05 41.89 -14.73
N GLU A 544 -1.75 42.69 -13.95
CA GLU A 544 -2.91 43.41 -14.40
C GLU A 544 -2.56 44.32 -15.56
N SER A 545 -1.40 44.96 -15.46
CA SER A 545 -0.94 45.86 -16.48
C SER A 545 -0.58 45.14 -17.75
N VAL A 546 -0.11 43.92 -17.64
CA VAL A 546 0.30 43.21 -18.80
C VAL A 546 -0.94 42.76 -19.52
N GLN A 547 -1.96 42.45 -18.73
CA GLN A 547 -3.23 41.99 -19.19
C GLN A 547 -3.99 43.00 -19.99
N GLN A 548 -3.88 44.27 -19.60
CA GLN A 548 -4.60 45.35 -20.25
C GLN A 548 -4.02 45.74 -21.60
N LYS A 549 -2.69 45.76 -21.71
CA LYS A 549 -2.07 46.12 -22.93
C LYS A 549 -2.31 45.01 -23.92
N PHE A 550 -2.52 43.84 -23.41
CA PHE A 550 -2.71 42.78 -24.31
C PHE A 550 -4.11 42.81 -24.77
N ASN A 551 -5.01 43.16 -23.89
CA ASN A 551 -6.41 43.19 -24.28
C ASN A 551 -6.77 44.37 -25.19
N ASP A 552 -5.91 45.39 -25.26
CA ASP A 552 -6.11 46.54 -26.13
C ASP A 552 -5.62 46.38 -27.54
N SER A 553 -6.60 46.35 -28.42
CA SER A 553 -6.44 46.13 -29.83
C SER A 553 -6.00 44.69 -29.84
N SER A 554 -5.39 44.16 -30.89
CA SER A 554 -5.13 42.71 -30.94
C SER A 554 -6.53 41.99 -31.11
N SER A 555 -7.55 42.83 -31.00
CA SER A 555 -8.95 42.48 -31.17
C SER A 555 -9.49 41.29 -30.39
N GLY A 556 -9.96 40.32 -31.14
CA GLY A 556 -10.60 39.13 -30.62
C GLY A 556 -9.85 38.40 -29.51
N LYS A 557 -8.53 38.38 -29.63
CA LYS A 557 -7.68 37.68 -28.68
C LYS A 557 -7.43 38.36 -27.33
N LYS A 558 -7.81 37.64 -26.28
CA LYS A 558 -7.61 38.07 -24.94
C LYS A 558 -6.90 37.06 -24.09
N VAL A 559 -6.40 37.54 -22.98
CA VAL A 559 -5.77 36.75 -21.98
C VAL A 559 -6.33 37.01 -20.60
N SER A 560 -6.40 35.94 -19.81
CA SER A 560 -6.91 36.03 -18.46
C SER A 560 -5.78 36.24 -17.50
N LEU A 561 -6.11 36.56 -16.27
CA LEU A 561 -5.16 36.80 -15.28
C LEU A 561 -4.75 35.48 -14.72
N ALA A 562 -5.55 34.45 -14.95
CA ALA A 562 -5.19 33.13 -14.48
C ALA A 562 -4.10 32.53 -15.35
N ASP A 563 -4.24 32.67 -16.67
CA ASP A 563 -3.20 32.26 -17.57
C ASP A 563 -1.92 33.05 -17.33
N LEU A 564 -2.06 34.28 -16.89
CA LEU A 564 -0.93 35.16 -16.60
C LEU A 564 -0.19 34.87 -15.36
N ILE A 565 -0.84 34.31 -14.36
CA ILE A 565 -0.20 34.03 -13.12
C ILE A 565 0.62 32.79 -13.25
N VAL A 566 0.13 31.89 -14.04
CA VAL A 566 0.77 30.64 -14.23
C VAL A 566 1.91 30.84 -15.15
N LEU A 567 1.72 31.69 -16.11
CA LEU A 567 2.73 32.00 -17.08
C LEU A 567 3.92 32.76 -16.51
N GLY A 568 3.70 33.52 -15.46
CA GLY A 568 4.73 34.23 -14.79
C GLY A 568 5.70 33.23 -14.24
N GLY A 569 5.19 32.15 -13.68
CA GLY A 569 5.98 31.05 -13.15
C GLY A 569 6.78 30.34 -14.22
N VAL A 570 6.14 30.06 -15.36
CA VAL A 570 6.76 29.32 -16.45
C VAL A 570 7.94 30.09 -17.02
N ALA A 571 7.71 31.38 -17.30
CA ALA A 571 8.74 32.27 -17.80
C ALA A 571 9.94 32.26 -16.86
N ALA A 572 9.68 32.55 -15.61
CA ALA A 572 10.69 32.59 -14.58
C ALA A 572 11.35 31.25 -14.26
N LEU A 573 10.64 30.17 -14.51
CA LEU A 573 11.17 28.88 -14.25
C LEU A 573 12.06 28.54 -15.37
N GLU A 574 11.74 28.99 -16.57
CA GLU A 574 12.58 28.72 -17.70
C GLU A 574 13.88 29.49 -17.60
N GLN A 575 13.80 30.71 -17.14
CA GLN A 575 14.93 31.55 -16.98
C GLN A 575 15.96 30.97 -16.06
N ALA A 576 15.47 30.30 -15.05
CA ALA A 576 16.29 29.78 -13.97
C ALA A 576 16.64 28.32 -14.16
N SER A 577 16.26 27.70 -15.28
CA SER A 577 16.54 26.30 -15.45
C SER A 577 17.28 26.07 -16.76
N GLY A 578 16.95 26.88 -17.75
CA GLY A 578 17.46 26.71 -19.10
C GLY A 578 16.71 25.67 -19.88
N LEU A 579 15.60 25.26 -19.35
CA LEU A 579 14.77 24.29 -19.95
C LEU A 579 13.49 24.89 -20.42
N VAL A 580 12.84 24.21 -21.33
CA VAL A 580 11.57 24.64 -21.85
C VAL A 580 10.57 24.06 -20.89
N VAL A 581 9.78 24.89 -20.27
CA VAL A 581 8.78 24.46 -19.36
C VAL A 581 7.46 24.47 -20.09
N PRO A 582 6.77 23.27 -20.13
CA PRO A 582 5.49 23.31 -20.84
C PRO A 582 4.51 24.31 -20.33
N PHE A 583 3.43 24.51 -21.04
CA PHE A 583 2.43 25.46 -20.58
C PHE A 583 1.15 25.29 -21.37
N THR A 584 0.02 25.19 -20.68
CA THR A 584 -1.27 25.04 -21.37
C THR A 584 -2.18 26.23 -21.05
N PRO A 585 -2.54 27.03 -22.04
CA PRO A 585 -3.43 28.15 -21.77
C PRO A 585 -4.87 27.74 -21.88
N GLY A 586 -5.78 28.64 -21.64
CA GLY A 586 -7.19 28.35 -21.58
C GLY A 586 -7.88 28.64 -20.26
N ARG A 587 -7.13 28.98 -19.22
CA ARG A 587 -7.71 29.35 -17.95
C ARG A 587 -8.50 30.62 -18.02
N ASN A 588 -9.56 30.68 -17.27
CA ASN A 588 -10.38 31.89 -17.28
C ASN A 588 -10.45 32.49 -15.90
N ASP A 589 -10.80 33.76 -15.80
CA ASP A 589 -10.88 34.43 -14.52
C ASP A 589 -12.20 34.19 -13.90
N ALA A 590 -12.26 34.29 -12.60
CA ALA A 590 -13.50 34.08 -11.87
C ALA A 590 -13.86 35.32 -11.07
N THR A 591 -15.14 35.48 -10.78
CA THR A 591 -15.62 36.67 -10.07
C THR A 591 -15.91 36.36 -8.62
N GLN A 592 -16.02 37.41 -7.81
CA GLN A 592 -16.26 37.26 -6.37
C GLN A 592 -17.68 36.81 -6.03
N GLU A 593 -18.58 36.94 -6.97
CA GLU A 593 -19.95 36.56 -6.74
C GLU A 593 -20.03 35.07 -6.65
N HIS A 594 -19.07 34.41 -7.26
CA HIS A 594 -18.95 32.98 -7.28
C HIS A 594 -17.76 32.53 -6.49
N THR A 595 -17.57 33.16 -5.35
CA THR A 595 -16.46 32.81 -4.52
C THR A 595 -16.84 33.09 -3.14
N ASP A 596 -17.67 32.20 -2.63
CA ASP A 596 -18.18 32.24 -1.29
C ASP A 596 -17.04 32.21 -0.33
N VAL A 597 -16.94 33.24 0.47
CA VAL A 597 -15.86 33.38 1.38
C VAL A 597 -15.86 32.40 2.52
N HIS A 598 -16.98 31.77 2.82
CA HIS A 598 -16.98 30.85 3.88
C HIS A 598 -16.46 29.51 3.33
N SER A 599 -16.81 29.14 2.08
CA SER A 599 -16.30 27.90 1.45
C SER A 599 -14.78 27.82 1.43
N PHE A 600 -14.15 28.93 1.05
CA PHE A 600 -12.73 28.93 0.85
C PHE A 600 -11.91 29.11 2.07
N THR A 601 -12.58 29.31 3.17
CA THR A 601 -11.88 29.46 4.43
C THR A 601 -11.26 28.14 4.89
N HIS A 602 -11.82 27.04 4.39
CA HIS A 602 -11.40 25.70 4.77
C HIS A 602 -10.21 25.21 4.03
N LEU A 603 -9.82 25.89 2.99
CA LEU A 603 -8.68 25.51 2.19
C LEU A 603 -7.39 26.14 2.69
N GLU A 604 -7.47 27.06 3.61
CA GLU A 604 -6.33 27.72 4.15
C GLU A 604 -5.55 26.74 4.93
N PRO A 605 -4.26 26.58 4.67
CA PRO A 605 -3.52 25.57 5.42
C PRO A 605 -3.14 26.02 6.81
N HIS A 606 -3.00 25.07 7.72
CA HIS A 606 -2.50 25.34 9.03
C HIS A 606 -0.99 25.32 8.92
N ALA A 607 -0.48 24.43 8.06
CA ALA A 607 0.94 24.30 7.82
C ALA A 607 1.19 23.92 6.38
N ASP A 608 2.14 24.56 5.75
CA ASP A 608 2.44 24.23 4.39
C ASP A 608 3.95 24.06 4.14
N GLY A 609 4.43 22.84 4.18
CA GLY A 609 5.85 22.57 4.00
C GLY A 609 6.45 22.94 2.68
N PHE A 610 5.65 23.02 1.65
CA PHE A 610 6.14 23.44 0.35
C PHE A 610 6.60 24.91 0.37
N ARG A 611 6.00 25.73 1.25
CA ARG A 611 6.36 27.13 1.39
C ARG A 611 6.96 27.46 2.75
N SER A 612 7.44 26.42 3.46
CA SER A 612 8.05 26.58 4.79
C SER A 612 7.15 27.43 5.68
N TYR A 613 5.89 27.00 5.79
CA TYR A 613 4.88 27.77 6.51
C TYR A 613 4.27 26.92 7.61
N GLY A 614 4.11 27.48 8.79
CA GLY A 614 3.48 26.79 9.88
C GLY A 614 4.27 25.78 10.62
N LYS A 615 3.66 25.20 11.61
CA LYS A 615 4.30 24.18 12.38
C LYS A 615 3.29 23.22 12.97
N GLY A 616 3.77 22.11 13.47
CA GLY A 616 2.92 21.10 14.04
C GLY A 616 2.16 21.42 15.30
N THR A 617 1.24 20.52 15.57
CA THR A 617 0.46 20.60 16.73
C THR A 617 0.94 19.51 17.63
N LYS A 618 0.21 19.33 18.69
CA LYS A 618 0.53 18.37 19.68
C LYS A 618 0.13 17.02 19.24
N ARG A 619 -0.75 16.94 18.26
CA ARG A 619 -1.17 15.69 17.72
C ARG A 619 -0.55 15.35 16.33
N VAL A 620 -0.14 16.36 15.57
CA VAL A 620 0.42 16.16 14.25
C VAL A 620 1.71 16.93 14.06
N ARG A 621 2.74 16.23 13.57
CA ARG A 621 4.02 16.84 13.33
C ARG A 621 4.04 17.54 11.99
N THR A 622 4.91 18.54 11.87
CA THR A 622 5.08 19.30 10.64
C THR A 622 5.12 18.38 9.44
N GLU A 623 5.93 17.31 9.51
CA GLU A 623 6.11 16.45 8.35
C GLU A 623 4.89 15.62 8.02
N GLN A 624 3.97 15.51 8.97
CA GLN A 624 2.73 14.81 8.73
C GLN A 624 1.83 15.73 7.96
N PHE A 625 1.90 17.03 8.18
CA PHE A 625 1.08 17.96 7.46
C PHE A 625 1.49 18.06 5.98
N LEU A 626 2.75 17.84 5.69
CA LEU A 626 3.25 17.88 4.35
C LEU A 626 2.88 16.67 3.56
N ILE A 627 2.83 15.52 4.19
CA ILE A 627 2.46 14.31 3.51
C ILE A 627 1.00 14.36 3.22
N ASP A 628 0.22 14.93 4.13
CA ASP A 628 -1.21 15.11 3.91
C ASP A 628 -1.48 16.09 2.77
N ARG A 629 -0.70 17.17 2.69
CA ARG A 629 -0.89 18.14 1.60
C ARG A 629 -0.43 17.54 0.26
N ALA A 630 0.57 16.67 0.27
CA ALA A 630 0.99 16.05 -0.99
C ALA A 630 -0.11 15.14 -1.53
N SER A 631 -0.75 14.40 -0.63
CA SER A 631 -1.91 13.58 -0.98
C SER A 631 -2.99 14.41 -1.64
N LEU A 632 -3.34 15.53 -1.01
CA LEU A 632 -4.36 16.41 -1.56
C LEU A 632 -3.99 16.90 -2.97
N LEU A 633 -2.71 17.10 -3.23
CA LEU A 633 -2.31 17.51 -4.57
C LEU A 633 -2.04 16.35 -5.51
N THR A 634 -2.36 15.11 -5.09
CA THR A 634 -2.22 13.90 -5.88
C THR A 634 -0.77 13.55 -6.22
N LEU A 635 0.18 14.01 -5.43
CA LEU A 635 1.60 13.84 -5.77
C LEU A 635 2.11 12.48 -5.31
N SER A 636 2.98 11.86 -6.07
CA SER A 636 3.60 10.65 -5.65
C SER A 636 4.71 11.02 -4.71
N ALA A 637 5.37 10.07 -4.08
CA ALA A 637 6.55 10.29 -3.26
C ALA A 637 7.71 10.96 -4.03
N PRO A 638 8.12 10.43 -5.19
CA PRO A 638 9.17 11.13 -5.94
C PRO A 638 8.77 12.56 -6.38
N GLU A 639 7.52 12.74 -6.83
CA GLU A 639 7.06 14.09 -7.18
C GLU A 639 7.12 15.03 -5.98
N LEU A 640 6.72 14.54 -4.81
CA LEU A 640 6.84 15.35 -3.61
C LEU A 640 8.32 15.75 -3.37
N THR A 641 9.22 14.81 -3.54
CA THR A 641 10.62 15.06 -3.26
C THR A 641 11.21 16.10 -4.23
N ALA A 642 11.05 15.87 -5.53
CA ALA A 642 11.47 16.84 -6.54
C ALA A 642 10.95 18.24 -6.23
N LEU A 643 9.68 18.36 -5.87
CA LEU A 643 9.05 19.68 -5.75
C LEU A 643 9.68 20.49 -4.62
N ILE A 644 10.03 19.84 -3.52
CA ILE A 644 10.58 20.57 -2.39
C ILE A 644 12.01 21.01 -2.64
N GLY A 645 12.83 20.12 -3.20
CA GLY A 645 14.18 20.52 -3.57
C GLY A 645 14.19 21.71 -4.52
N GLY A 646 13.28 21.69 -5.49
CA GLY A 646 13.20 22.75 -6.47
C GLY A 646 12.64 24.04 -5.88
N LEU A 647 11.56 23.94 -5.15
CA LEU A 647 10.93 25.14 -4.58
C LEU A 647 11.87 25.82 -3.59
N ARG A 648 12.71 25.06 -2.94
CA ARG A 648 13.61 25.58 -1.96
C ARG A 648 14.82 26.32 -2.55
N VAL A 649 15.49 25.75 -3.54
CA VAL A 649 16.56 26.47 -4.22
C VAL A 649 15.98 27.69 -4.96
N LEU A 650 14.72 27.64 -5.35
CA LEU A 650 14.11 28.79 -6.02
C LEU A 650 13.56 29.84 -5.04
N GLU A 651 13.75 29.64 -3.75
CA GLU A 651 13.37 30.58 -2.74
C GLU A 651 11.89 30.83 -2.60
N ALA A 652 11.13 29.78 -2.53
CA ALA A 652 9.68 29.92 -2.42
C ALA A 652 9.09 29.86 -1.04
N ASN A 653 9.76 30.42 -0.06
CA ASN A 653 9.29 30.46 1.29
C ASN A 653 8.45 31.68 1.50
N TYR A 654 7.34 31.51 2.17
CA TYR A 654 6.40 32.55 2.42
C TYR A 654 6.83 33.89 3.03
N ASP A 655 7.80 33.89 3.91
CA ASP A 655 8.21 35.10 4.54
C ASP A 655 9.61 35.53 4.18
N GLY A 656 10.19 34.84 3.24
CA GLY A 656 11.51 35.17 2.84
C GLY A 656 12.60 34.54 3.63
N SER A 657 12.30 33.55 4.42
CA SER A 657 13.29 32.86 5.25
C SER A 657 14.28 32.04 4.45
N SER A 658 15.38 31.69 5.06
CA SER A 658 16.38 30.94 4.35
C SER A 658 16.38 29.48 4.77
N TYR A 659 15.26 29.05 5.29
CA TYR A 659 15.04 27.70 5.77
C TYR A 659 15.04 26.74 4.63
N GLY A 660 15.99 25.84 4.64
CA GLY A 660 16.09 24.86 3.62
C GLY A 660 16.51 25.31 2.28
N VAL A 661 17.13 26.46 2.17
CA VAL A 661 17.64 26.99 0.92
C VAL A 661 19.10 26.60 0.94
N LEU A 662 19.36 25.36 0.58
CA LEU A 662 20.69 24.73 0.73
C LEU A 662 21.42 24.80 -0.61
N THR A 663 21.72 26.01 -0.97
CA THR A 663 22.36 26.28 -2.17
C THR A 663 23.09 27.54 -1.97
N LYS A 664 24.15 27.64 -2.74
CA LYS A 664 25.00 28.79 -2.79
C LYS A 664 24.50 29.65 -3.89
N THR A 665 23.68 29.12 -4.79
CA THR A 665 23.09 29.89 -5.86
C THR A 665 21.59 29.99 -5.82
N PRO A 666 21.03 30.70 -4.86
CA PRO A 666 19.58 30.82 -4.82
C PRO A 666 19.00 31.47 -6.04
N GLY A 667 17.92 30.90 -6.55
CA GLY A 667 17.22 31.36 -7.72
C GLY A 667 17.56 30.59 -8.95
N LYS A 668 18.44 29.62 -8.78
CA LYS A 668 18.89 28.83 -9.86
C LYS A 668 18.47 27.45 -9.62
N LEU A 669 17.92 26.78 -10.59
CA LEU A 669 17.49 25.46 -10.36
C LEU A 669 18.62 24.46 -10.56
N THR A 670 19.02 23.83 -9.47
CA THR A 670 20.05 22.81 -9.44
C THR A 670 19.59 21.71 -8.49
N ASN A 671 20.38 20.65 -8.37
CA ASN A 671 20.10 19.67 -7.33
C ASN A 671 20.86 19.95 -6.05
N ASP A 672 21.30 21.14 -5.87
CA ASP A 672 22.01 21.53 -4.71
C ASP A 672 21.37 21.15 -3.43
N TYR A 673 20.07 21.22 -3.42
CA TYR A 673 19.33 20.95 -2.19
C TYR A 673 19.63 19.56 -1.65
N PHE A 674 19.52 18.56 -2.52
CA PHE A 674 19.76 17.17 -2.10
C PHE A 674 21.24 16.90 -1.86
N VAL A 675 22.10 17.51 -2.68
CA VAL A 675 23.51 17.35 -2.43
C VAL A 675 23.83 17.80 -0.99
N ASN A 676 23.46 19.00 -0.65
CA ASN A 676 23.85 19.53 0.67
C ASN A 676 23.08 18.87 1.81
N LEU A 677 21.87 18.38 1.54
CA LEU A 677 21.10 17.75 2.60
C LEU A 677 21.70 16.44 3.03
N LEU A 678 22.17 15.66 2.05
CA LEU A 678 22.69 14.33 2.29
C LEU A 678 24.18 14.31 2.53
N ASP A 679 24.81 15.48 2.61
CA ASP A 679 26.24 15.57 2.86
C ASP A 679 26.59 15.07 4.25
N THR A 680 27.44 14.05 4.32
CA THR A 680 27.80 13.45 5.58
C THR A 680 28.70 14.36 6.45
N ASN A 681 29.32 15.40 5.87
CA ASN A 681 30.18 16.31 6.61
C ASN A 681 29.43 17.48 7.25
N THR A 682 28.10 17.44 7.21
CA THR A 682 27.23 18.38 7.89
C THR A 682 26.43 17.67 9.01
N ALA A 683 26.16 18.39 10.09
CA ALA A 683 25.38 17.88 11.21
C ALA A 683 24.33 18.90 11.56
N TRP A 684 23.34 18.47 12.34
CA TRP A 684 22.14 19.26 12.55
C TRP A 684 21.75 19.25 14.03
N LYS A 685 21.71 20.40 14.63
CA LYS A 685 21.36 20.54 15.98
C LYS A 685 20.00 21.18 15.94
N ALA A 686 19.18 20.97 16.94
CA ALA A 686 17.91 21.64 16.96
C ALA A 686 18.30 23.01 17.41
N ALA A 687 17.56 24.01 16.97
CA ALA A 687 17.86 25.38 17.29
C ALA A 687 17.15 25.89 18.49
N ASP A 688 16.34 25.04 19.10
CA ASP A 688 15.65 25.37 20.33
C ASP A 688 15.00 24.16 20.91
N ASN A 689 14.23 24.38 21.95
CA ASN A 689 13.59 23.29 22.67
C ASN A 689 12.33 22.90 22.06
N GLU A 690 12.05 23.48 20.93
CA GLU A 690 10.82 23.24 20.26
C GLU A 690 10.83 22.14 19.28
N GLY A 691 11.92 22.01 18.56
CA GLY A 691 12.03 20.97 17.57
C GLY A 691 11.52 21.32 16.21
N GLU A 692 11.40 22.59 15.87
CA GLU A 692 10.92 22.93 14.54
C GLU A 692 12.00 23.44 13.60
N VAL A 693 12.91 24.29 14.09
CA VAL A 693 13.97 24.87 13.28
C VAL A 693 15.30 24.26 13.70
N PHE A 694 16.20 24.04 12.73
CA PHE A 694 17.47 23.35 12.98
C PHE A 694 18.64 24.09 12.35
N ILE A 695 19.84 23.83 12.87
CA ILE A 695 21.07 24.45 12.35
C ILE A 695 21.96 23.36 11.76
N GLY A 696 22.37 23.54 10.51
CA GLY A 696 23.36 22.68 9.92
C GLY A 696 24.72 23.32 10.08
N TYR A 697 25.68 22.55 10.58
CA TYR A 697 27.03 23.04 10.81
C TYR A 697 28.04 22.02 10.34
N ASP A 698 29.26 22.46 10.12
CA ASP A 698 30.31 21.60 9.68
C ASP A 698 30.74 20.71 10.83
N ARG A 699 31.00 19.44 10.59
CA ARG A 699 31.44 18.56 11.66
C ARG A 699 32.87 18.87 12.14
N LYS A 700 33.78 19.11 11.21
CA LYS A 700 35.17 19.38 11.56
C LYS A 700 35.50 20.76 12.15
N THR A 701 34.95 21.82 11.56
CA THR A 701 35.24 23.16 12.05
C THR A 701 34.11 23.78 12.86
N HIS A 702 33.00 23.09 12.91
CA HIS A 702 31.82 23.56 13.63
C HIS A 702 31.30 24.85 13.09
N ASP A 703 31.72 25.23 11.89
CA ASP A 703 31.22 26.47 11.28
C ASP A 703 29.76 26.33 10.89
N LYS A 704 28.96 27.38 11.11
CA LYS A 704 27.53 27.37 10.76
C LYS A 704 27.29 27.41 9.23
N LYS A 705 26.43 26.56 8.75
CA LYS A 705 26.16 26.37 7.33
C LYS A 705 24.72 26.73 6.97
N TRP A 706 23.73 26.05 7.57
CA TRP A 706 22.36 26.13 7.09
C TRP A 706 21.38 26.30 8.24
N THR A 707 20.14 26.59 7.85
CA THR A 707 18.99 26.53 8.74
C THR A 707 17.88 25.68 8.11
N ALA A 708 17.06 25.01 8.94
CA ALA A 708 16.04 24.16 8.40
C ALA A 708 14.89 23.93 9.33
N THR A 709 13.87 23.28 8.81
CA THR A 709 12.73 22.93 9.59
C THR A 709 12.54 21.48 9.42
N ARG A 710 11.42 20.99 9.89
CA ARG A 710 11.12 19.59 9.85
C ARG A 710 10.72 19.17 8.47
N ALA A 711 10.20 20.09 7.69
CA ALA A 711 9.88 19.82 6.28
C ALA A 711 11.13 19.56 5.44
N ASP A 712 12.29 20.00 5.91
CA ASP A 712 13.54 19.70 5.24
C ASP A 712 14.16 18.39 5.75
N LEU A 713 14.42 18.31 7.05
CA LEU A 713 15.21 17.22 7.62
C LEU A 713 14.55 15.85 7.45
N ILE A 714 13.23 15.80 7.29
CA ILE A 714 12.57 14.51 7.16
C ILE A 714 13.10 13.78 5.90
N PHE A 715 13.53 14.52 4.87
CA PHE A 715 14.08 13.86 3.69
C PHE A 715 15.44 13.23 3.93
N GLY A 716 16.11 13.58 5.02
CA GLY A 716 17.36 12.93 5.37
C GLY A 716 17.13 11.88 6.45
N ALA A 717 16.01 11.98 7.18
CA ALA A 717 15.74 11.10 8.31
C ALA A 717 14.92 9.88 7.91
N HIS A 718 13.85 10.09 7.16
CA HIS A 718 12.98 9.01 6.75
C HIS A 718 13.63 8.18 5.66
N ALA A 719 13.77 6.89 5.90
CA ALA A 719 14.43 5.97 4.98
C ALA A 719 13.94 5.87 3.58
N GLU A 720 12.64 6.02 3.41
CA GLU A 720 12.03 5.94 2.13
C GLU A 720 12.09 7.22 1.37
N LEU A 721 12.02 8.31 2.03
CA LEU A 721 12.24 9.59 1.35
C LEU A 721 13.71 9.79 1.03
N ARG A 722 14.57 9.40 1.94
CA ARG A 722 16.01 9.56 1.70
C ARG A 722 16.44 8.82 0.45
N ALA A 723 15.87 7.64 0.18
CA ALA A 723 16.19 6.93 -1.06
C ALA A 723 15.82 7.75 -2.29
N LEU A 724 14.74 8.52 -2.19
CA LEU A 724 14.35 9.39 -3.30
C LEU A 724 15.37 10.52 -3.47
N ALA A 725 15.67 11.23 -2.37
CA ALA A 725 16.68 12.29 -2.40
C ALA A 725 18.02 11.79 -2.94
N GLU A 726 18.38 10.52 -2.66
CA GLU A 726 19.67 10.02 -3.13
C GLU A 726 19.71 9.96 -4.66
N VAL A 727 18.58 9.74 -5.30
CA VAL A 727 18.56 9.69 -6.76
C VAL A 727 18.93 11.06 -7.32
N TYR A 728 18.36 12.12 -6.75
CA TYR A 728 18.58 13.48 -7.23
C TYR A 728 19.91 14.09 -6.78
N ALA A 729 20.54 13.57 -5.75
CA ALA A 729 21.82 14.06 -5.26
C ALA A 729 23.02 13.38 -5.89
N ALA A 730 22.80 12.46 -6.80
CA ALA A 730 23.85 11.76 -7.46
C ALA A 730 24.61 12.62 -8.43
N VAL A 731 25.89 12.36 -8.60
CA VAL A 731 26.73 13.15 -9.47
C VAL A 731 26.10 13.24 -10.83
N ASP A 732 25.35 12.24 -11.15
CA ASP A 732 24.68 12.18 -12.40
C ASP A 732 23.21 12.47 -12.36
N GLY A 733 22.67 12.93 -11.27
CA GLY A 733 21.25 13.14 -11.22
C GLY A 733 20.63 14.50 -11.33
N GLU A 734 21.39 15.52 -11.69
CA GLU A 734 20.92 16.85 -11.79
C GLU A 734 20.11 17.10 -13.00
N GLU A 735 20.40 16.55 -14.15
CA GLU A 735 19.57 16.83 -15.26
C GLU A 735 18.31 16.06 -15.11
N LYS A 736 18.43 14.85 -14.57
CA LYS A 736 17.25 14.03 -14.31
C LYS A 736 16.30 14.77 -13.37
N PHE A 737 16.84 15.31 -12.28
CA PHE A 737 16.08 16.03 -11.31
C PHE A 737 15.35 17.20 -11.92
N LYS A 738 16.07 18.00 -12.67
CA LYS A 738 15.52 19.17 -13.26
C LYS A 738 14.35 18.87 -14.14
N ARG A 739 14.40 17.75 -14.82
CA ARG A 739 13.34 17.33 -15.67
C ARG A 739 12.19 16.93 -14.83
N ASP A 740 12.43 16.09 -13.87
CA ASP A 740 11.34 15.68 -12.97
C ASP A 740 10.68 16.88 -12.31
N PHE A 741 11.42 17.94 -12.02
CA PHE A 741 10.80 19.11 -11.38
C PHE A 741 9.91 19.92 -12.29
N VAL A 742 10.27 20.01 -13.56
CA VAL A 742 9.45 20.73 -14.50
C VAL A 742 8.28 19.87 -14.85
N ALA A 743 8.43 18.56 -14.86
CA ALA A 743 7.23 17.74 -15.05
C ALA A 743 6.28 17.93 -13.88
N ALA A 744 6.82 17.79 -12.67
CA ALA A 744 6.01 17.90 -11.45
C ALA A 744 5.40 19.29 -11.31
N TRP A 745 6.15 20.31 -11.72
CA TRP A 745 5.62 21.67 -11.72
C TRP A 745 4.44 21.81 -12.69
N HIS A 746 4.60 21.40 -13.92
CA HIS A 746 3.50 21.50 -14.87
C HIS A 746 2.33 20.66 -14.45
N LYS A 747 2.56 19.57 -13.76
CA LYS A 747 1.45 18.77 -13.25
C LYS A 747 0.62 19.56 -12.26
N VAL A 748 1.27 20.18 -11.28
CA VAL A 748 0.55 20.94 -10.26
C VAL A 748 -0.13 22.16 -10.89
N MET A 749 0.41 22.67 -11.99
CA MET A 749 -0.21 23.82 -12.62
C MET A 749 -1.52 23.47 -13.32
N ASN A 750 -1.81 22.23 -13.63
CA ASN A 750 -3.02 21.96 -14.32
C ASN A 750 -3.97 21.04 -13.56
N LEU A 751 -3.87 21.02 -12.26
CA LEU A 751 -4.65 20.12 -11.43
C LEU A 751 -6.12 20.26 -11.51
N ASP A 752 -6.62 21.44 -11.82
CA ASP A 752 -8.03 21.65 -11.92
C ASP A 752 -8.53 21.76 -13.34
N ARG A 753 -7.69 21.52 -14.31
CA ARG A 753 -8.10 21.66 -15.65
C ARG A 753 -8.86 20.46 -16.14
N PHE A 754 -10.09 20.38 -15.68
CA PHE A 754 -10.95 19.33 -16.06
C PHE A 754 -11.56 19.68 -17.41
N ASP A 755 -11.59 20.98 -17.72
CA ASP A 755 -12.07 21.56 -18.97
C ASP A 755 -11.30 21.16 -20.16
N LEU A 756 -10.22 20.46 -19.91
CA LEU A 756 -9.28 20.06 -20.91
C LEU A 756 -9.78 18.74 -21.28
N ARG B 22 0.22 7.82 13.42
CA ARG B 22 -0.51 7.76 14.67
C ARG B 22 -1.85 8.32 14.45
N LYS B 23 -2.73 8.07 15.40
CA LYS B 23 -4.06 8.60 15.39
C LYS B 23 -4.00 10.10 15.78
N SER B 24 -3.61 10.89 14.78
CA SER B 24 -3.50 12.32 14.83
C SER B 24 -4.41 12.81 13.71
N ASN B 25 -5.12 13.89 13.97
CA ASN B 25 -6.12 14.45 13.11
C ASN B 25 -5.89 14.95 11.70
N VAL B 26 -5.26 14.15 10.88
CA VAL B 26 -4.98 14.55 9.52
C VAL B 26 -4.87 13.36 8.60
N GLY B 27 -4.68 13.61 7.32
CA GLY B 27 -4.53 12.56 6.34
C GLY B 27 -3.34 11.70 6.72
N GLY B 28 -3.60 10.42 6.88
CA GLY B 28 -2.58 9.49 7.26
C GLY B 28 -2.92 8.93 8.59
N GLY B 29 -3.46 9.77 9.47
CA GLY B 29 -3.82 9.36 10.80
C GLY B 29 -5.12 8.68 11.12
N GLY B 30 -5.28 8.35 12.39
CA GLY B 30 -6.45 7.71 12.93
C GLY B 30 -6.48 6.20 12.92
N THR B 31 -7.56 5.63 13.45
CA THR B 31 -7.73 4.21 13.47
C THR B 31 -7.94 3.67 12.07
N ARG B 32 -7.25 2.57 11.83
CA ARG B 32 -7.28 1.93 10.54
C ARG B 32 -8.06 0.63 10.60
N ASN B 33 -8.30 0.12 9.41
CA ASN B 33 -9.01 -1.09 9.17
C ASN B 33 -8.34 -2.27 9.79
N HIS B 34 -7.04 -2.25 9.89
CA HIS B 34 -6.28 -3.32 10.51
C HIS B 34 -6.41 -3.26 12.00
N ASP B 35 -6.98 -2.16 12.48
CA ASP B 35 -7.20 -1.92 13.87
C ASP B 35 -8.52 -2.55 14.33
N TRP B 36 -9.58 -2.32 13.56
CA TRP B 36 -10.93 -2.84 13.80
C TRP B 36 -11.04 -4.33 13.49
N TRP B 37 -10.28 -4.83 12.53
CA TRP B 37 -10.42 -6.20 12.05
C TRP B 37 -9.05 -6.85 11.90
N PRO B 38 -8.42 -7.23 13.02
CA PRO B 38 -7.08 -7.87 12.94
C PRO B 38 -7.06 -9.19 12.21
N ALA B 39 -8.17 -9.92 12.24
CA ALA B 39 -8.24 -11.22 11.58
C ALA B 39 -8.46 -11.10 10.08
N GLN B 40 -8.87 -9.94 9.61
CA GLN B 40 -9.17 -9.80 8.21
C GLN B 40 -8.06 -9.93 7.19
N LEU B 41 -8.44 -10.53 6.09
CA LEU B 41 -7.50 -10.71 4.99
C LEU B 41 -7.19 -9.43 4.27
N ARG B 42 -5.92 -9.19 4.02
CA ARG B 42 -5.47 -8.01 3.39
C ARG B 42 -4.70 -8.35 2.15
N LEU B 43 -4.94 -7.53 1.14
CA LEU B 43 -4.35 -7.70 -0.17
C LEU B 43 -3.18 -6.77 -0.45
N ASN B 44 -2.55 -6.25 0.60
CA ASN B 44 -1.50 -5.25 0.42
C ASN B 44 -0.31 -5.81 -0.30
N ILE B 45 0.07 -7.06 0.00
CA ILE B 45 1.26 -7.62 -0.62
C ILE B 45 1.14 -7.83 -2.13
N LEU B 46 -0.06 -7.69 -2.68
CA LEU B 46 -0.25 -7.69 -4.13
C LEU B 46 -0.25 -6.30 -4.73
N ARG B 47 0.07 -5.31 -3.95
CA ARG B 47 0.10 -3.99 -4.46
C ARG B 47 1.39 -3.29 -4.17
N GLN B 48 2.49 -4.02 -4.03
CA GLN B 48 3.72 -3.38 -3.66
C GLN B 48 4.63 -3.10 -4.81
N HIS B 49 5.64 -2.34 -4.55
CA HIS B 49 6.64 -2.08 -5.54
C HIS B 49 6.11 -1.65 -6.88
N THR B 50 5.23 -0.68 -6.85
CA THR B 50 4.61 -0.11 -8.02
C THR B 50 5.52 0.98 -8.59
N PRO B 51 5.34 1.32 -9.89
CA PRO B 51 6.16 2.38 -10.46
C PRO B 51 6.01 3.71 -9.78
N VAL B 52 4.83 3.98 -9.27
CA VAL B 52 4.55 5.26 -8.71
C VAL B 52 5.51 5.64 -7.65
N SER B 53 6.01 4.67 -6.92
CA SER B 53 6.93 4.96 -5.88
C SER B 53 8.42 4.90 -6.20
N ASN B 54 8.73 4.51 -7.43
CA ASN B 54 10.05 4.42 -8.00
C ASN B 54 10.32 5.76 -8.71
N PRO B 55 11.44 6.38 -8.41
CA PRO B 55 11.75 7.69 -9.02
C PRO B 55 12.34 7.56 -10.43
N LEU B 56 12.96 6.46 -10.74
CA LEU B 56 13.59 6.29 -12.02
C LEU B 56 12.68 6.39 -13.23
N ASP B 57 13.32 6.63 -14.36
CA ASP B 57 12.69 6.79 -15.64
C ASP B 57 12.07 5.51 -16.17
N LYS B 58 10.79 5.67 -16.54
CA LYS B 58 9.96 4.59 -17.04
C LYS B 58 10.72 3.50 -17.80
N ASP B 59 11.75 3.88 -18.53
CA ASP B 59 12.49 2.91 -19.27
C ASP B 59 13.83 2.49 -18.68
N PHE B 60 14.04 2.67 -17.39
CA PHE B 60 15.30 2.32 -16.79
C PHE B 60 15.55 0.86 -16.75
N ASP B 61 16.71 0.48 -17.21
CA ASP B 61 17.13 -0.88 -17.20
C ASP B 61 18.41 -0.96 -16.42
N TYR B 62 18.33 -1.51 -15.23
CA TYR B 62 19.48 -1.61 -14.34
C TYR B 62 20.59 -2.51 -14.83
N ALA B 63 20.21 -3.60 -15.41
CA ALA B 63 21.19 -4.50 -16.01
C ALA B 63 22.05 -3.79 -17.04
N ALA B 64 21.43 -3.00 -17.90
CA ALA B 64 22.21 -2.24 -18.87
C ALA B 64 23.05 -1.18 -18.18
N ALA B 65 22.51 -0.53 -17.16
CA ALA B 65 23.27 0.53 -16.47
C ALA B 65 24.45 -0.05 -15.69
N PHE B 66 24.29 -1.22 -15.12
CA PHE B 66 25.35 -1.87 -14.38
C PHE B 66 26.46 -2.36 -15.34
N LYS B 67 26.10 -2.76 -16.51
CA LYS B 67 27.10 -3.15 -17.47
C LYS B 67 27.96 -2.02 -17.99
N SER B 68 27.50 -0.80 -17.85
CA SER B 68 28.22 0.33 -18.31
C SER B 68 29.03 0.90 -17.22
N LEU B 69 29.07 0.23 -16.10
CA LEU B 69 29.76 0.70 -14.97
C LEU B 69 31.23 0.44 -15.05
N ASP B 70 32.03 1.34 -14.50
CA ASP B 70 33.46 1.21 -14.46
C ASP B 70 33.65 0.46 -13.19
N TYR B 71 33.49 -0.85 -13.32
CA TYR B 71 33.55 -1.81 -12.25
C TYR B 71 34.85 -1.87 -11.48
N GLU B 72 35.97 -1.78 -12.15
CA GLU B 72 37.24 -1.80 -11.47
C GLU B 72 37.51 -0.46 -10.84
N GLY B 73 36.77 0.53 -11.29
CA GLY B 73 36.88 1.85 -10.75
C GLY B 73 36.26 1.87 -9.42
N LEU B 74 35.11 1.26 -9.34
CA LEU B 74 34.38 1.13 -8.14
C LEU B 74 35.12 0.36 -7.07
N LYS B 75 35.72 -0.75 -7.44
CA LYS B 75 36.46 -1.58 -6.52
C LYS B 75 37.64 -0.91 -5.89
N LYS B 76 38.30 -0.06 -6.63
CA LYS B 76 39.43 0.67 -6.16
C LYS B 76 39.02 1.67 -5.16
N ASP B 77 37.92 2.32 -5.44
CA ASP B 77 37.26 3.31 -4.63
C ASP B 77 36.87 2.76 -3.28
N LEU B 78 36.44 1.51 -3.29
CA LEU B 78 36.03 0.74 -2.14
C LEU B 78 37.19 0.29 -1.28
N THR B 79 38.28 -0.06 -1.90
CA THR B 79 39.52 -0.42 -1.35
C THR B 79 40.12 0.75 -0.70
N LYS B 80 39.88 1.92 -1.25
CA LYS B 80 40.37 3.14 -0.71
C LYS B 80 39.66 3.54 0.55
N LEU B 81 38.35 3.38 0.53
CA LEU B 81 37.46 3.64 1.65
C LEU B 81 37.79 2.79 2.87
N MET B 82 38.39 1.65 2.61
CA MET B 82 38.75 0.72 3.64
C MET B 82 39.65 1.28 4.71
N THR B 83 40.56 2.14 4.33
CA THR B 83 41.53 2.77 5.26
C THR B 83 41.31 4.26 5.41
N ASP B 84 40.19 4.75 4.95
CA ASP B 84 39.83 6.15 5.02
C ASP B 84 38.98 6.48 6.28
N SER B 85 39.56 6.44 7.47
CA SER B 85 38.86 6.74 8.73
C SER B 85 38.21 8.13 8.81
N GLN B 86 36.89 8.12 9.00
CA GLN B 86 36.08 9.28 9.14
C GLN B 86 35.98 9.55 10.61
N ASP B 87 36.04 10.80 11.04
CA ASP B 87 36.08 11.12 12.46
C ASP B 87 34.78 10.85 13.15
N TRP B 88 33.71 10.85 12.37
CA TRP B 88 32.35 10.60 12.86
C TRP B 88 32.04 9.16 13.17
N TRP B 89 32.82 8.26 12.60
CA TRP B 89 32.74 6.84 12.82
C TRP B 89 34.05 6.25 12.49
N PRO B 90 34.99 6.40 13.46
CA PRO B 90 36.32 5.86 13.14
C PRO B 90 36.43 4.39 12.78
N ALA B 91 37.43 4.07 11.99
CA ALA B 91 37.70 2.70 11.59
C ALA B 91 38.48 2.00 12.66
N ASP B 92 38.07 0.79 13.00
CA ASP B 92 38.75 0.00 14.01
C ASP B 92 39.98 -0.49 13.34
N PHE B 93 41.12 -0.38 13.99
CA PHE B 93 42.40 -0.85 13.45
C PHE B 93 42.82 -0.10 12.22
N GLY B 94 42.12 0.96 11.92
CA GLY B 94 42.34 1.72 10.74
C GLY B 94 41.80 1.08 9.49
N HIS B 95 40.96 0.08 9.63
CA HIS B 95 40.41 -0.64 8.52
C HIS B 95 38.94 -1.06 8.75
N TYR B 96 38.05 -0.56 7.93
CA TYR B 96 36.64 -0.87 7.98
C TYR B 96 36.11 -2.22 7.47
N GLY B 97 36.97 -3.16 7.10
CA GLY B 97 36.61 -4.47 6.63
C GLY B 97 35.72 -5.30 7.48
N GLY B 98 36.03 -5.41 8.77
CA GLY B 98 35.20 -6.14 9.68
C GLY B 98 33.81 -5.63 9.69
N LEU B 99 33.64 -4.35 9.83
CA LEU B 99 32.35 -3.72 9.80
C LEU B 99 31.62 -3.99 8.48
N PHE B 100 32.31 -3.86 7.37
CA PHE B 100 31.72 -4.12 6.07
C PHE B 100 31.40 -5.57 5.81
N ILE B 101 32.16 -6.49 6.40
CA ILE B 101 31.89 -7.91 6.28
C ILE B 101 30.65 -8.23 7.09
N ARG B 102 30.51 -7.69 8.26
CA ARG B 102 29.34 -7.89 9.05
C ARG B 102 28.17 -7.21 8.35
N MET B 103 28.33 -6.02 7.80
CA MET B 103 27.27 -5.37 7.02
C MET B 103 26.73 -6.31 5.94
N ALA B 104 27.60 -6.78 5.04
CA ALA B 104 27.14 -7.67 3.98
C ALA B 104 26.63 -9.00 4.53
N TOX B 105 27.24 -9.69 5.45
CA TOX B 105 26.71 -10.88 6.08
CB TOX B 105 27.73 -11.49 7.07
CG TOX B 105 27.10 -12.03 8.35
CD1 TOX B 105 27.25 -11.53 9.63
NE1 TOX B 105 26.51 -12.32 10.43
CE2 TOX B 105 25.85 -13.28 9.79
CD2 TOX B 105 26.21 -13.14 8.43
CE3 TOX B 105 25.73 -13.99 7.47
CZ3 TOX B 105 24.85 -15.00 7.87
CH2 TOX B 105 24.47 -15.19 9.21
CZ2 TOX B 105 25.01 -14.31 10.17
C TOX B 105 25.42 -10.47 6.75
O TOX B 105 24.38 -11.36 6.48
O2 TOX B 105 27.08 -11.18 12.44
O1 TOX B 105 26.39 -12.18 11.74
N HIS B 106 24.94 -9.32 7.28
CA HIS B 106 23.58 -9.10 7.78
C HIS B 106 22.61 -8.83 6.64
N SER B 107 23.10 -8.23 5.59
CA SER B 107 22.25 -7.96 4.52
C SER B 107 21.76 -9.29 3.99
N ALA B 108 22.69 -10.18 3.66
CA ALA B 108 22.42 -11.49 3.14
C ALA B 108 21.87 -12.51 4.07
N GLY B 109 22.18 -12.41 5.34
CA GLY B 109 21.73 -13.34 6.33
C GLY B 109 20.34 -13.39 6.91
N THR B 110 19.38 -12.72 6.32
CA THR B 110 18.04 -12.75 6.81
C THR B 110 17.24 -13.78 6.06
N TYR B 111 17.91 -14.41 5.10
CA TYR B 111 17.38 -15.43 4.24
C TYR B 111 16.93 -16.70 4.87
N ARG B 112 15.82 -17.22 4.45
CA ARG B 112 15.34 -18.41 5.00
C ARG B 112 14.88 -19.23 3.82
N VAL B 113 15.28 -20.48 3.74
CA VAL B 113 14.89 -21.36 2.64
C VAL B 113 13.48 -21.80 2.61
N THR B 114 12.79 -21.68 3.71
CA THR B 114 11.41 -22.05 3.87
C THR B 114 10.47 -21.39 2.88
N ASP B 115 10.43 -20.07 2.83
CA ASP B 115 9.65 -19.40 1.80
C ASP B 115 10.52 -18.62 0.80
N GLY B 116 11.82 -18.64 0.98
CA GLY B 116 12.70 -17.95 0.05
C GLY B 116 12.81 -16.46 0.26
N ARG B 117 12.07 -15.92 1.22
CA ARG B 117 12.08 -14.50 1.49
C ARG B 117 13.37 -14.14 2.26
N GLY B 118 13.59 -12.86 2.43
CA GLY B 118 14.78 -12.38 3.06
C GLY B 118 15.97 -12.32 2.10
N GLY B 119 17.13 -12.12 2.71
CA GLY B 119 18.36 -11.99 1.92
C GLY B 119 18.63 -10.56 1.48
N GLY B 120 19.76 -10.41 0.78
CA GLY B 120 20.20 -9.14 0.26
C GLY B 120 19.81 -8.80 -1.16
N GLY B 121 18.90 -9.53 -1.75
CA GLY B 121 18.56 -9.33 -3.17
C GLY B 121 17.93 -8.01 -3.47
N GLU B 122 17.33 -7.37 -2.50
CA GLU B 122 16.65 -6.14 -2.71
C GLU B 122 17.07 -5.01 -1.85
N GLY B 123 18.16 -5.18 -1.13
CA GLY B 123 18.70 -4.17 -0.23
C GLY B 123 17.75 -3.64 0.82
N GLN B 124 16.93 -4.50 1.34
CA GLN B 124 15.93 -4.16 2.34
C GLN B 124 16.54 -3.72 3.67
N GLN B 125 17.86 -3.83 3.85
CA GLN B 125 18.49 -3.41 5.09
C GLN B 125 18.36 -1.90 5.32
N ARG B 126 18.14 -1.13 4.30
CA ARG B 126 17.95 0.26 4.44
C ARG B 126 16.55 0.71 4.78
N PHE B 127 15.62 -0.19 4.83
CA PHE B 127 14.28 0.10 5.21
C PHE B 127 13.94 -0.57 6.51
N ALA B 128 12.81 -0.23 7.10
CA ALA B 128 12.29 -0.85 8.25
C ALA B 128 11.66 -2.19 7.86
N PRO B 129 11.68 -3.25 8.74
CA PRO B 129 12.32 -3.05 10.03
C PRO B 129 13.76 -3.44 10.12
N LEU B 130 14.35 -4.00 9.07
CA LEU B 130 15.74 -4.43 9.08
C LEU B 130 16.72 -3.35 9.52
N ASN B 131 16.46 -2.11 9.14
CA ASN B 131 17.34 -1.04 9.48
C ASN B 131 17.48 -0.73 10.93
N SER B 132 16.53 -1.19 11.73
CA SER B 132 16.42 -0.89 13.16
C SER B 132 16.40 -2.15 14.01
N TRP B 133 16.83 -3.27 13.45
CA TRP B 133 16.90 -4.53 14.19
C TRP B 133 17.97 -4.48 15.27
N PRO B 134 17.77 -5.22 16.36
CA PRO B 134 18.80 -5.25 17.40
C PRO B 134 20.12 -5.84 16.94
N ASP B 135 20.13 -6.61 15.85
CA ASP B 135 21.38 -7.12 15.31
C ASP B 135 22.06 -6.14 14.35
N ASN B 136 21.33 -5.13 13.92
CA ASN B 136 21.84 -4.23 12.96
C ASN B 136 22.38 -2.91 13.45
N VAL B 137 22.65 -2.81 14.71
CA VAL B 137 23.24 -1.64 15.25
C VAL B 137 24.57 -1.35 14.57
N SER B 138 24.79 -0.07 14.34
CA SER B 138 25.99 0.46 13.74
C SER B 138 26.15 0.14 12.28
N LEU B 139 25.20 -0.60 11.73
CA LEU B 139 25.20 -0.92 10.34
C LEU B 139 24.62 0.25 9.59
N ASP B 140 23.96 1.15 10.32
CA ASP B 140 23.44 2.40 9.81
C ASP B 140 24.60 3.30 9.42
N LYS B 141 25.62 3.33 10.25
CA LYS B 141 26.83 4.03 10.02
C LYS B 141 27.65 3.38 8.91
N ALA B 142 27.60 2.07 8.76
CA ALA B 142 28.32 1.40 7.71
C ALA B 142 27.80 1.76 6.36
N ARG B 143 26.52 1.98 6.26
CA ARG B 143 25.84 2.34 5.02
C ARG B 143 26.08 3.83 4.76
N ARG B 144 26.11 4.66 5.81
CA ARG B 144 26.38 6.06 5.58
C ARG B 144 27.81 6.30 5.08
N LEU B 145 28.71 5.42 5.45
CA LEU B 145 30.08 5.50 5.02
C LEU B 145 30.21 5.27 3.54
N LEU B 146 29.26 4.61 2.98
CA LEU B 146 29.24 4.32 1.55
C LEU B 146 28.47 5.35 0.71
N TRP B 147 27.79 6.32 1.30
CA TRP B 147 27.04 7.24 0.49
C TRP B 147 27.92 8.01 -0.50
N PRO B 148 29.12 8.52 -0.07
CA PRO B 148 29.89 9.23 -1.10
C PRO B 148 30.15 8.45 -2.37
N ILE B 149 30.50 7.20 -2.25
CA ILE B 149 30.74 6.33 -3.36
C ILE B 149 29.44 6.07 -4.09
N LYS B 150 28.31 5.94 -3.43
CA LYS B 150 27.05 5.74 -4.08
C LYS B 150 26.71 7.00 -4.85
N GLN B 151 26.95 8.14 -4.28
CA GLN B 151 26.69 9.37 -4.97
C GLN B 151 27.45 9.47 -6.30
N LYS B 152 28.69 8.99 -6.31
CA LYS B 152 29.53 9.05 -7.50
C LYS B 152 29.13 8.11 -8.64
N TYR B 153 28.80 6.87 -8.31
CA TYR B 153 28.44 5.92 -9.32
C TYR B 153 27.03 6.09 -9.74
N GLY B 154 26.28 6.86 -9.02
CA GLY B 154 24.94 7.14 -9.49
C GLY B 154 24.06 5.92 -9.58
N ASN B 155 23.24 5.79 -10.62
CA ASN B 155 22.40 4.62 -10.81
C ASN B 155 22.97 3.41 -11.51
N LYS B 156 24.26 3.31 -11.60
CA LYS B 156 24.89 2.18 -12.23
C LYS B 156 25.30 1.15 -11.24
N ILE B 157 25.15 1.47 -9.99
CA ILE B 157 25.37 0.55 -8.92
C ILE B 157 24.20 0.81 -8.00
N SER B 158 23.65 -0.26 -7.55
CA SER B 158 22.52 -0.28 -6.64
C SER B 158 22.99 -0.56 -5.22
N TRP B 159 22.33 0.04 -4.24
CA TRP B 159 22.58 -0.29 -2.86
C TRP B 159 22.58 -1.82 -2.67
N SER B 160 21.65 -2.50 -3.36
CA SER B 160 21.53 -3.95 -3.22
C SER B 160 22.83 -4.67 -3.59
N ASP B 161 23.46 -4.23 -4.67
CA ASP B 161 24.69 -4.78 -5.13
C ASP B 161 25.90 -4.18 -4.41
N LEU B 162 25.86 -2.93 -4.04
CA LEU B 162 26.95 -2.31 -3.38
C LEU B 162 27.20 -2.81 -1.98
N LEU B 163 26.13 -3.08 -1.28
CA LEU B 163 26.26 -3.58 0.07
C LEU B 163 27.03 -4.90 0.11
N LEU B 164 26.79 -5.76 -0.87
CA LEU B 164 27.42 -7.07 -0.92
C LEU B 164 28.80 -7.05 -1.54
N LEU B 165 29.03 -6.17 -2.51
CA LEU B 165 30.28 -6.10 -3.14
C LEU B 165 31.24 -5.40 -2.24
N THR B 166 30.76 -4.68 -1.27
CA THR B 166 31.60 -3.98 -0.33
C THR B 166 32.22 -5.02 0.60
N GLY B 167 31.51 -6.09 0.87
CA GLY B 167 32.01 -7.14 1.70
C GLY B 167 33.00 -8.04 1.00
N ASN B 168 32.94 -8.06 -0.29
CA ASN B 168 33.83 -8.82 -1.11
C ASN B 168 35.14 -8.13 -1.22
N VAL B 169 35.08 -6.84 -1.42
CA VAL B 169 36.21 -5.99 -1.57
C VAL B 169 36.94 -5.91 -0.26
N ALA B 170 36.21 -5.93 0.83
CA ALA B 170 36.79 -5.95 2.13
C ALA B 170 37.61 -7.18 2.34
N LEU B 171 37.13 -8.33 1.90
CA LEU B 171 37.85 -9.57 2.06
C LEU B 171 39.08 -9.64 1.17
N GLU B 172 38.97 -9.14 -0.04
CA GLU B 172 40.06 -9.05 -1.02
C GLU B 172 41.09 -8.03 -0.60
N SER B 173 40.70 -7.06 0.23
CA SER B 173 41.63 -6.07 0.66
C SER B 173 42.44 -6.55 1.78
N MET B 174 41.95 -7.55 2.47
CA MET B 174 42.62 -8.08 3.60
C MET B 174 43.30 -9.40 3.34
N GLY B 175 43.55 -9.64 2.07
CA GLY B 175 44.21 -10.81 1.61
C GLY B 175 43.43 -12.09 1.35
N PHE B 176 42.13 -12.01 1.29
CA PHE B 176 41.35 -13.17 1.05
C PHE B 176 40.86 -13.23 -0.38
N LYS B 177 41.02 -14.41 -0.97
CA LYS B 177 40.65 -14.63 -2.37
C LYS B 177 39.21 -15.07 -2.51
N THR B 178 38.40 -14.20 -3.09
CA THR B 178 37.03 -14.51 -3.29
C THR B 178 36.84 -15.41 -4.48
N PHE B 179 35.68 -16.03 -4.49
CA PHE B 179 35.28 -16.93 -5.50
C PHE B 179 34.65 -16.22 -6.69
N GLY B 180 33.90 -15.18 -6.46
CA GLY B 180 33.26 -14.48 -7.52
C GLY B 180 32.30 -13.49 -6.99
N PHE B 181 31.57 -12.88 -7.89
CA PHE B 181 30.59 -11.95 -7.56
C PHE B 181 29.73 -11.70 -8.75
N ALA B 182 28.43 -11.71 -8.57
CA ALA B 182 27.52 -11.39 -9.61
C ALA B 182 26.71 -10.24 -9.14
N GLY B 183 26.52 -9.26 -10.01
CA GLY B 183 25.61 -8.17 -9.73
C GLY B 183 24.36 -8.29 -10.57
N GLY B 184 23.47 -7.32 -10.37
CA GLY B 184 22.21 -7.29 -11.07
C GLY B 184 21.02 -7.08 -10.16
N ARG B 185 21.27 -7.06 -8.87
CA ARG B 185 20.23 -6.90 -7.91
C ARG B 185 19.69 -5.53 -8.04
N PRO B 186 18.41 -5.33 -8.22
CA PRO B 186 17.96 -3.97 -8.33
C PRO B 186 17.59 -3.44 -7.01
N ASP B 187 17.26 -2.20 -6.98
CA ASP B 187 16.87 -1.55 -5.78
C ASP B 187 15.41 -1.48 -5.56
N THR B 188 15.00 -1.52 -4.31
CA THR B 188 13.61 -1.41 -3.93
C THR B 188 13.37 -0.06 -3.35
N TRP B 189 12.13 0.33 -3.15
CA TRP B 189 11.80 1.68 -2.65
C TRP B 189 10.93 1.73 -1.47
N GLU B 190 10.57 0.61 -0.92
CA GLU B 190 9.74 0.61 0.24
C GLU B 190 10.02 -0.66 0.92
N ALA B 191 9.54 -0.73 2.13
CA ALA B 191 9.69 -1.86 2.96
C ALA B 191 8.84 -2.95 2.42
N ASP B 192 9.36 -4.16 2.45
CA ASP B 192 8.59 -5.28 1.94
C ASP B 192 7.70 -5.84 3.04
N GLU B 193 6.38 -5.85 2.83
CA GLU B 193 5.40 -6.34 3.81
C GLU B 193 5.02 -7.80 3.70
N SER B 194 5.61 -8.53 2.78
CA SER B 194 5.33 -9.95 2.61
C SER B 194 6.06 -10.89 3.54
N VAL B 195 7.04 -10.42 4.30
CA VAL B 195 7.76 -11.27 5.22
C VAL B 195 7.24 -11.28 6.63
N TYR B 196 7.01 -12.48 7.15
CA TYR B 196 6.58 -12.69 8.48
C TYR B 196 7.86 -12.98 9.18
N TRP B 197 8.22 -12.12 10.10
CA TRP B 197 9.44 -12.23 10.84
C TRP B 197 9.15 -12.83 12.20
N GLY B 198 7.89 -13.14 12.44
CA GLY B 198 7.42 -13.67 13.68
C GLY B 198 6.30 -12.84 14.19
N ALA B 199 5.69 -13.29 15.27
CA ALA B 199 4.57 -12.62 15.90
C ALA B 199 4.86 -11.87 17.19
N GLU B 200 6.02 -12.05 17.78
CA GLU B 200 6.37 -11.40 19.02
C GLU B 200 6.31 -9.91 19.01
N THR B 201 5.86 -9.35 20.11
CA THR B 201 5.72 -7.91 20.18
C THR B 201 6.80 -7.18 20.94
N THR B 202 7.88 -7.83 21.29
CA THR B 202 8.92 -7.08 21.95
C THR B 202 10.15 -7.62 21.34
N TRP B 203 11.14 -6.75 21.12
CA TRP B 203 12.40 -7.11 20.51
C TRP B 203 13.13 -8.15 21.26
N LEU B 204 13.73 -9.07 20.54
CA LEU B 204 14.44 -10.21 21.07
C LEU B 204 13.52 -11.25 21.65
N GLY B 205 12.23 -11.01 21.60
CA GLY B 205 11.29 -11.95 22.12
C GLY B 205 11.34 -13.25 21.34
N ASN B 206 11.00 -14.34 21.97
CA ASN B 206 11.06 -15.59 21.27
C ASN B 206 10.04 -16.61 21.73
N GLU B 207 9.18 -16.16 22.59
CA GLU B 207 8.17 -16.95 23.24
C GLU B 207 7.21 -17.64 22.34
N ASP B 208 6.87 -16.98 21.27
CA ASP B 208 5.94 -17.50 20.33
C ASP B 208 6.49 -18.49 19.29
N ARG B 209 7.74 -18.36 18.90
CA ARG B 209 8.32 -19.20 17.89
C ARG B 209 8.81 -20.50 18.43
N TYR B 210 8.65 -20.68 19.72
CA TYR B 210 9.05 -21.88 20.36
C TYR B 210 7.90 -22.56 21.04
N SER B 211 7.94 -23.86 21.09
CA SER B 211 6.82 -24.63 21.51
C SER B 211 7.20 -26.05 21.24
N ASP B 234 11.26 -24.64 27.69
CA ASP B 234 12.36 -24.40 26.77
C ASP B 234 13.56 -25.13 27.34
N ILE B 235 14.56 -25.37 26.52
CA ILE B 235 15.77 -26.02 27.01
C ILE B 235 16.64 -26.43 25.83
N HIS B 236 16.82 -27.73 25.70
CA HIS B 236 17.61 -28.29 24.63
C HIS B 236 16.59 -28.95 23.70
N ASN B 237 15.30 -28.98 24.07
CA ASN B 237 14.29 -29.63 23.23
C ASN B 237 13.12 -28.82 22.64
N ARG B 238 13.28 -27.53 22.36
CA ARG B 238 12.19 -26.77 21.76
C ARG B 238 12.30 -26.70 20.24
N ASP B 239 11.14 -26.68 19.60
CA ASP B 239 11.01 -26.65 18.16
C ASP B 239 10.74 -25.26 17.62
N LEU B 240 11.50 -24.81 16.62
CA LEU B 240 11.35 -23.49 16.03
C LEU B 240 10.29 -23.46 14.94
N GLN B 241 9.41 -22.47 15.01
CA GLN B 241 8.30 -22.31 14.07
C GLN B 241 8.65 -21.93 12.65
N SER B 242 8.02 -22.58 11.68
CA SER B 242 8.22 -22.33 10.28
C SER B 242 7.41 -21.14 9.94
N PRO B 243 7.82 -20.27 9.04
CA PRO B 243 9.04 -20.37 8.23
C PRO B 243 10.26 -19.68 8.85
N LEU B 244 10.28 -19.43 10.14
CA LEU B 244 11.39 -18.76 10.77
C LEU B 244 12.78 -19.43 10.76
N ALA B 245 13.81 -18.61 10.65
CA ALA B 245 15.18 -19.10 10.63
C ALA B 245 16.01 -18.37 11.63
N SER B 246 15.39 -17.93 12.69
CA SER B 246 16.07 -17.19 13.71
C SER B 246 15.43 -17.47 15.05
N SER B 247 16.24 -17.55 16.10
CA SER B 247 15.74 -17.84 17.42
C SER B 247 15.20 -16.68 18.23
N HIS B 248 15.38 -15.48 17.73
CA HIS B 248 14.85 -14.30 18.39
C HIS B 248 14.38 -13.30 17.38
N MET B 249 13.37 -12.51 17.72
CA MET B 249 12.91 -11.43 16.86
C MET B 249 13.94 -10.31 16.87
N GLY B 250 14.34 -9.87 15.69
CA GLY B 250 15.38 -8.89 15.54
C GLY B 250 16.79 -9.42 15.43
N LEU B 251 16.94 -10.73 15.34
CA LEU B 251 18.22 -11.37 15.22
C LEU B 251 18.39 -12.09 13.89
N ILE B 252 19.62 -12.17 13.41
CA ILE B 252 19.93 -12.79 12.15
C ILE B 252 19.80 -14.28 12.25
N TYR B 253 20.54 -14.91 13.15
CA TYR B 253 20.39 -16.36 13.34
C TYR B 253 20.17 -16.75 14.82
N VAL B 254 21.17 -16.60 15.75
CA VAL B 254 21.22 -17.16 17.10
C VAL B 254 21.62 -16.09 18.10
N ASN B 255 21.40 -16.33 19.37
CA ASN B 255 21.79 -15.44 20.43
C ASN B 255 23.26 -15.65 20.65
N PRO B 256 24.08 -14.55 20.56
CA PRO B 256 25.51 -14.83 20.72
C PRO B 256 25.99 -15.12 22.14
N GLU B 257 25.13 -15.02 23.12
CA GLU B 257 25.48 -15.31 24.47
C GLU B 257 25.03 -16.68 24.77
N GLY B 258 24.06 -17.16 24.02
CA GLY B 258 23.50 -18.48 24.22
C GLY B 258 21.98 -18.45 24.29
N PRO B 259 21.35 -19.62 24.24
CA PRO B 259 19.88 -19.68 24.18
C PRO B 259 19.24 -19.00 25.37
N ASP B 260 18.47 -17.99 25.10
CA ASP B 260 17.87 -17.24 26.14
C ASP B 260 18.89 -16.58 27.03
N GLY B 261 20.09 -16.41 26.50
CA GLY B 261 21.15 -15.72 27.22
C GLY B 261 21.99 -16.60 28.13
N ILE B 262 21.75 -17.90 28.08
CA ILE B 262 22.45 -18.88 28.85
C ILE B 262 23.63 -19.39 28.09
N PRO B 263 24.83 -19.11 28.68
CA PRO B 263 26.00 -19.57 27.93
C PRO B 263 26.29 -21.05 27.93
N ASP B 264 25.45 -21.82 27.27
CA ASP B 264 25.60 -23.29 27.17
C ASP B 264 26.01 -23.52 25.74
N PRO B 265 27.36 -23.76 25.52
CA PRO B 265 27.69 -23.95 24.12
C PRO B 265 27.26 -25.19 23.42
N VAL B 266 26.78 -26.25 24.05
CA VAL B 266 26.33 -27.37 23.28
C VAL B 266 24.89 -27.09 22.89
N ALA B 267 24.07 -26.56 23.80
CA ALA B 267 22.72 -26.14 23.52
C ALA B 267 22.69 -25.08 22.41
N SER B 268 23.70 -24.23 22.42
CA SER B 268 23.93 -23.19 21.44
C SER B 268 24.20 -23.78 20.07
N ALA B 269 25.04 -24.79 19.97
CA ALA B 269 25.36 -25.40 18.72
C ALA B 269 24.15 -26.02 18.04
N LYS B 270 23.13 -26.33 18.82
CA LYS B 270 21.95 -26.91 18.27
C LYS B 270 21.06 -25.87 17.61
N ASP B 271 20.99 -24.67 18.13
CA ASP B 271 20.37 -23.53 17.50
C ASP B 271 21.05 -23.19 16.19
N ILE B 272 22.36 -23.21 16.17
CA ILE B 272 23.10 -22.83 14.97
C ILE B 272 22.78 -23.80 13.82
N ARG B 273 22.69 -25.08 14.13
CA ARG B 273 22.49 -26.07 13.09
C ARG B 273 21.11 -25.91 12.43
N VAL B 274 20.16 -25.61 13.26
CA VAL B 274 18.83 -25.41 12.83
C VAL B 274 18.73 -24.12 12.00
N THR B 275 19.17 -23.00 12.54
CA THR B 275 19.06 -21.72 11.88
C THR B 275 19.86 -21.63 10.61
N PHE B 276 21.06 -22.16 10.62
CA PHE B 276 21.84 -22.23 9.39
C PHE B 276 21.25 -23.25 8.42
N GLY B 277 20.58 -24.28 8.94
CA GLY B 277 19.88 -25.20 8.05
C GLY B 277 18.76 -24.53 7.31
N ARG B 278 17.99 -23.70 7.99
CA ARG B 278 16.90 -22.97 7.38
C ARG B 278 17.35 -21.84 6.49
N MET B 279 18.64 -21.59 6.45
CA MET B 279 19.26 -20.60 5.56
C MET B 279 20.09 -21.30 4.50
N ALA B 280 19.88 -22.59 4.40
CA ALA B 280 20.46 -23.46 3.44
C ALA B 280 21.92 -23.80 3.57
N MET B 281 22.42 -23.84 4.80
CA MET B 281 23.80 -24.14 5.00
C MET B 281 23.97 -25.36 5.82
N ASN B 282 24.87 -26.23 5.44
CA ASN B 282 25.16 -27.44 6.14
C ASN B 282 26.24 -27.26 7.18
N ASP B 283 26.68 -28.32 7.79
CA ASP B 283 27.71 -28.29 8.79
C ASP B 283 29.03 -27.76 8.34
N GLU B 284 29.53 -28.24 7.23
CA GLU B 284 30.81 -27.78 6.73
C GLU B 284 30.81 -26.30 6.30
N GLU B 285 29.69 -25.81 5.78
CA GLU B 285 29.53 -24.44 5.36
C GLU B 285 29.25 -23.55 6.51
N THR B 286 28.64 -24.06 7.54
CA THR B 286 28.40 -23.24 8.73
C THR B 286 29.70 -22.95 9.46
N VAL B 287 30.55 -23.96 9.60
CA VAL B 287 31.82 -23.78 10.28
C VAL B 287 32.70 -22.82 9.49
N ALA B 288 32.73 -22.97 8.15
CA ALA B 288 33.55 -22.09 7.33
C ALA B 288 33.06 -20.63 7.41
N LEU B 289 31.75 -20.43 7.53
CA LEU B 289 31.22 -19.06 7.57
C LEU B 289 31.57 -18.34 8.87
N ILE B 290 31.27 -18.95 9.98
CA ILE B 290 31.53 -18.36 11.25
C ILE B 290 32.99 -18.13 11.55
N ALA B 291 33.86 -19.03 11.12
CA ALA B 291 35.27 -18.97 11.35
C ALA B 291 35.98 -18.03 10.44
N GLY B 292 35.60 -18.10 9.19
CA GLY B 292 36.15 -17.19 8.24
C GLY B 292 35.69 -15.79 8.44
N GLY B 293 34.51 -15.66 9.03
CA GLY B 293 33.93 -14.38 9.34
C GLY B 293 34.49 -13.77 10.62
N HIS B 294 34.43 -14.49 11.75
CA HIS B 294 34.96 -13.96 13.00
C HIS B 294 36.50 -14.05 12.98
N SER B 295 37.02 -14.17 11.78
CA SER B 295 38.45 -14.16 11.46
C SER B 295 38.89 -12.73 11.35
N PHE B 296 37.93 -11.88 11.26
CA PHE B 296 38.20 -10.46 11.12
C PHE B 296 37.39 -9.62 12.09
N GLY B 297 37.90 -8.46 12.42
CA GLY B 297 37.24 -7.52 13.28
C GLY B 297 37.11 -7.69 14.78
N LYS B 298 36.01 -7.15 15.31
CA LYS B 298 35.75 -7.23 16.75
C LYS B 298 34.29 -6.93 17.05
N THR B 299 33.93 -7.00 18.32
CA THR B 299 32.57 -6.73 18.73
C THR B 299 32.72 -5.44 19.45
N HIS B 300 31.63 -4.87 19.89
CA HIS B 300 31.66 -3.62 20.56
C HIS B 300 30.76 -3.60 21.75
N GLY B 301 31.35 -3.45 22.92
CA GLY B 301 30.59 -3.36 24.15
C GLY B 301 31.39 -2.69 25.22
N ALA B 302 31.92 -1.53 24.91
CA ALA B 302 32.75 -0.78 25.81
C ALA B 302 32.20 -0.34 27.17
N GLY B 303 30.90 -0.16 27.29
CA GLY B 303 30.27 0.24 28.51
C GLY B 303 28.88 -0.30 28.57
N PRO B 304 28.10 0.09 29.65
CA PRO B 304 26.72 -0.45 29.68
C PRO B 304 25.76 -0.09 28.53
N THR B 305 24.76 -0.90 28.25
CA THR B 305 23.93 -0.63 27.08
C THR B 305 22.84 0.40 27.34
N HIS B 306 22.62 0.85 28.57
CA HIS B 306 21.62 1.84 28.84
C HIS B 306 22.03 3.15 28.25
N HIS B 307 23.30 3.23 27.92
CA HIS B 307 23.89 4.43 27.32
C HIS B 307 23.58 4.62 25.89
N VAL B 308 22.96 3.62 25.34
CA VAL B 308 22.63 3.67 23.92
C VAL B 308 21.16 4.03 23.72
N GLY B 309 20.90 4.96 22.80
CA GLY B 309 19.59 5.54 22.59
C GLY B 309 18.69 4.84 21.58
N LYS B 310 17.79 5.58 20.97
CA LYS B 310 16.86 5.07 19.99
C LYS B 310 17.37 4.53 18.67
N GLU B 311 16.71 3.52 18.20
CA GLU B 311 17.00 2.90 16.92
C GLU B 311 16.62 3.88 15.82
N PRO B 312 17.12 3.73 14.61
CA PRO B 312 16.94 4.79 13.59
C PRO B 312 15.50 5.21 13.33
N GLU B 313 14.57 4.28 13.29
CA GLU B 313 13.16 4.56 13.05
C GLU B 313 12.45 5.26 14.21
N ALA B 314 13.07 5.36 15.38
CA ALA B 314 12.55 6.11 16.50
C ALA B 314 13.46 7.24 16.91
N ALA B 315 14.58 7.42 16.22
CA ALA B 315 15.60 8.40 16.58
C ALA B 315 15.17 9.80 16.18
N PRO B 316 15.71 10.83 16.83
CA PRO B 316 15.29 12.19 16.50
C PRO B 316 15.63 12.54 15.06
N ILE B 317 14.81 13.41 14.48
CA ILE B 317 14.96 13.82 13.11
C ILE B 317 16.31 14.46 12.81
N GLU B 318 16.90 15.17 13.75
CA GLU B 318 18.18 15.77 13.47
C GLU B 318 19.31 14.74 13.32
N HIS B 319 19.08 13.51 13.71
CA HIS B 319 20.07 12.47 13.56
C HIS B 319 20.17 11.95 12.17
N GLN B 320 19.25 12.37 11.33
CA GLN B 320 19.32 12.11 9.90
C GLN B 320 19.49 10.64 9.57
N GLY B 321 18.65 9.81 10.18
CA GLY B 321 18.59 8.40 9.82
C GLY B 321 19.56 7.49 10.56
N LEU B 322 20.46 8.06 11.37
CA LEU B 322 21.31 7.28 12.25
C LEU B 322 20.68 7.15 13.62
N GLY B 323 20.76 5.96 14.20
CA GLY B 323 20.21 5.76 15.54
C GLY B 323 21.26 5.23 16.49
N TRP B 324 20.84 4.80 17.68
CA TRP B 324 21.75 4.21 18.67
C TRP B 324 22.82 5.22 19.10
N ALA B 325 22.40 6.48 19.26
CA ALA B 325 23.25 7.50 19.85
C ALA B 325 23.72 6.99 21.22
N ASN B 326 25.05 6.98 21.40
CA ASN B 326 25.73 6.43 22.56
C ASN B 326 26.29 7.51 23.49
N SER B 327 25.84 7.53 24.74
CA SER B 327 26.29 8.55 25.67
C SER B 327 27.51 8.13 26.48
N PHE B 328 27.98 6.92 26.27
CA PHE B 328 29.15 6.45 26.94
C PHE B 328 30.39 6.89 26.22
N GLY B 329 31.22 7.69 26.88
CA GLY B 329 32.48 8.17 26.35
C GLY B 329 32.40 9.00 25.10
N GLN B 330 33.16 8.62 24.10
CA GLN B 330 33.16 9.25 22.79
C GLN B 330 31.97 8.73 22.00
N GLY B 331 31.47 7.56 22.37
CA GLY B 331 30.34 6.99 21.72
C GLY B 331 30.66 6.44 20.36
N LYS B 332 31.93 6.37 20.07
CA LYS B 332 32.38 5.89 18.82
C LYS B 332 33.78 5.44 19.05
N GLY B 333 34.42 4.89 18.05
CA GLY B 333 35.76 4.41 18.13
C GLY B 333 35.97 3.40 19.20
N PRO B 334 36.90 3.71 20.17
CA PRO B 334 37.01 2.74 21.26
C PRO B 334 35.87 2.69 22.26
N ASP B 335 35.06 3.73 22.41
CA ASP B 335 33.95 3.71 23.35
C ASP B 335 32.68 3.24 22.71
N THR B 336 32.87 2.58 21.62
CA THR B 336 31.73 2.13 20.85
C THR B 336 30.96 1.03 21.56
N ILE B 337 29.64 1.06 21.38
CA ILE B 337 28.72 0.04 21.89
C ILE B 337 27.72 -0.37 20.82
N THR B 338 27.87 -1.59 20.30
CA THR B 338 27.03 -2.22 19.26
C THR B 338 26.21 -3.35 19.88
N SER B 339 26.84 -4.47 20.14
CA SER B 339 26.19 -5.60 20.75
C SER B 339 26.28 -5.67 22.25
N GLY B 340 27.30 -5.10 22.83
CA GLY B 340 27.49 -5.17 24.25
C GLY B 340 28.51 -6.21 24.64
N LEU B 341 29.12 -6.82 23.66
CA LEU B 341 30.10 -7.81 23.87
C LEU B 341 31.46 -7.28 23.51
N GLU B 342 32.50 -7.52 24.25
CA GLU B 342 33.80 -7.01 23.82
C GLU B 342 34.77 -8.12 23.42
N VAL B 343 34.68 -8.55 22.18
CA VAL B 343 35.50 -9.65 21.71
C VAL B 343 36.28 -9.37 20.45
N THR B 344 37.55 -9.65 20.48
CA THR B 344 38.39 -9.58 19.32
C THR B 344 38.93 -11.01 19.19
N TRP B 345 38.72 -11.66 18.07
CA TRP B 345 39.14 -13.02 17.87
C TRP B 345 40.57 -13.35 17.44
N THR B 346 41.21 -12.53 16.64
CA THR B 346 42.48 -12.95 16.10
C THR B 346 43.58 -11.95 16.41
N PRO B 347 44.80 -12.40 16.29
CA PRO B 347 45.97 -11.60 16.48
C PRO B 347 46.16 -10.65 15.32
N THR B 348 45.48 -10.91 14.23
CA THR B 348 45.49 -10.03 13.10
C THR B 348 44.09 -9.76 12.56
N PRO B 349 43.33 -8.87 13.21
CA PRO B 349 41.99 -8.63 12.68
C PRO B 349 41.78 -8.07 11.29
N THR B 350 42.77 -7.43 10.69
CA THR B 350 42.64 -6.82 9.37
C THR B 350 43.43 -7.57 8.35
N LYS B 351 43.78 -8.81 8.63
CA LYS B 351 44.56 -9.67 7.71
C LYS B 351 44.11 -11.13 7.73
N TRP B 352 43.98 -11.80 6.60
CA TRP B 352 43.56 -13.20 6.58
C TRP B 352 44.55 -14.23 7.07
N GLY B 353 44.03 -15.19 7.75
CA GLY B 353 44.84 -16.28 8.29
C GLY B 353 44.09 -17.32 9.09
N MET B 354 44.80 -18.05 9.93
CA MET B 354 44.17 -19.13 10.71
C MET B 354 44.08 -18.92 12.20
N GLY B 355 44.14 -17.65 12.60
CA GLY B 355 44.05 -17.30 13.98
C GLY B 355 42.83 -17.74 14.72
N TYR B 356 41.68 -17.77 14.08
CA TYR B 356 40.46 -18.13 14.77
C TYR B 356 40.43 -19.56 15.18
N LEU B 357 40.68 -20.45 14.26
CA LEU B 357 40.65 -21.84 14.56
C LEU B 357 41.81 -22.22 15.39
N GLU B 358 42.91 -21.52 15.24
CA GLU B 358 44.05 -21.80 16.05
C GLU B 358 43.87 -21.43 17.53
N TYR B 359 43.38 -20.25 17.80
CA TYR B 359 43.20 -19.80 19.18
C TYR B 359 42.08 -20.56 19.88
N LEU B 360 41.05 -20.90 19.13
CA LEU B 360 39.93 -21.60 19.65
C LEU B 360 40.41 -22.96 20.08
N TYR B 361 41.36 -23.53 19.40
CA TYR B 361 41.76 -24.87 19.77
C TYR B 361 42.96 -24.98 20.66
N LYS B 362 43.69 -23.91 20.85
CA LYS B 362 44.83 -23.89 21.70
C LYS B 362 44.65 -23.42 23.14
N PHE B 363 43.61 -22.66 23.46
CA PHE B 363 43.35 -22.25 24.81
C PHE B 363 42.18 -22.96 25.42
N ASP B 364 42.06 -22.89 26.75
CA ASP B 364 40.94 -23.47 27.45
C ASP B 364 40.14 -22.21 27.72
N TRP B 365 38.81 -22.24 27.67
CA TRP B 365 38.15 -20.99 27.89
C TRP B 365 37.26 -20.94 29.06
N GLU B 366 37.19 -19.78 29.68
CA GLU B 366 36.33 -19.61 30.80
C GLU B 366 35.33 -18.50 30.67
N PRO B 367 34.08 -18.81 31.14
CA PRO B 367 33.10 -17.74 31.04
C PRO B 367 33.40 -16.50 31.82
N THR B 368 32.95 -15.39 31.29
CA THR B 368 33.15 -14.15 31.89
C THR B 368 32.11 -13.19 31.42
N LYS B 369 32.20 -11.96 31.85
CA LYS B 369 31.24 -10.97 31.43
C LYS B 369 31.90 -9.81 30.76
N SER B 370 31.12 -9.09 29.99
CA SER B 370 31.64 -7.94 29.25
C SER B 370 31.39 -6.66 30.04
N PRO B 371 32.05 -5.57 29.64
CA PRO B 371 31.81 -4.29 30.33
C PRO B 371 30.35 -3.86 30.32
N ALA B 372 29.51 -4.55 29.57
CA ALA B 372 28.10 -4.31 29.54
C ALA B 372 27.29 -5.41 30.20
N GLY B 373 27.94 -6.42 30.74
CA GLY B 373 27.27 -7.51 31.40
C GLY B 373 26.92 -8.69 30.55
N ALA B 374 27.46 -8.73 29.36
CA ALA B 374 27.18 -9.78 28.45
C ALA B 374 28.02 -11.03 28.60
N ASN B 375 27.43 -12.19 28.38
CA ASN B 375 28.16 -13.44 28.50
C ASN B 375 29.12 -13.76 27.40
N GLN B 376 30.37 -13.91 27.77
CA GLN B 376 31.39 -14.25 26.87
C GLN B 376 32.42 -15.13 27.53
N TRP B 377 33.50 -15.34 26.84
CA TRP B 377 34.58 -16.22 27.20
C TRP B 377 35.95 -15.61 27.08
N VAL B 378 36.90 -16.06 27.87
CA VAL B 378 38.24 -15.53 27.81
C VAL B 378 39.20 -16.69 27.99
N ALA B 379 40.42 -16.50 27.55
CA ALA B 379 41.43 -17.53 27.62
C ALA B 379 42.18 -17.51 28.93
N LYS B 380 42.46 -18.71 29.44
CA LYS B 380 43.18 -18.86 30.70
C LYS B 380 44.67 -19.10 30.46
N ASN B 381 45.50 -18.53 31.32
CA ASN B 381 46.95 -18.67 31.20
C ASN B 381 47.46 -18.33 29.80
N ALA B 382 47.26 -17.07 29.40
CA ALA B 382 47.69 -16.62 28.09
C ALA B 382 48.01 -15.13 28.10
N GLU B 383 49.17 -14.77 27.55
CA GLU B 383 49.58 -13.37 27.49
C GLU B 383 48.85 -12.62 26.39
N PRO B 384 48.76 -11.30 26.54
CA PRO B 384 48.08 -10.46 25.56
C PRO B 384 48.76 -10.36 24.23
N THR B 385 48.18 -11.03 23.25
CA THR B 385 48.65 -11.14 21.89
C THR B 385 47.73 -10.51 20.92
N ILE B 386 46.58 -10.06 21.34
CA ILE B 386 45.70 -9.42 20.39
C ILE B 386 45.72 -7.88 20.40
N PRO B 387 45.92 -7.28 19.17
CA PRO B 387 45.95 -5.81 19.18
C PRO B 387 44.71 -5.00 19.45
N ASP B 388 44.98 -3.86 20.06
CA ASP B 388 44.00 -2.87 20.42
C ASP B 388 43.73 -2.20 19.14
N ALA B 389 42.45 -1.90 18.93
CA ALA B 389 41.95 -1.21 17.75
C ALA B 389 42.40 0.24 17.60
N TYR B 390 42.78 0.89 18.68
CA TYR B 390 43.22 2.26 18.64
C TYR B 390 44.61 2.50 19.16
N ASP B 391 45.09 1.64 20.05
CA ASP B 391 46.41 1.79 20.60
C ASP B 391 47.43 0.79 20.08
N PRO B 392 48.42 1.32 19.29
CA PRO B 392 49.41 0.34 18.83
C PRO B 392 50.40 -0.18 19.87
N ASN B 393 50.31 0.28 21.11
CA ASN B 393 51.19 -0.16 22.13
C ASN B 393 50.54 -1.11 23.08
N LYS B 394 49.29 -1.48 22.83
CA LYS B 394 48.57 -2.38 23.69
C LYS B 394 48.14 -3.68 23.00
N LYS B 395 47.95 -4.73 23.77
CA LYS B 395 47.52 -5.97 23.21
C LYS B 395 46.59 -6.59 24.20
N LYS B 396 45.72 -7.49 23.75
CA LYS B 396 44.77 -8.07 24.66
C LYS B 396 44.64 -9.59 24.64
N LEU B 397 44.05 -10.08 25.73
CA LEU B 397 43.79 -11.45 25.96
C LEU B 397 42.74 -12.00 25.02
N PRO B 398 42.99 -13.28 24.57
CA PRO B 398 41.96 -13.81 23.66
C PRO B 398 40.57 -13.96 24.24
N THR B 399 39.57 -13.60 23.46
CA THR B 399 38.20 -13.69 23.88
C THR B 399 37.42 -14.40 22.82
N MET B 400 36.29 -14.96 23.19
CA MET B 400 35.45 -15.62 22.21
C MET B 400 34.01 -15.52 22.61
N LEU B 401 33.13 -15.94 21.72
CA LEU B 401 31.68 -15.94 21.95
C LEU B 401 31.19 -17.37 22.19
N THR B 402 30.10 -17.49 22.95
CA THR B 402 29.45 -18.78 23.22
C THR B 402 29.21 -19.53 21.91
N THR B 403 28.80 -18.80 20.87
CA THR B 403 28.47 -19.41 19.59
C THR B 403 29.73 -19.93 18.88
N ASP B 404 30.83 -19.33 19.21
CA ASP B 404 32.12 -19.70 18.69
C ASP B 404 32.60 -20.97 19.39
N ILE B 405 32.60 -20.93 20.68
CA ILE B 405 32.97 -22.04 21.46
C ILE B 405 32.12 -23.26 21.10
N ALA B 406 30.90 -23.01 20.69
CA ALA B 406 30.00 -24.09 20.31
C ALA B 406 30.51 -24.88 19.16
N LEU B 407 31.38 -24.29 18.36
CA LEU B 407 31.87 -24.94 17.20
C LEU B 407 32.91 -25.98 17.50
N ARG B 408 33.46 -25.88 18.70
CA ARG B 408 34.47 -26.78 19.15
C ARG B 408 33.91 -27.81 20.10
N MET B 409 32.75 -27.53 20.65
CA MET B 409 32.11 -28.39 21.58
C MET B 409 31.08 -29.34 21.08
N ASP B 410 30.53 -29.12 19.90
CA ASP B 410 29.54 -29.95 19.36
C ASP B 410 30.36 -31.01 18.68
N PRO B 411 29.98 -32.26 18.80
CA PRO B 411 30.86 -33.24 18.15
C PRO B 411 30.92 -33.15 16.66
N ALA B 412 29.88 -32.71 15.99
CA ALA B 412 30.02 -32.64 14.53
C ALA B 412 30.89 -31.43 14.16
N TYR B 413 30.65 -30.29 14.79
CA TYR B 413 31.42 -29.09 14.46
C TYR B 413 32.89 -29.26 14.84
N ASP B 414 33.18 -29.96 15.92
CA ASP B 414 34.56 -30.18 16.31
C ASP B 414 35.35 -30.86 15.21
N LYS B 415 34.80 -31.93 14.69
CA LYS B 415 35.40 -32.73 13.68
C LYS B 415 35.73 -31.96 12.43
N ILE B 416 34.84 -31.06 12.02
CA ILE B 416 35.00 -30.19 10.88
C ILE B 416 36.06 -29.11 11.11
N CYS B 417 36.10 -28.54 12.30
CA CYS B 417 37.05 -27.52 12.69
C CYS B 417 38.43 -28.08 12.68
N ARG B 418 38.60 -29.31 13.07
CA ARG B 418 39.90 -29.96 13.07
C ARG B 418 40.38 -30.32 11.68
N ASP B 419 39.49 -30.56 10.78
CA ASP B 419 39.79 -30.80 9.42
C ASP B 419 40.29 -29.52 8.73
N TYR B 420 39.75 -28.38 9.10
CA TYR B 420 40.13 -27.11 8.59
C TYR B 420 41.48 -26.69 9.15
N LEU B 421 41.77 -26.95 10.43
CA LEU B 421 43.10 -26.76 10.99
C LEU B 421 44.11 -27.66 10.27
N ALA B 422 43.71 -28.88 9.94
CA ALA B 422 44.61 -29.83 9.29
C ALA B 422 44.91 -29.45 7.84
N ASN B 423 44.05 -28.68 7.19
CA ASN B 423 44.30 -28.28 5.82
C ASN B 423 43.86 -26.85 5.68
N PRO B 424 44.77 -25.89 5.87
CA PRO B 424 44.28 -24.54 5.76
C PRO B 424 43.71 -24.11 4.42
N ASP B 425 44.08 -24.76 3.35
CA ASP B 425 43.64 -24.45 1.99
C ASP B 425 42.24 -24.89 1.70
N LYS B 426 41.82 -26.00 2.30
CA LYS B 426 40.49 -26.50 2.15
C LYS B 426 39.51 -25.57 2.84
N PHE B 427 40.00 -24.90 3.88
CA PHE B 427 39.28 -23.90 4.66
C PHE B 427 39.13 -22.60 3.88
N ALA B 428 40.22 -22.07 3.35
CA ALA B 428 40.12 -20.85 2.55
C ALA B 428 39.15 -21.04 1.37
N ASP B 429 39.10 -22.23 0.81
CA ASP B 429 38.27 -22.53 -0.29
C ASP B 429 36.82 -22.75 0.04
N ALA B 430 36.58 -23.37 1.16
CA ALA B 430 35.23 -23.58 1.64
C ALA B 430 34.50 -22.33 2.06
N PHE B 431 35.21 -21.43 2.70
CA PHE B 431 34.73 -20.15 3.10
C PHE B 431 34.46 -19.29 1.86
N ALA B 432 35.36 -19.26 0.88
CA ALA B 432 35.10 -18.44 -0.30
C ALA B 432 33.79 -18.84 -0.97
N ARG B 433 33.59 -20.14 -1.02
CA ARG B 433 32.48 -20.82 -1.63
C ARG B 433 31.20 -20.68 -0.88
N ALA B 434 31.32 -20.63 0.43
CA ALA B 434 30.19 -20.45 1.23
C ALA B 434 29.82 -19.00 1.29
N TRP B 435 30.79 -18.13 1.17
CA TRP B 435 30.54 -16.72 1.14
C TRP B 435 29.86 -16.35 -0.15
N PHE B 436 30.26 -16.98 -1.25
CA PHE B 436 29.66 -16.76 -2.53
C PHE B 436 28.25 -17.22 -2.50
N LYS B 437 27.99 -18.31 -1.88
CA LYS B 437 26.68 -18.81 -1.76
C LYS B 437 25.82 -17.91 -0.92
N LEU B 438 26.39 -17.40 0.15
CA LEU B 438 25.64 -16.54 1.02
C LEU B 438 25.12 -15.31 0.25
N LEU B 439 25.95 -14.64 -0.51
CA LEU B 439 25.53 -13.46 -1.20
C LEU B 439 24.70 -13.64 -2.43
N HIS B 440 24.59 -14.85 -2.93
CA HIS B 440 23.86 -15.14 -4.17
C HIS B 440 22.84 -16.21 -4.15
N ARG B 441 22.36 -16.58 -3.02
CA ARG B 441 21.45 -17.71 -2.93
C ARG B 441 20.03 -17.31 -3.19
N ASP B 442 19.73 -16.04 -3.16
CA ASP B 442 18.43 -15.60 -3.48
C ASP B 442 18.38 -14.87 -4.82
N MET B 443 19.41 -15.06 -5.62
CA MET B 443 19.51 -14.41 -6.89
C MET B 443 18.88 -15.11 -8.07
N GLY B 444 18.71 -16.39 -7.96
CA GLY B 444 18.05 -17.18 -8.94
C GLY B 444 18.99 -17.83 -9.93
N PRO B 445 18.47 -18.01 -11.11
CA PRO B 445 19.19 -18.65 -12.19
C PRO B 445 20.33 -17.78 -12.67
N ARG B 446 21.43 -18.45 -13.01
CA ARG B 446 22.64 -17.79 -13.47
C ARG B 446 22.31 -16.80 -14.58
N THR B 447 21.12 -16.93 -15.15
CA THR B 447 20.76 -16.02 -16.20
C THR B 447 20.53 -14.61 -15.74
N ARG B 448 20.42 -14.40 -14.44
CA ARG B 448 20.25 -13.08 -13.90
C ARG B 448 21.55 -12.57 -13.34
N TRP B 449 22.63 -13.33 -13.47
CA TRP B 449 23.91 -12.96 -12.93
C TRP B 449 24.74 -12.14 -13.91
N ILE B 450 25.13 -10.95 -13.48
CA ILE B 450 25.87 -10.04 -14.29
C ILE B 450 27.22 -9.62 -13.75
N GLY B 451 28.13 -9.34 -14.65
CA GLY B 451 29.43 -8.89 -14.29
C GLY B 451 30.62 -9.74 -14.59
N PRO B 452 31.81 -9.09 -14.38
CA PRO B 452 33.01 -9.85 -14.72
C PRO B 452 33.54 -10.85 -13.73
N GLU B 453 33.10 -10.82 -12.51
CA GLU B 453 33.56 -11.76 -11.56
C GLU B 453 32.60 -12.88 -11.44
N VAL B 454 31.77 -13.06 -12.44
CA VAL B 454 30.88 -14.16 -12.34
C VAL B 454 31.62 -15.46 -12.61
N PRO B 455 31.41 -16.46 -11.80
CA PRO B 455 32.11 -17.72 -11.94
C PRO B 455 31.67 -18.62 -13.06
N SER B 456 32.64 -19.27 -13.65
CA SER B 456 32.39 -20.13 -14.77
C SER B 456 31.92 -21.45 -14.31
N GLU B 457 32.28 -21.81 -13.12
CA GLU B 457 31.93 -23.07 -12.55
C GLU B 457 30.54 -23.18 -12.07
N ILE B 458 29.86 -24.26 -12.39
CA ILE B 458 28.53 -24.44 -11.93
C ILE B 458 28.56 -24.87 -10.47
N LEU B 459 27.73 -24.28 -9.63
CA LEU B 459 27.67 -24.68 -8.25
C LEU B 459 26.63 -25.66 -7.92
N PRO B 460 26.85 -26.47 -6.83
CA PRO B 460 25.82 -27.46 -6.56
C PRO B 460 24.46 -27.03 -6.05
N TRP B 461 24.35 -25.83 -5.54
CA TRP B 461 23.14 -25.27 -5.01
C TRP B 461 22.43 -24.42 -6.00
N GLU B 462 22.98 -24.37 -7.18
CA GLU B 462 22.46 -23.52 -8.23
C GLU B 462 21.13 -23.81 -8.94
N ASP B 463 20.75 -25.07 -9.08
CA ASP B 463 19.54 -25.42 -9.80
C ASP B 463 19.77 -25.08 -11.25
N TYR B 464 20.86 -25.58 -11.76
CA TYR B 464 21.34 -25.30 -13.05
C TYR B 464 20.54 -25.98 -14.16
N ILE B 465 20.32 -25.18 -15.16
CA ILE B 465 19.66 -25.63 -16.32
C ILE B 465 20.66 -25.35 -17.43
N PRO B 466 20.91 -26.34 -18.23
CA PRO B 466 21.82 -26.25 -19.34
C PRO B 466 21.36 -25.32 -20.42
N PRO B 467 22.25 -24.40 -20.94
CA PRO B 467 21.71 -23.57 -22.01
C PRO B 467 21.29 -24.37 -23.22
N VAL B 468 20.50 -23.80 -24.09
CA VAL B 468 20.05 -24.45 -25.28
C VAL B 468 21.16 -24.49 -26.30
N ASP B 469 21.39 -25.66 -26.87
CA ASP B 469 22.41 -25.80 -27.88
C ASP B 469 21.91 -26.45 -29.16
N TYR B 470 20.71 -26.15 -29.59
CA TYR B 470 20.18 -26.74 -30.81
C TYR B 470 19.24 -25.77 -31.38
N GLN B 471 18.75 -26.03 -32.58
CA GLN B 471 17.81 -25.13 -33.23
C GLN B 471 16.47 -25.14 -32.52
N ILE B 472 16.02 -23.97 -32.07
CA ILE B 472 14.76 -23.90 -31.37
C ILE B 472 13.66 -24.20 -32.36
N ILE B 473 12.51 -24.64 -31.89
CA ILE B 473 11.41 -24.94 -32.77
C ILE B 473 10.75 -23.69 -33.29
N ASP B 474 10.22 -23.76 -34.49
CA ASP B 474 9.58 -22.62 -35.10
C ASP B 474 8.06 -22.62 -35.05
N ASP B 475 7.46 -21.58 -35.56
CA ASP B 475 6.04 -21.44 -35.57
C ASP B 475 5.32 -22.62 -36.19
N ASN B 476 6.03 -23.32 -37.05
CA ASN B 476 5.56 -24.48 -37.77
C ASN B 476 5.62 -25.77 -37.00
N ASP B 477 6.65 -25.98 -36.20
CA ASP B 477 6.78 -27.11 -35.36
C ASP B 477 5.86 -26.90 -34.21
N ILE B 478 5.66 -25.65 -33.84
CA ILE B 478 4.78 -25.30 -32.75
C ILE B 478 3.36 -25.65 -33.10
N ALA B 479 2.90 -25.27 -34.27
CA ALA B 479 1.55 -25.58 -34.68
C ALA B 479 1.43 -27.03 -34.84
N ALA B 480 2.46 -27.64 -35.37
CA ALA B 480 2.42 -29.05 -35.59
C ALA B 480 2.52 -29.80 -34.31
N LEU B 481 3.30 -29.32 -33.37
CA LEU B 481 3.44 -30.00 -32.11
C LEU B 481 2.17 -29.90 -31.27
N LYS B 482 1.46 -28.78 -31.28
CA LYS B 482 0.22 -28.68 -30.54
C LYS B 482 -0.71 -29.80 -30.91
N LYS B 483 -0.91 -29.90 -32.21
CA LYS B 483 -1.73 -30.87 -32.87
C LYS B 483 -1.38 -32.26 -32.47
N GLU B 484 -0.12 -32.57 -32.55
CA GLU B 484 0.33 -33.87 -32.19
C GLU B 484 0.21 -34.23 -30.72
N ILE B 485 0.13 -33.22 -29.87
CA ILE B 485 0.04 -33.47 -28.45
C ILE B 485 -1.38 -33.79 -28.11
N LEU B 486 -2.27 -32.96 -28.60
CA LEU B 486 -3.67 -33.10 -28.32
C LEU B 486 -4.19 -34.38 -28.84
N ALA B 487 -3.55 -34.83 -29.90
CA ALA B 487 -3.89 -36.04 -30.57
C ALA B 487 -3.30 -37.26 -29.93
N THR B 488 -2.96 -37.13 -28.65
CA THR B 488 -2.40 -38.25 -27.90
C THR B 488 -3.53 -38.92 -27.14
N GLY B 489 -4.66 -38.20 -27.04
CA GLY B 489 -5.82 -38.68 -26.37
C GLY B 489 -5.81 -38.42 -24.92
N VAL B 490 -4.89 -37.58 -24.53
CA VAL B 490 -4.74 -37.23 -23.15
C VAL B 490 -5.79 -36.16 -22.88
N ALA B 491 -6.51 -36.36 -21.81
CA ALA B 491 -7.54 -35.47 -21.41
C ALA B 491 -6.99 -34.10 -21.30
N PRO B 492 -7.68 -33.15 -22.00
CA PRO B 492 -7.10 -31.82 -21.95
C PRO B 492 -7.06 -31.18 -20.59
N LYS B 493 -7.72 -31.74 -19.59
CA LYS B 493 -7.70 -31.17 -18.29
C LYS B 493 -6.42 -31.51 -17.64
N LYS B 494 -5.87 -32.61 -18.07
CA LYS B 494 -4.60 -33.08 -17.60
C LYS B 494 -3.44 -32.35 -18.14
N LEU B 495 -3.57 -31.89 -19.32
CA LEU B 495 -2.58 -31.14 -19.99
C LEU B 495 -2.44 -29.78 -19.38
N ILE B 496 -3.55 -29.23 -18.93
CA ILE B 496 -3.58 -27.92 -18.34
C ILE B 496 -3.11 -28.02 -16.92
N PHE B 497 -3.55 -29.02 -16.20
CA PHE B 497 -3.18 -29.19 -14.83
C PHE B 497 -1.70 -29.35 -14.64
N VAL B 498 -1.13 -30.08 -15.53
CA VAL B 498 0.26 -30.38 -15.41
C VAL B 498 1.12 -29.20 -15.85
N ALA B 499 0.66 -28.43 -16.80
CA ALA B 499 1.37 -27.27 -17.22
C ALA B 499 1.24 -26.31 -16.08
N TRP B 500 0.06 -26.18 -15.48
CA TRP B 500 0.01 -25.26 -14.34
C TRP B 500 0.85 -25.79 -13.19
N SER B 501 0.83 -27.10 -12.94
CA SER B 501 1.68 -27.65 -11.88
C SER B 501 3.14 -27.36 -12.14
N SER B 502 3.54 -27.36 -13.40
CA SER B 502 4.92 -27.11 -13.68
C SER B 502 5.34 -25.70 -13.41
N ALA B 503 4.47 -24.77 -13.73
CA ALA B 503 4.77 -23.38 -13.58
C ALA B 503 4.53 -22.78 -12.21
N SER B 504 3.38 -23.03 -11.64
CA SER B 504 3.06 -22.44 -10.38
C SER B 504 4.05 -22.80 -9.29
N SER B 505 5.13 -23.48 -9.64
CA SER B 505 6.12 -23.89 -8.69
C SER B 505 7.17 -22.85 -8.44
N PHE B 506 7.13 -21.78 -9.21
CA PHE B 506 7.99 -20.68 -9.02
C PHE B 506 7.64 -19.81 -7.82
N ARG B 507 8.62 -19.24 -7.13
CA ARG B 507 8.39 -18.34 -6.03
C ARG B 507 9.34 -17.21 -6.29
N GLY B 508 8.83 -16.01 -6.40
CA GLY B 508 9.61 -14.89 -6.78
C GLY B 508 10.47 -14.20 -5.81
N SER B 509 10.41 -14.64 -4.58
CA SER B 509 11.22 -14.13 -3.53
C SER B 509 12.65 -14.57 -3.73
N ASP B 510 12.75 -15.83 -4.05
CA ASP B 510 13.93 -16.60 -4.26
C ASP B 510 14.30 -16.69 -5.68
N LYS B 511 13.28 -16.77 -6.51
CA LYS B 511 13.38 -16.92 -7.94
C LYS B 511 13.80 -18.32 -8.38
N ARG B 512 13.36 -19.27 -7.60
CA ARG B 512 13.48 -20.71 -7.76
C ARG B 512 12.17 -21.32 -8.21
N GLY B 513 12.19 -22.30 -9.12
CA GLY B 513 10.98 -22.99 -9.52
C GLY B 513 10.59 -22.69 -10.95
N GLY B 514 9.44 -23.20 -11.32
CA GLY B 514 8.85 -22.84 -12.59
C GLY B 514 9.06 -23.90 -13.65
N ALA B 515 8.50 -23.61 -14.81
CA ALA B 515 8.39 -24.61 -15.86
C ALA B 515 9.76 -24.94 -16.47
N ASN B 516 10.68 -24.00 -16.60
CA ASN B 516 11.96 -24.24 -17.17
C ASN B 516 12.73 -25.27 -16.40
N GLY B 517 13.38 -26.14 -17.13
CA GLY B 517 14.03 -27.26 -16.53
C GLY B 517 13.18 -28.51 -16.42
N ALA B 518 11.88 -28.38 -16.40
CA ALA B 518 10.94 -29.51 -16.34
C ALA B 518 11.29 -30.44 -15.20
N ARG B 519 11.47 -29.92 -14.00
CA ARG B 519 11.77 -30.76 -12.84
C ARG B 519 10.57 -31.34 -12.17
N ILE B 520 9.40 -31.12 -12.70
CA ILE B 520 8.22 -31.71 -12.20
C ILE B 520 8.38 -33.17 -12.51
N ARG B 521 9.23 -33.51 -13.48
CA ARG B 521 9.50 -34.89 -13.85
C ARG B 521 10.48 -35.56 -12.93
N LEU B 522 11.22 -34.76 -12.19
CA LEU B 522 12.16 -35.33 -11.26
C LEU B 522 11.68 -35.31 -9.82
N ALA B 523 12.49 -35.82 -8.93
CA ALA B 523 12.18 -35.80 -7.52
C ALA B 523 12.64 -34.44 -6.92
N PRO B 524 11.95 -33.86 -5.88
CA PRO B 524 10.82 -34.57 -5.38
C PRO B 524 9.47 -34.23 -5.92
N GLN B 525 9.34 -33.39 -6.93
CA GLN B 525 8.06 -32.94 -7.46
C GLN B 525 7.15 -33.98 -8.05
N ASN B 526 7.70 -35.05 -8.55
CA ASN B 526 6.89 -36.14 -8.93
C ASN B 526 6.23 -36.96 -7.84
N GLU B 527 6.42 -36.76 -6.58
CA GLU B 527 5.61 -37.57 -5.76
C GLU B 527 4.82 -36.63 -4.97
N TRP B 528 4.83 -35.37 -5.36
CA TRP B 528 4.10 -34.41 -4.58
C TRP B 528 2.64 -34.75 -4.76
N LYS B 529 1.92 -34.80 -3.69
CA LYS B 529 0.52 -35.14 -3.76
C LYS B 529 -0.28 -34.14 -4.55
N VAL B 530 0.08 -32.88 -4.39
CA VAL B 530 -0.58 -31.79 -5.05
C VAL B 530 -0.45 -31.90 -6.54
N ASN B 531 0.53 -32.66 -6.95
CA ASN B 531 0.84 -32.82 -8.34
C ASN B 531 0.22 -33.99 -9.00
N ASP B 532 -0.52 -34.78 -8.24
CA ASP B 532 -1.22 -35.92 -8.73
C ASP B 532 -0.28 -36.77 -9.53
N PRO B 533 0.53 -37.54 -8.84
CA PRO B 533 1.49 -38.34 -9.61
C PRO B 533 1.04 -39.38 -10.62
N SER B 534 -0.09 -40.03 -10.50
CA SER B 534 -0.52 -40.97 -11.51
C SER B 534 -0.82 -40.23 -12.79
N THR B 535 -1.45 -39.09 -12.68
CA THR B 535 -1.77 -38.30 -13.84
C THR B 535 -0.54 -37.72 -14.44
N LEU B 536 0.30 -37.27 -13.55
CA LEU B 536 1.46 -36.59 -13.98
C LEU B 536 2.29 -37.46 -14.87
N ARG B 537 2.25 -38.73 -14.61
CA ARG B 537 2.98 -39.72 -15.33
C ARG B 537 2.40 -40.05 -16.66
N GLU B 538 1.08 -40.06 -16.74
CA GLU B 538 0.39 -40.32 -17.98
C GLU B 538 0.71 -39.22 -18.90
N VAL B 539 0.76 -38.00 -18.39
CA VAL B 539 1.05 -36.84 -19.18
C VAL B 539 2.52 -36.81 -19.59
N LEU B 540 3.37 -37.29 -18.73
CA LEU B 540 4.78 -37.33 -19.04
C LEU B 540 5.10 -38.39 -20.08
N ALA B 541 4.42 -39.51 -20.05
CA ALA B 541 4.60 -40.55 -21.02
C ALA B 541 4.20 -40.05 -22.40
N ALA B 542 3.10 -39.36 -22.46
CA ALA B 542 2.63 -38.83 -23.69
C ALA B 542 3.55 -37.79 -24.28
N LEU B 543 4.07 -36.88 -23.47
CA LEU B 543 4.92 -35.84 -23.96
C LEU B 543 6.25 -36.34 -24.36
N GLU B 544 6.72 -37.38 -23.69
CA GLU B 544 7.97 -38.04 -24.00
C GLU B 544 7.90 -38.64 -25.40
N SER B 545 6.86 -39.44 -25.69
CA SER B 545 6.71 -40.01 -27.01
C SER B 545 6.67 -38.99 -28.09
N VAL B 546 6.13 -37.83 -27.79
CA VAL B 546 6.00 -36.82 -28.78
C VAL B 546 7.37 -36.25 -29.02
N GLN B 547 8.13 -36.18 -27.95
CA GLN B 547 9.46 -35.65 -27.94
C GLN B 547 10.45 -36.43 -28.74
N GLN B 548 10.34 -37.75 -28.71
CA GLN B 548 11.28 -38.56 -29.44
C GLN B 548 11.02 -38.48 -30.92
N LYS B 549 9.77 -38.55 -31.33
CA LYS B 549 9.47 -38.47 -32.73
C LYS B 549 9.90 -37.20 -33.37
N PHE B 550 10.01 -36.12 -32.63
CA PHE B 550 10.48 -34.85 -33.17
C PHE B 550 11.97 -34.79 -33.27
N ASN B 551 12.64 -34.92 -32.14
CA ASN B 551 14.10 -34.96 -32.10
C ASN B 551 14.67 -36.09 -32.94
N ASP B 552 13.83 -37.09 -33.23
CA ASP B 552 14.25 -38.23 -34.02
C ASP B 552 14.25 -37.91 -35.51
N SER B 553 13.39 -36.97 -35.90
CA SER B 553 13.29 -36.57 -37.30
C SER B 553 14.59 -35.92 -37.78
N SER B 554 15.67 -36.21 -37.09
CA SER B 554 16.98 -35.64 -37.44
C SER B 554 16.94 -34.12 -37.45
N SER B 555 17.90 -33.51 -38.14
CA SER B 555 17.98 -32.06 -38.23
C SER B 555 18.53 -31.46 -36.93
N GLY B 556 18.97 -30.20 -37.02
CA GLY B 556 19.51 -29.51 -35.86
C GLY B 556 18.43 -28.89 -35.00
N LYS B 557 17.20 -29.33 -35.19
CA LYS B 557 16.08 -28.81 -34.43
C LYS B 557 15.62 -29.82 -33.37
N LYS B 558 15.43 -29.34 -32.14
CA LYS B 558 15.01 -30.19 -31.07
C LYS B 558 14.11 -29.48 -30.15
N VAL B 559 13.40 -30.26 -29.38
CA VAL B 559 12.49 -29.72 -28.42
C VAL B 559 12.67 -30.40 -27.07
N SER B 560 12.61 -29.63 -26.02
CA SER B 560 12.74 -30.17 -24.70
C SER B 560 11.39 -30.52 -24.18
N LEU B 561 11.42 -31.17 -23.06
CA LEU B 561 10.25 -31.62 -22.42
C LEU B 561 9.60 -30.53 -21.66
N ALA B 562 10.35 -29.55 -21.22
CA ALA B 562 9.85 -28.44 -20.50
C ALA B 562 9.02 -27.62 -21.41
N ASP B 563 9.45 -27.50 -22.64
CA ASP B 563 8.70 -26.76 -23.63
C ASP B 563 7.43 -27.47 -24.09
N LEU B 564 7.44 -28.77 -24.15
CA LEU B 564 6.29 -29.61 -24.49
C LEU B 564 5.21 -29.54 -23.42
N ILE B 565 5.62 -29.54 -22.16
CA ILE B 565 4.66 -29.50 -21.07
C ILE B 565 3.87 -28.19 -21.11
N VAL B 566 4.56 -27.08 -21.30
CA VAL B 566 3.88 -25.80 -21.45
C VAL B 566 3.02 -25.80 -22.70
N LEU B 567 3.56 -26.29 -23.79
CA LEU B 567 2.89 -26.33 -25.06
C LEU B 567 1.61 -27.13 -25.06
N GLY B 568 1.52 -28.16 -24.26
CA GLY B 568 0.29 -28.91 -24.05
C GLY B 568 -0.79 -28.06 -23.42
N GLY B 569 -0.43 -27.32 -22.38
CA GLY B 569 -1.37 -26.38 -21.79
C GLY B 569 -1.90 -25.38 -22.82
N VAL B 570 -0.97 -24.79 -23.57
CA VAL B 570 -1.22 -23.83 -24.61
C VAL B 570 -2.21 -24.37 -25.67
N ALA B 571 -1.97 -25.55 -26.20
CA ALA B 571 -2.81 -26.25 -27.15
C ALA B 571 -4.21 -26.45 -26.58
N ALA B 572 -4.27 -27.06 -25.41
CA ALA B 572 -5.50 -27.34 -24.73
C ALA B 572 -6.27 -26.10 -24.25
N LEU B 573 -5.55 -25.02 -24.02
CA LEU B 573 -6.18 -23.83 -23.57
C LEU B 573 -6.77 -23.18 -24.76
N GLU B 574 -6.12 -23.24 -25.90
CA GLU B 574 -6.62 -22.62 -27.09
C GLU B 574 -7.86 -23.31 -27.53
N GLN B 575 -7.91 -24.60 -27.33
CA GLN B 575 -9.04 -25.41 -27.66
C GLN B 575 -10.22 -25.02 -26.85
N ALA B 576 -9.99 -24.63 -25.62
CA ALA B 576 -11.01 -24.28 -24.68
C ALA B 576 -11.54 -22.86 -24.72
N SER B 577 -10.79 -21.95 -25.29
CA SER B 577 -11.18 -20.57 -25.35
C SER B 577 -11.45 -20.06 -26.73
N GLY B 578 -10.81 -20.65 -27.71
CA GLY B 578 -10.94 -20.22 -29.05
C GLY B 578 -10.08 -19.01 -29.27
N LEU B 579 -9.19 -18.71 -28.34
CA LEU B 579 -8.35 -17.58 -28.47
C LEU B 579 -6.97 -18.04 -28.70
N VAL B 580 -6.19 -17.23 -29.38
CA VAL B 580 -4.84 -17.52 -29.67
C VAL B 580 -4.10 -17.22 -28.40
N VAL B 581 -3.49 -18.26 -27.92
CA VAL B 581 -2.74 -18.17 -26.67
C VAL B 581 -1.27 -18.03 -27.01
N PRO B 582 -0.60 -16.94 -26.55
CA PRO B 582 0.82 -16.78 -26.83
C PRO B 582 1.62 -17.96 -26.28
N PHE B 583 2.86 -18.12 -26.76
CA PHE B 583 3.77 -19.19 -26.31
C PHE B 583 5.19 -18.87 -26.71
N THR B 584 6.08 -18.94 -25.76
CA THR B 584 7.48 -18.66 -26.03
C THR B 584 8.33 -19.91 -25.84
N PRO B 585 9.03 -20.36 -26.85
CA PRO B 585 9.87 -21.53 -26.69
C PRO B 585 11.23 -21.18 -26.19
N GLY B 586 12.03 -22.18 -25.86
CA GLY B 586 13.36 -21.98 -25.35
C GLY B 586 13.77 -22.63 -24.03
N ARG B 587 12.86 -23.30 -23.36
CA ARG B 587 13.21 -23.95 -22.12
C ARG B 587 14.10 -25.11 -22.43
N ASN B 588 14.84 -25.55 -21.46
CA ASN B 588 15.69 -26.65 -21.64
C ASN B 588 15.40 -27.57 -20.53
N ASP B 589 15.72 -28.83 -20.71
CA ASP B 589 15.51 -29.86 -19.71
C ASP B 589 16.58 -29.88 -18.67
N ALA B 590 16.23 -30.21 -17.48
CA ALA B 590 17.22 -30.25 -16.43
C ALA B 590 17.42 -31.67 -15.93
N THR B 591 18.60 -31.92 -15.36
CA THR B 591 18.94 -33.27 -14.90
C THR B 591 18.83 -33.38 -13.39
N GLN B 592 18.78 -34.60 -12.90
CA GLN B 592 18.55 -34.80 -11.46
C GLN B 592 19.75 -34.35 -10.64
N GLU B 593 20.91 -34.39 -11.21
CA GLU B 593 22.06 -34.00 -10.49
C GLU B 593 21.97 -32.55 -10.09
N HIS B 594 21.28 -31.76 -10.85
CA HIS B 594 21.20 -30.38 -10.52
C HIS B 594 19.91 -30.00 -9.85
N THR B 595 19.33 -31.00 -9.27
CA THR B 595 18.08 -30.91 -8.58
C THR B 595 18.17 -31.50 -7.18
N ASP B 596 18.66 -30.74 -6.23
CA ASP B 596 18.75 -31.27 -4.88
C ASP B 596 17.39 -31.56 -4.25
N VAL B 597 17.14 -32.80 -3.94
CA VAL B 597 15.88 -33.18 -3.37
C VAL B 597 15.54 -32.48 -2.09
N HIS B 598 16.52 -32.23 -1.27
CA HIS B 598 16.30 -31.55 -0.04
C HIS B 598 15.91 -30.08 -0.19
N SER B 599 16.54 -29.42 -1.15
CA SER B 599 16.34 -28.05 -1.50
C SER B 599 14.96 -27.76 -1.87
N PHE B 600 14.43 -28.60 -2.72
CA PHE B 600 13.12 -28.48 -3.27
C PHE B 600 12.05 -29.01 -2.38
N THR B 601 12.40 -29.45 -1.21
CA THR B 601 11.48 -29.97 -0.24
C THR B 601 10.64 -28.83 0.31
N HIS B 602 11.25 -27.66 0.35
CA HIS B 602 10.65 -26.43 0.84
C HIS B 602 9.68 -25.79 -0.09
N LEU B 603 9.62 -26.26 -1.31
CA LEU B 603 8.76 -25.64 -2.27
C LEU B 603 7.44 -26.28 -2.40
N GLU B 604 7.24 -27.37 -1.71
CA GLU B 604 5.99 -28.07 -1.70
C GLU B 604 5.00 -27.30 -0.87
N PRO B 605 3.83 -27.03 -1.41
CA PRO B 605 2.89 -26.23 -0.63
C PRO B 605 2.19 -27.02 0.45
N HIS B 606 1.76 -26.30 1.48
CA HIS B 606 0.99 -26.86 2.53
C HIS B 606 -0.43 -26.79 2.06
N ALA B 607 -0.75 -25.72 1.34
CA ALA B 607 -2.07 -25.50 0.79
C ALA B 607 -1.98 -24.74 -0.49
N ASP B 608 -2.66 -25.18 -1.52
CA ASP B 608 -2.62 -24.55 -2.80
C ASP B 608 -3.98 -24.33 -3.35
N GLY B 609 -4.50 -23.15 -3.15
CA GLY B 609 -5.80 -22.78 -3.60
C GLY B 609 -6.07 -22.77 -5.06
N PHE B 610 -5.07 -22.58 -5.89
CA PHE B 610 -5.25 -22.59 -7.30
C PHE B 610 -5.67 -23.99 -7.72
N ARG B 611 -5.32 -24.98 -6.93
CA ARG B 611 -5.60 -26.38 -7.18
C ARG B 611 -6.52 -27.09 -6.17
N SER B 612 -7.15 -26.34 -5.28
CA SER B 612 -8.01 -26.84 -4.22
C SER B 612 -7.37 -27.84 -3.29
N TYR B 613 -6.16 -27.57 -2.92
CA TYR B 613 -5.40 -28.47 -2.13
C TYR B 613 -5.06 -27.93 -0.78
N GLY B 614 -5.13 -28.78 0.22
CA GLY B 614 -4.80 -28.38 1.55
C GLY B 614 -5.88 -27.57 2.22
N LYS B 615 -5.65 -27.30 3.48
CA LYS B 615 -6.59 -26.55 4.23
C LYS B 615 -5.82 -25.73 5.18
N GLY B 616 -6.50 -24.87 5.87
CA GLY B 616 -5.78 -23.99 6.75
C GLY B 616 -5.30 -24.60 8.06
N THR B 617 -4.60 -23.78 8.83
CA THR B 617 -4.12 -24.21 10.11
C THR B 617 -4.78 -23.38 11.16
N LYS B 618 -4.34 -23.54 12.38
CA LYS B 618 -4.93 -22.85 13.48
C LYS B 618 -4.47 -21.45 13.51
N ARG B 619 -3.37 -21.16 12.85
CA ARG B 619 -2.86 -19.82 12.77
C ARG B 619 -3.11 -19.12 11.41
N VAL B 620 -3.29 -19.88 10.34
CA VAL B 620 -3.51 -19.34 9.01
C VAL B 620 -4.68 -19.98 8.31
N ARG B 621 -5.58 -19.16 7.78
CA ARG B 621 -6.74 -19.63 7.07
C ARG B 621 -6.38 -19.97 5.64
N THR B 622 -7.16 -20.87 5.05
CA THR B 622 -6.97 -21.27 3.66
C THR B 622 -6.75 -20.07 2.76
N GLU B 623 -7.57 -19.04 2.90
CA GLU B 623 -7.50 -17.89 1.99
C GLU B 623 -6.26 -17.05 2.22
N GLN B 624 -5.67 -17.20 3.38
CA GLN B 624 -4.43 -16.55 3.69
C GLN B 624 -3.29 -17.25 2.97
N PHE B 625 -3.37 -18.55 2.77
CA PHE B 625 -2.36 -19.29 2.06
C PHE B 625 -2.38 -18.98 0.58
N LEU B 626 -3.53 -18.64 0.02
CA LEU B 626 -3.69 -18.33 -1.36
C LEU B 626 -3.15 -16.96 -1.70
N ILE B 627 -3.31 -16.02 -0.79
CA ILE B 627 -2.83 -14.68 -1.02
C ILE B 627 -1.32 -14.70 -0.93
N ASP B 628 -0.80 -15.52 -0.04
CA ASP B 628 0.64 -15.69 0.07
C ASP B 628 1.23 -16.34 -1.18
N ARG B 629 0.54 -17.33 -1.72
CA ARG B 629 1.03 -17.98 -2.94
C ARG B 629 0.91 -17.04 -4.15
N ALA B 630 -0.09 -16.17 -4.16
CA ALA B 630 -0.20 -15.24 -5.28
C ALA B 630 0.96 -14.25 -5.26
N SER B 631 1.33 -13.79 -4.08
CA SER B 631 2.50 -12.94 -3.90
C SER B 631 3.76 -13.61 -4.45
N LEU B 632 3.96 -14.87 -4.08
CA LEU B 632 5.13 -15.61 -4.56
C LEU B 632 5.14 -15.70 -6.08
N LEU B 633 3.98 -15.77 -6.71
CA LEU B 633 3.96 -15.80 -8.16
C LEU B 633 3.89 -14.43 -8.80
N THR B 634 4.05 -13.37 -8.01
CA THR B 634 4.07 -11.98 -8.46
C THR B 634 2.75 -11.52 -9.06
N LEU B 635 1.64 -12.13 -8.69
CA LEU B 635 0.35 -11.84 -9.32
C LEU B 635 -0.32 -10.63 -8.65
N SER B 636 -0.99 -9.83 -9.43
CA SER B 636 -1.73 -8.76 -8.87
C SER B 636 -3.06 -9.31 -8.41
N ALA B 637 -3.87 -8.54 -7.73
CA ALA B 637 -5.21 -8.93 -7.32
C ALA B 637 -6.11 -9.32 -8.51
N PRO B 638 -6.21 -8.51 -9.56
CA PRO B 638 -7.02 -8.97 -10.72
C PRO B 638 -6.47 -10.21 -11.39
N GLU B 639 -5.18 -10.34 -11.48
CA GLU B 639 -4.56 -11.52 -12.04
C GLU B 639 -4.90 -12.74 -11.20
N LEU B 640 -4.82 -12.60 -9.91
CA LEU B 640 -5.21 -13.70 -9.04
C LEU B 640 -6.68 -14.10 -9.29
N THR B 641 -7.56 -13.12 -9.43
CA THR B 641 -8.97 -13.38 -9.60
C THR B 641 -9.25 -14.11 -10.92
N ALA B 642 -8.78 -13.56 -12.03
CA ALA B 642 -8.89 -14.22 -13.33
C ALA B 642 -8.41 -15.68 -13.28
N LEU B 643 -7.26 -15.92 -12.66
CA LEU B 643 -6.65 -17.25 -12.72
C LEU B 643 -7.52 -18.30 -12.04
N ILE B 644 -8.10 -17.96 -10.90
CA ILE B 644 -8.95 -18.85 -10.12
C ILE B 644 -10.26 -19.19 -10.85
N GLY B 645 -10.93 -18.21 -11.42
CA GLY B 645 -12.13 -18.46 -12.21
C GLY B 645 -11.85 -19.35 -13.40
N GLY B 646 -10.72 -19.12 -14.07
CA GLY B 646 -10.37 -19.89 -15.25
C GLY B 646 -9.93 -21.30 -14.90
N LEU B 647 -9.06 -21.44 -13.90
CA LEU B 647 -8.56 -22.75 -13.54
C LEU B 647 -9.69 -23.64 -13.02
N ARG B 648 -10.71 -23.02 -12.45
CA ARG B 648 -11.85 -23.74 -11.89
C ARG B 648 -12.74 -24.33 -12.97
N VAL B 649 -13.11 -23.52 -13.96
CA VAL B 649 -13.97 -23.99 -15.02
C VAL B 649 -13.23 -24.96 -15.88
N LEU B 650 -11.94 -24.89 -15.77
CA LEU B 650 -11.05 -25.79 -16.50
C LEU B 650 -10.58 -27.04 -15.79
N GLU B 651 -11.07 -27.30 -14.59
CA GLU B 651 -10.80 -28.47 -13.77
C GLU B 651 -9.39 -28.80 -13.28
N ALA B 652 -8.72 -27.81 -12.74
CA ALA B 652 -7.37 -27.94 -12.25
C ALA B 652 -7.27 -28.28 -10.79
N ASN B 653 -8.23 -29.04 -10.29
CA ASN B 653 -8.26 -29.44 -8.92
C ASN B 653 -7.44 -30.66 -8.83
N TYR B 654 -6.57 -30.72 -7.87
CA TYR B 654 -5.67 -31.79 -7.73
C TYR B 654 -6.21 -33.21 -7.65
N ASP B 655 -7.41 -33.43 -7.12
CA ASP B 655 -7.84 -34.80 -6.95
C ASP B 655 -9.10 -35.08 -7.68
N GLY B 656 -9.49 -34.15 -8.52
CA GLY B 656 -10.67 -34.26 -9.29
C GLY B 656 -11.93 -33.88 -8.60
N SER B 657 -11.84 -33.12 -7.53
CA SER B 657 -13.02 -32.71 -6.83
C SER B 657 -13.74 -31.67 -7.65
N SER B 658 -14.95 -31.37 -7.26
CA SER B 658 -15.74 -30.44 -8.00
C SER B 658 -15.96 -29.16 -7.25
N TYR B 659 -15.10 -28.92 -6.31
CA TYR B 659 -15.15 -27.70 -5.54
C TYR B 659 -14.88 -26.53 -6.44
N GLY B 660 -15.81 -25.60 -6.48
CA GLY B 660 -15.74 -24.37 -7.21
C GLY B 660 -15.91 -24.50 -8.71
N VAL B 661 -16.13 -25.72 -9.22
CA VAL B 661 -16.44 -25.88 -10.64
C VAL B 661 -17.86 -25.40 -10.87
N LEU B 662 -18.04 -24.09 -10.86
CA LEU B 662 -19.36 -23.56 -11.02
C LEU B 662 -19.69 -23.41 -12.47
N THR B 663 -19.67 -24.51 -13.17
CA THR B 663 -19.97 -24.47 -14.55
C THR B 663 -20.63 -25.72 -14.95
N LYS B 664 -21.49 -25.65 -15.96
CA LYS B 664 -22.18 -26.79 -16.47
C LYS B 664 -21.38 -27.31 -17.59
N THR B 665 -20.39 -26.54 -18.01
CA THR B 665 -19.50 -26.93 -19.09
C THR B 665 -18.04 -27.01 -18.71
N PRO B 666 -17.69 -27.95 -17.77
CA PRO B 666 -16.27 -28.01 -17.40
C PRO B 666 -15.37 -28.27 -18.54
N GLY B 667 -14.36 -27.44 -18.76
CA GLY B 667 -13.48 -27.67 -19.87
C GLY B 667 -13.49 -26.60 -20.92
N LYS B 668 -14.42 -25.70 -20.81
CA LYS B 668 -14.49 -24.63 -21.72
C LYS B 668 -14.28 -23.44 -20.87
N LEU B 669 -13.54 -22.51 -21.39
CA LEU B 669 -13.25 -21.33 -20.64
C LEU B 669 -14.25 -20.24 -20.86
N THR B 670 -15.14 -20.10 -19.90
CA THR B 670 -16.17 -19.12 -19.90
C THR B 670 -16.03 -18.37 -18.60
N ASN B 671 -16.93 -17.49 -18.29
CA ASN B 671 -16.90 -16.74 -17.08
C ASN B 671 -17.90 -17.24 -16.13
N ASP B 672 -18.32 -18.47 -16.31
CA ASP B 672 -19.31 -19.12 -15.49
C ASP B 672 -19.01 -19.13 -14.01
N TYR B 673 -17.78 -19.32 -13.62
CA TYR B 673 -17.42 -19.31 -12.23
C TYR B 673 -17.87 -18.06 -11.51
N PHE B 674 -17.59 -16.91 -12.09
CA PHE B 674 -17.95 -15.66 -11.51
C PHE B 674 -19.43 -15.38 -11.55
N VAL B 675 -20.06 -15.68 -12.66
CA VAL B 675 -21.47 -15.46 -12.81
C VAL B 675 -22.22 -16.27 -11.77
N ASN B 676 -21.75 -17.48 -11.51
CA ASN B 676 -22.40 -18.36 -10.57
C ASN B 676 -22.05 -18.16 -9.12
N LEU B 677 -20.96 -17.50 -8.82
CA LEU B 677 -20.60 -17.29 -7.48
C LEU B 677 -21.32 -16.12 -6.95
N LEU B 678 -21.46 -15.11 -7.78
CA LEU B 678 -22.08 -13.91 -7.37
C LEU B 678 -23.56 -13.94 -7.57
N ASP B 679 -24.01 -15.03 -8.19
CA ASP B 679 -25.39 -15.30 -8.41
C ASP B 679 -26.11 -15.26 -7.10
N THR B 680 -26.96 -14.30 -7.08
CA THR B 680 -27.75 -13.89 -5.97
C THR B 680 -28.87 -14.83 -5.49
N ASN B 681 -29.12 -15.90 -6.22
CA ASN B 681 -30.06 -16.87 -5.85
C ASN B 681 -29.43 -18.14 -5.36
N THR B 682 -28.15 -18.15 -4.98
CA THR B 682 -27.54 -19.33 -4.44
C THR B 682 -27.19 -18.91 -3.03
N ALA B 683 -27.23 -19.81 -2.06
CA ALA B 683 -26.89 -19.52 -0.65
C ALA B 683 -25.83 -20.54 -0.28
N TRP B 684 -25.06 -20.33 0.77
CA TRP B 684 -24.02 -21.24 1.10
C TRP B 684 -24.03 -21.60 2.53
N LYS B 685 -24.01 -22.87 2.87
CA LYS B 685 -23.93 -23.24 4.24
C LYS B 685 -22.64 -23.94 4.32
N ALA B 686 -22.10 -24.10 5.50
CA ALA B 686 -20.86 -24.79 5.68
C ALA B 686 -21.32 -26.19 5.64
N ALA B 687 -20.47 -27.09 5.18
CA ALA B 687 -20.82 -28.49 5.12
C ALA B 687 -20.46 -29.28 6.34
N ASP B 688 -19.66 -28.71 7.23
CA ASP B 688 -19.29 -29.41 8.43
C ASP B 688 -18.89 -28.43 9.45
N ASN B 689 -18.10 -28.86 10.41
CA ASN B 689 -17.70 -28.01 11.48
C ASN B 689 -16.39 -27.37 11.27
N GLU B 690 -15.56 -27.97 10.44
CA GLU B 690 -14.23 -27.47 10.19
C GLU B 690 -14.24 -26.13 9.50
N GLY B 691 -15.26 -25.91 8.72
CA GLY B 691 -15.39 -24.65 8.03
C GLY B 691 -14.56 -24.50 6.76
N GLU B 692 -14.31 -25.58 6.03
CA GLU B 692 -13.52 -25.55 4.80
C GLU B 692 -14.25 -25.88 3.53
N VAL B 693 -15.22 -26.76 3.59
CA VAL B 693 -16.03 -27.06 2.40
C VAL B 693 -17.43 -26.53 2.63
N PHE B 694 -18.09 -26.05 1.58
CA PHE B 694 -19.42 -25.50 1.68
C PHE B 694 -20.35 -25.98 0.60
N ILE B 695 -21.63 -25.77 0.81
CA ILE B 695 -22.66 -26.18 -0.15
C ILE B 695 -23.39 -24.96 -0.64
N GLY B 696 -23.45 -24.80 -1.97
CA GLY B 696 -24.30 -23.79 -2.56
C GLY B 696 -25.63 -24.41 -2.91
N TYR B 697 -26.71 -23.76 -2.50
CA TYR B 697 -28.06 -24.25 -2.76
C TYR B 697 -28.96 -23.12 -3.19
N ASP B 698 -30.08 -23.47 -3.81
CA ASP B 698 -31.04 -22.50 -4.26
C ASP B 698 -31.88 -21.95 -3.11
N ARG B 699 -31.99 -20.65 -3.02
CA ARG B 699 -32.75 -20.03 -1.97
C ARG B 699 -34.21 -20.45 -1.95
N LYS B 700 -34.83 -20.34 -3.08
CA LYS B 700 -36.25 -20.66 -3.22
C LYS B 700 -36.51 -22.13 -2.92
N THR B 701 -35.93 -22.96 -3.78
CA THR B 701 -35.98 -24.41 -3.86
C THR B 701 -35.22 -25.18 -2.86
N HIS B 702 -34.04 -24.73 -2.52
CA HIS B 702 -33.21 -25.45 -1.57
C HIS B 702 -32.49 -26.63 -2.13
N ASP B 703 -32.51 -26.74 -3.44
CA ASP B 703 -31.85 -27.80 -4.11
C ASP B 703 -30.40 -27.56 -3.99
N LYS B 704 -29.62 -28.62 -4.02
CA LYS B 704 -28.19 -28.54 -3.92
C LYS B 704 -27.64 -28.22 -5.29
N LYS B 705 -26.75 -27.24 -5.37
CA LYS B 705 -26.18 -26.81 -6.63
C LYS B 705 -24.73 -27.09 -6.82
N TRP B 706 -23.94 -26.68 -5.84
CA TRP B 706 -22.49 -26.78 -5.86
C TRP B 706 -21.83 -27.08 -4.55
N THR B 707 -20.53 -27.27 -4.61
CA THR B 707 -19.66 -27.46 -3.47
C THR B 707 -18.49 -26.52 -3.65
N ALA B 708 -17.97 -25.97 -2.57
CA ALA B 708 -16.87 -25.05 -2.65
C ALA B 708 -16.02 -25.07 -1.44
N THR B 709 -14.86 -24.47 -1.56
CA THR B 709 -13.92 -24.34 -0.47
C THR B 709 -13.83 -22.91 -0.14
N ARG B 710 -12.93 -22.54 0.73
CA ARG B 710 -12.71 -21.19 1.20
C ARG B 710 -11.97 -20.37 0.19
N ALA B 711 -11.26 -21.05 -0.67
CA ALA B 711 -10.51 -20.45 -1.73
C ALA B 711 -11.51 -19.96 -2.77
N ASP B 712 -12.71 -20.49 -2.77
CA ASP B 712 -13.78 -19.99 -3.64
C ASP B 712 -14.54 -18.84 -2.98
N LEU B 713 -15.14 -19.11 -1.82
CA LEU B 713 -16.06 -18.18 -1.23
C LEU B 713 -15.43 -16.83 -0.86
N ILE B 714 -14.13 -16.79 -0.65
CA ILE B 714 -13.51 -15.52 -0.28
C ILE B 714 -13.73 -14.48 -1.37
N PHE B 715 -13.84 -14.92 -2.60
CA PHE B 715 -14.04 -14.05 -3.71
C PHE B 715 -15.41 -13.37 -3.76
N GLY B 716 -16.37 -13.88 -3.04
CA GLY B 716 -17.67 -13.31 -2.97
C GLY B 716 -17.89 -12.69 -1.61
N ALA B 717 -16.97 -12.91 -0.70
CA ALA B 717 -17.01 -12.43 0.67
C ALA B 717 -16.15 -11.21 0.95
N HIS B 718 -14.90 -11.23 0.54
CA HIS B 718 -13.99 -10.10 0.67
C HIS B 718 -14.38 -8.99 -0.29
N ALA B 719 -14.67 -7.81 0.27
CA ALA B 719 -15.18 -6.69 -0.50
C ALA B 719 -14.30 -6.29 -1.69
N GLU B 720 -12.99 -6.33 -1.52
CA GLU B 720 -12.07 -5.95 -2.57
C GLU B 720 -11.91 -6.98 -3.65
N LEU B 721 -11.90 -8.23 -3.28
CA LEU B 721 -11.88 -9.28 -4.30
C LEU B 721 -13.22 -9.34 -5.02
N ARG B 722 -14.31 -9.17 -4.30
CA ARG B 722 -15.63 -9.22 -4.93
C ARG B 722 -15.77 -8.16 -6.02
N ALA B 723 -15.19 -6.98 -5.80
CA ALA B 723 -15.21 -5.95 -6.85
C ALA B 723 -14.51 -6.42 -8.12
N LEU B 724 -13.45 -7.22 -7.96
CA LEU B 724 -12.78 -7.80 -9.12
C LEU B 724 -13.67 -8.81 -9.82
N ALA B 725 -14.21 -9.77 -9.07
CA ALA B 725 -15.14 -10.75 -9.63
C ALA B 725 -16.33 -10.09 -10.33
N GLU B 726 -16.79 -8.93 -9.84
CA GLU B 726 -17.94 -8.27 -10.47
C GLU B 726 -17.59 -7.83 -11.88
N VAL B 727 -16.34 -7.48 -12.13
CA VAL B 727 -15.95 -7.05 -13.48
C VAL B 727 -16.12 -8.21 -14.46
N TYR B 728 -15.68 -9.40 -14.05
CA TYR B 728 -15.72 -10.58 -14.90
C TYR B 728 -17.09 -11.25 -15.00
N ALA B 729 -17.98 -10.98 -14.05
CA ALA B 729 -19.33 -11.56 -14.05
C ALA B 729 -20.35 -10.68 -14.77
N ALA B 730 -19.97 -9.52 -15.25
CA ALA B 730 -20.92 -8.69 -15.97
C ALA B 730 -21.21 -9.27 -17.34
N VAL B 731 -22.41 -8.91 -17.82
CA VAL B 731 -22.94 -9.40 -19.06
C VAL B 731 -21.97 -9.07 -20.16
N ASP B 732 -21.25 -7.99 -19.97
CA ASP B 732 -20.25 -7.56 -20.88
C ASP B 732 -18.83 -8.02 -20.60
N GLY B 733 -18.58 -8.82 -19.58
CA GLY B 733 -17.24 -9.18 -19.21
C GLY B 733 -16.56 -10.45 -19.58
N GLU B 734 -17.23 -11.31 -20.28
CA GLU B 734 -16.63 -12.55 -20.61
C GLU B 734 -15.53 -12.46 -21.58
N GLU B 735 -15.71 -11.68 -22.64
CA GLU B 735 -14.67 -11.52 -23.65
C GLU B 735 -13.42 -10.99 -22.98
N LYS B 736 -13.61 -10.00 -22.13
CA LYS B 736 -12.52 -9.38 -21.38
C LYS B 736 -11.88 -10.40 -20.46
N PHE B 737 -12.68 -11.08 -19.64
CA PHE B 737 -12.13 -12.07 -18.73
C PHE B 737 -11.27 -13.08 -19.43
N LYS B 738 -11.72 -13.57 -20.57
CA LYS B 738 -10.98 -14.55 -21.30
C LYS B 738 -9.64 -14.01 -21.74
N ARG B 739 -9.59 -12.77 -22.14
CA ARG B 739 -8.35 -12.19 -22.49
C ARG B 739 -7.49 -12.09 -21.25
N ASP B 740 -7.99 -11.56 -20.17
CA ASP B 740 -7.19 -11.43 -18.98
C ASP B 740 -6.67 -12.78 -18.51
N PHE B 741 -7.41 -13.86 -18.66
CA PHE B 741 -6.93 -15.13 -18.19
C PHE B 741 -5.81 -15.67 -19.05
N VAL B 742 -5.84 -15.49 -20.37
CA VAL B 742 -4.78 -15.95 -21.21
C VAL B 742 -3.58 -15.07 -21.02
N ALA B 743 -3.77 -13.80 -20.73
CA ALA B 743 -2.61 -12.99 -20.40
C ALA B 743 -1.98 -13.51 -19.10
N ALA B 744 -2.82 -13.69 -18.07
CA ALA B 744 -2.33 -14.13 -16.78
C ALA B 744 -1.72 -15.53 -16.85
N TRP B 745 -2.31 -16.38 -17.69
CA TRP B 745 -1.75 -17.71 -17.91
C TRP B 745 -0.36 -17.63 -18.55
N HIS B 746 -0.19 -16.86 -19.60
CA HIS B 746 1.09 -16.75 -20.25
C HIS B 746 2.10 -16.12 -19.34
N LYS B 747 1.64 -15.25 -18.48
CA LYS B 747 2.56 -14.64 -17.53
C LYS B 747 3.15 -15.69 -16.59
N VAL B 748 2.32 -16.51 -16.01
CA VAL B 748 2.74 -17.55 -15.13
C VAL B 748 3.60 -18.56 -15.83
N MET B 749 3.40 -18.77 -17.11
CA MET B 749 4.20 -19.73 -17.85
C MET B 749 5.64 -19.24 -18.07
N ASN B 750 5.90 -17.95 -17.99
CA ASN B 750 7.24 -17.44 -18.25
C ASN B 750 7.86 -16.77 -17.03
N LEU B 751 7.48 -17.20 -15.84
CA LEU B 751 7.91 -16.52 -14.62
C LEU B 751 9.40 -16.68 -14.38
N ASP B 752 10.03 -17.70 -14.95
CA ASP B 752 11.45 -17.93 -14.69
C ASP B 752 12.31 -17.74 -15.94
N ARG B 753 11.75 -17.21 -16.99
CA ARG B 753 12.50 -17.07 -18.18
C ARG B 753 13.29 -15.82 -18.10
N PHE B 754 14.39 -15.89 -17.39
CA PHE B 754 15.26 -14.77 -17.25
C PHE B 754 16.18 -14.79 -18.48
N ASP B 755 16.36 -15.94 -19.08
CA ASP B 755 17.14 -16.10 -20.25
C ASP B 755 16.58 -15.29 -21.37
N LEU B 756 15.45 -14.67 -21.16
CA LEU B 756 14.87 -13.89 -22.22
C LEU B 756 15.54 -12.57 -22.42
CHA HEM C . -34.13 6.59 8.35
CHB HEM C . -30.98 8.87 11.22
CHC HEM C . -31.37 12.74 8.22
CHD HEM C . -32.94 9.67 4.80
C1A HEM C . -33.27 6.87 9.38
C2A HEM C . -32.98 6.02 10.44
C3A HEM C . -32.09 6.66 11.26
C4A HEM C . -31.82 7.91 10.68
CMA HEM C . -31.51 6.11 12.54
CAA HEM C . -33.56 4.63 10.68
CBA HEM C . -32.55 3.59 10.21
CGA HEM C . -33.22 2.26 10.09
O1A HEM C . -33.45 1.58 11.14
O2A HEM C . -33.56 1.80 8.97
C1B HEM C . -30.87 10.16 10.64
C2B HEM C . -30.22 11.23 11.31
C3B HEM C . -30.29 12.31 10.48
C4B HEM C . -31.07 11.88 9.30
CMB HEM C . -29.54 11.19 12.65
CAB HEM C . -29.86 13.71 10.78
CBB HEM C . -30.27 14.39 11.79
C1C HEM C . -31.70 12.20 6.97
C2C HEM C . -31.52 12.83 5.73
C3C HEM C . -31.96 11.95 4.76
C4C HEM C . -32.41 10.78 5.42
CMC HEM C . -30.94 14.21 5.51
CAC HEM C . -31.97 12.20 3.28
CBC HEM C . -31.88 13.44 2.80
C1D HEM C . -33.48 8.60 5.53
C2D HEM C . -34.25 7.55 4.92
C3D HEM C . -34.59 6.70 5.90
C4D HEM C . -34.01 7.22 7.11
CMD HEM C . -34.63 7.44 3.44
CAD HEM C . -35.43 5.43 5.75
CBD HEM C . -34.53 4.29 5.26
CGD HEM C . -35.36 3.03 5.17
O1D HEM C . -34.80 1.91 5.29
O2D HEM C . -36.57 3.07 4.97
NA HEM C . -32.56 8.01 9.51
NB HEM C . -31.37 10.59 9.47
NC HEM C . -32.24 10.94 6.75
ND HEM C . -33.34 8.35 6.85
FE HEM C . -32.41 9.43 8.12
CHA HEM D . 31.09 -9.67 14.76
CHB HEM D . 27.39 -12.52 16.05
CHC HEM D . 28.67 -15.48 12.36
CHD HEM D . 30.93 -11.69 10.34
C1A HEM D . 30.01 -10.19 15.42
C2A HEM D . 29.42 -9.63 16.56
C3A HEM D . 28.37 -10.42 16.93
C4A HEM D . 28.31 -11.48 16.01
CMA HEM D . 27.47 -10.20 18.11
CAA HEM D . 29.86 -8.37 17.28
CBA HEM D . 28.97 -7.20 16.86
CGA HEM D . 29.62 -5.91 17.27
O1A HEM D . 29.56 -5.54 18.47
O2A HEM D . 30.21 -5.20 16.42
C1B HEM D . 27.50 -13.60 15.14
C2B HEM D . 26.73 -14.79 15.32
C3B HEM D . 27.04 -15.62 14.30
C4B HEM D . 28.08 -14.93 13.51
CMB HEM D . 25.72 -15.07 16.42
CAB HEM D . 26.58 -17.02 14.10
CBB HEM D . 26.76 -17.97 14.96
C1C HEM D . 29.29 -14.66 11.41
C2C HEM D . 29.44 -14.94 10.04
C3C HEM D . 30.09 -13.85 9.48
C4C HEM D . 30.31 -12.90 10.50
CMC HEM D . 28.99 -16.17 9.33
CAC HEM D . 30.47 -13.71 8.05
CBC HEM D . 30.54 -14.76 7.27
C1D HEM D . 31.23 -10.86 11.44
C2D HEM D . 32.10 -9.71 11.34
C3D HEM D . 32.15 -9.15 12.56
C4D HEM D . 31.29 -9.95 13.41
CMD HEM D . 32.84 -9.23 10.09
CAD HEM D . 32.95 -7.92 12.95
CBD HEM D . 32.18 -6.66 12.57
CGD HEM D . 32.94 -5.45 13.02
O1D HEM D . 32.33 -4.38 13.29
O2D HEM D . 34.17 -5.48 13.13
NA HEM D . 29.32 -11.29 15.07
NB HEM D . 28.27 -13.74 14.07
NC HEM D . 29.82 -13.40 11.66
ND HEM D . 30.77 -10.96 12.70
FE HEM D . 29.57 -12.29 13.38
#